data_8URB
#
_entry.id   8URB
#
_cell.length_a   1.00
_cell.length_b   1.00
_cell.length_c   1.00
_cell.angle_alpha   90.00
_cell.angle_beta   90.00
_cell.angle_gamma   90.00
#
_symmetry.space_group_name_H-M   'P 1'
#
loop_
_entity.id
_entity.type
_entity.pdbx_description
1 polymer nsp12
2 polymer nsp8
3 polymer nsp7
4 polymer 'RNA (33-MER)'
5 polymer 'RNA (55-MER)'
6 non-polymer 'ZINC ION'
#
loop_
_entity_poly.entity_id
_entity_poly.type
_entity_poly.pdbx_seq_one_letter_code
_entity_poly.pdbx_strand_id
1 'polypeptide(L)'
;STDMAYLNRVRGSSAARLEPCNGTDTQHVYRAFDIYNKDVACLGKFLKVNCVRLKNLDKHDAFYVVKRCTKSAMEHEQSI
YSRLEKCGAVAEHDFFTWKDGRAIYGNVCRKDLTEYTMMDLCYALRNFDENNCDVLKSILIKVGACEESYFNNKVWFDPV
ENEDIHRVYALLGTIVSRAMLKCVKFCDAMVEQGIVGVVTLDNQDLNGDFYDFGDFTCSIKGMGIPICTSYYSYMMPVMG
MTNCLASECFVKSDIFGEDFKSYDLLEYDFTEHKTALFNKYFKYWGLQYHPNCVDCSDEQCIVHCANFNTLFSTTIPITA
FGPLCRKCWIDGVPLVTTAGYHFKQLGIVWNNDLNLHSSRLSINELLQFCSDPALLIASSPALVDQRTVCFSVAALGTGM
TNQTVKPGHFNKEFYDFLLEQGFFSEGSELTLKHFFFAQKGDAAVKDFDYYRYNRPTVLDICQARVVYQIVQRYFDIYEG
GCITAKEVVVTNLNKSAGYPLNKFGKAGLYYESLSYEEQDELYAYTKRNILPTMTQLNLKYAISGKERARTVGGVSLLST
MTTRQYHQKHLKSIVNTRGASVVIGTTKFYGGWDNMLKNLIDGVENPCLMGWDYPKCDRALPNMIRMISAMILGSKHTTC
CSSTDRFFRLCNELAQVLTEVVYSNGGFYLKPGGTTSGDATTAYANSVFNIFQAVSANVNKLLSVDSNVCHNLEVKQLQR
KLYECCYRSTTVDDQFVVEYYGYLRKHFSMMILSDDGVVCYNNDYASLGYVADLNAFKAVLYYQNNVFMSASKCWIEPDI
NKGPHEFCSQHTMQIVDKDGTYYLPYPDPSRILSAGVFVDDVVKTDAVVLLERYVSLAIDAYPLSKHENPEYKKVFYVLL
DWVKHLYKTLNAGVLESFSVTLLEDSTAKFWDESFYANMYEKSAVLQENLYFQGSWSHPQFEKGGSGSSWSHPQFEK
;
A
2 'polypeptide(L)'
;SVASTYVGLPSYVIYENARQQYEDAVNNGSPPQLVKQLRHAMNVAKSEFDREASTQRKLDRMAEQAAAQMYKEARAVNRK
SKVVSAMHSLLFGMLRRLDMSSVDTILNLAKDGVVPLSVIPAVSATKLNIVTSDIDSYNRIQREGCVHYAGTIWNIIDIK
DNDGKVVHVKEVTAQNAESLSWPLVLGCERIVKLQ
;
B,D
3 'polypeptide(L)'
;SKLTDIKCSNVVLLGCLSSMNVSANSTEWAYCVDLHNKINLCNDPEKAQEMLLALLAFFLSKNSAFGLDDLLESYFNDNS
MLQ
;
C
4 'polyribonucleotide' CAUUCUCCUAAGAAGCUAUUAAAAUCACAGAUU I
5 'polyribonucleotide' CAGUGUCAUGGAAAAACAGAAAAAUCUGUGAUUUUAAUAGCUUCUUAGGAGAAUG J
#
loop_
_chem_comp.id
_chem_comp.type
_chem_comp.name
_chem_comp.formula
A RNA linking ADENOSINE-5'-MONOPHOSPHATE 'C10 H14 N5 O7 P'
C RNA linking CYTIDINE-5'-MONOPHOSPHATE 'C9 H14 N3 O8 P'
G RNA linking GUANOSINE-5'-MONOPHOSPHATE 'C10 H14 N5 O8 P'
U RNA linking URIDINE-5'-MONOPHOSPHATE 'C9 H13 N2 O9 P'
ZN non-polymer 'ZINC ION' 'Zn 2'
#
# COMPACT_ATOMS: atom_id res chain seq x y z
N ASP A 3 40.30 -11.68 52.79
CA ASP A 3 40.07 -10.79 51.60
C ASP A 3 41.21 -10.91 50.60
N MET A 4 42.39 -10.41 50.98
CA MET A 4 43.53 -10.45 50.07
C MET A 4 43.93 -11.88 49.74
N ALA A 5 43.92 -12.77 50.74
CA ALA A 5 44.32 -14.15 50.48
C ALA A 5 43.43 -14.80 49.43
N TYR A 6 42.12 -14.61 49.53
CA TYR A 6 41.22 -15.15 48.51
C TYR A 6 41.48 -14.51 47.15
N LEU A 7 41.73 -13.20 47.11
CA LEU A 7 42.02 -12.53 45.86
C LEU A 7 43.30 -13.04 45.22
N ASN A 8 44.17 -13.70 45.99
CA ASN A 8 45.44 -14.17 45.44
C ASN A 8 45.22 -15.34 44.49
N ARG A 9 44.40 -16.32 44.89
CA ARG A 9 44.25 -17.53 44.10
C ARG A 9 43.38 -17.30 42.87
N VAL A 10 42.36 -16.47 42.98
CA VAL A 10 41.49 -16.20 41.84
C VAL A 10 42.29 -15.63 40.68
N ARG A 11 43.37 -14.90 41.00
CA ARG A 11 44.23 -14.32 39.97
C ARG A 11 44.89 -15.37 39.09
N GLY A 12 44.96 -16.62 39.54
CA GLY A 12 45.53 -17.69 38.74
C GLY A 12 47.04 -17.79 38.92
N SER A 13 47.59 -18.85 38.35
CA SER A 13 49.03 -19.11 38.41
C SER A 13 49.78 -18.58 37.21
N SER A 14 49.10 -17.97 36.24
CA SER A 14 49.76 -17.51 35.02
C SER A 14 49.27 -16.14 34.55
N ALA A 15 48.71 -15.31 35.43
CA ALA A 15 48.18 -14.02 35.02
C ALA A 15 48.25 -13.06 36.20
N ALA A 16 47.82 -11.82 35.94
CA ALA A 16 47.82 -10.79 36.96
C ALA A 16 46.97 -9.62 36.45
N ARG A 17 47.03 -8.49 37.17
CA ARG A 17 46.33 -7.27 36.78
C ARG A 17 44.82 -7.48 36.72
N LEU A 18 44.23 -7.84 37.85
CA LEU A 18 42.78 -7.93 37.99
C LEU A 18 42.30 -6.84 38.92
N GLU A 19 41.37 -6.01 38.43
CA GLU A 19 40.79 -4.94 39.23
C GLU A 19 39.47 -5.39 39.81
N PRO A 20 39.28 -5.42 41.13
CA PRO A 20 38.01 -5.91 41.68
C PRO A 20 36.89 -4.89 41.48
N CYS A 21 35.80 -5.34 40.87
CA CYS A 21 34.64 -4.47 40.67
C CYS A 21 33.86 -4.27 41.96
N ASN A 22 33.79 -5.30 42.81
CA ASN A 22 33.03 -5.22 44.05
C ASN A 22 33.78 -5.83 45.24
N GLY A 23 35.07 -6.12 45.10
CA GLY A 23 35.83 -6.68 46.20
C GLY A 23 35.58 -8.16 46.38
N THR A 24 35.61 -8.63 47.62
CA THR A 24 35.37 -10.04 47.92
C THR A 24 33.90 -10.41 47.88
N ASP A 25 33.01 -9.44 47.87
CA ASP A 25 31.58 -9.71 47.87
C ASP A 25 31.04 -9.80 46.44
N THR A 26 30.01 -10.61 46.26
CA THR A 26 29.40 -10.78 44.95
C THR A 26 28.72 -9.49 44.50
N GLN A 27 28.64 -9.32 43.19
CA GLN A 27 28.03 -8.15 42.58
C GLN A 27 26.66 -8.50 42.02
N HIS A 28 25.66 -7.68 42.33
CA HIS A 28 24.31 -7.89 41.82
C HIS A 28 24.20 -7.29 40.42
N VAL A 29 23.60 -8.04 39.51
CA VAL A 29 23.49 -7.64 38.11
C VAL A 29 22.25 -8.27 37.51
N TYR A 30 21.72 -7.64 36.46
CA TYR A 30 20.57 -8.16 35.73
C TYR A 30 21.04 -8.73 34.40
N ARG A 31 20.74 -10.00 34.17
CA ARG A 31 21.10 -10.68 32.93
C ARG A 31 19.94 -11.52 32.45
N ALA A 32 19.90 -11.76 31.14
CA ALA A 32 18.84 -12.54 30.54
C ALA A 32 19.14 -14.03 30.64
N PHE A 33 18.08 -14.83 30.76
CA PHE A 33 18.20 -16.27 30.93
C PHE A 33 17.12 -16.97 30.14
N ASP A 34 17.39 -18.23 29.78
CA ASP A 34 16.44 -19.12 29.13
C ASP A 34 16.36 -20.38 30.00
N ILE A 35 15.47 -20.34 30.98
CA ILE A 35 15.45 -21.30 32.07
C ILE A 35 14.13 -22.06 32.04
N TYR A 36 14.21 -23.39 32.07
CA TYR A 36 13.06 -24.26 32.24
C TYR A 36 13.33 -25.16 33.43
N ASN A 37 12.41 -25.18 34.39
CA ASN A 37 12.66 -25.82 35.67
C ASN A 37 11.32 -26.21 36.28
N LYS A 38 11.39 -27.01 37.34
CA LYS A 38 10.19 -27.50 38.01
C LYS A 38 9.31 -26.36 38.53
N ASP A 39 9.88 -25.17 38.73
CA ASP A 39 9.14 -24.06 39.32
C ASP A 39 9.02 -22.85 38.41
N VAL A 40 9.78 -22.79 37.31
CA VAL A 40 9.79 -21.62 36.44
C VAL A 40 10.05 -22.07 35.00
N ALA A 41 9.44 -21.35 34.06
CA ALA A 41 9.69 -21.58 32.63
C ALA A 41 9.60 -20.21 31.97
N CYS A 42 10.74 -19.55 31.80
CA CYS A 42 10.75 -18.17 31.35
C CYS A 42 11.88 -17.94 30.35
N LEU A 43 11.75 -16.86 29.59
CA LEU A 43 12.81 -16.38 28.70
C LEU A 43 13.22 -14.95 29.05
N GLY A 44 12.87 -14.47 30.24
CA GLY A 44 13.18 -13.13 30.65
C GLY A 44 14.56 -13.02 31.28
N LYS A 45 14.69 -12.06 32.19
CA LYS A 45 15.96 -11.79 32.86
C LYS A 45 15.78 -11.84 34.37
N PHE A 46 16.79 -12.37 35.05
CA PHE A 46 16.73 -12.64 36.48
C PHE A 46 17.95 -12.03 37.16
N LEU A 47 17.81 -11.66 38.43
CA LEU A 47 18.93 -11.17 39.21
C LEU A 47 19.66 -12.34 39.86
N LYS A 48 20.99 -12.29 39.81
CA LYS A 48 21.82 -13.37 40.34
C LYS A 48 22.83 -12.79 41.33
N VAL A 49 23.24 -13.63 42.27
CA VAL A 49 24.01 -13.18 43.43
C VAL A 49 25.27 -14.01 43.67
N ASN A 50 25.42 -15.15 43.00
CA ASN A 50 26.41 -16.15 43.38
C ASN A 50 27.79 -15.92 42.78
N CYS A 51 27.98 -14.90 41.95
CA CYS A 51 29.21 -14.74 41.19
C CYS A 51 29.93 -13.45 41.56
N VAL A 52 31.26 -13.54 41.68
CA VAL A 52 32.12 -12.38 41.84
C VAL A 52 32.80 -12.12 40.51
N ARG A 53 32.78 -10.88 40.05
CA ARG A 53 33.30 -10.51 38.74
C ARG A 53 34.49 -9.56 38.91
N LEU A 54 35.57 -9.86 38.19
CA LEU A 54 36.80 -9.07 38.24
C LEU A 54 37.16 -8.65 36.83
N LYS A 55 37.74 -7.46 36.70
CA LYS A 55 38.09 -6.92 35.39
C LYS A 55 39.58 -7.15 35.11
N ASN A 56 39.89 -7.68 33.94
CA ASN A 56 41.27 -7.82 33.51
C ASN A 56 41.70 -6.57 32.75
N LEU A 57 42.80 -5.95 33.19
CA LEU A 57 43.22 -4.67 32.65
C LEU A 57 43.96 -4.78 31.33
N ASP A 58 44.63 -5.90 31.06
CA ASP A 58 45.46 -6.00 29.87
C ASP A 58 44.63 -6.16 28.61
N LYS A 59 43.57 -6.97 28.66
CA LYS A 59 42.80 -7.30 27.47
C LYS A 59 41.70 -6.28 27.23
N HIS A 60 41.17 -6.28 26.00
CA HIS A 60 40.13 -5.33 25.63
C HIS A 60 38.87 -5.56 26.47
N ASP A 61 38.41 -6.80 26.56
CA ASP A 61 37.20 -7.13 27.32
C ASP A 61 37.37 -8.54 27.86
N ALA A 62 37.80 -8.65 29.11
CA ALA A 62 38.02 -9.96 29.73
C ALA A 62 37.72 -9.85 31.21
N PHE A 63 36.68 -10.56 31.66
CA PHE A 63 36.26 -10.54 33.05
C PHE A 63 36.48 -11.90 33.68
N TYR A 64 37.24 -11.92 34.78
CA TYR A 64 37.33 -13.12 35.59
C TYR A 64 36.10 -13.23 36.47
N VAL A 65 35.23 -14.20 36.18
CA VAL A 65 34.03 -14.45 36.96
C VAL A 65 34.23 -15.75 37.72
N VAL A 66 34.06 -15.69 39.04
CA VAL A 66 34.22 -16.85 39.91
C VAL A 66 32.89 -17.09 40.61
N LYS A 67 32.35 -18.29 40.45
CA LYS A 67 31.10 -18.68 41.08
C LYS A 67 31.38 -19.64 42.23
N ARG A 68 30.79 -19.36 43.39
CA ARG A 68 30.98 -20.19 44.57
C ARG A 68 29.68 -20.88 44.93
N CYS A 69 29.76 -22.18 45.20
CA CYS A 69 28.60 -22.99 45.51
C CYS A 69 29.05 -24.13 46.41
N THR A 70 28.09 -24.99 46.77
CA THR A 70 28.40 -26.12 47.63
C THR A 70 29.43 -27.02 46.96
N LYS A 71 30.30 -27.60 47.79
CA LYS A 71 31.45 -28.34 47.26
C LYS A 71 31.02 -29.45 46.31
N SER A 72 29.89 -30.10 46.57
CA SER A 72 29.45 -31.18 45.70
C SER A 72 29.17 -30.68 44.29
N ALA A 73 28.54 -29.52 44.16
CA ALA A 73 28.28 -28.96 42.83
C ALA A 73 29.57 -28.62 42.11
N MET A 74 30.56 -28.07 42.82
CA MET A 74 31.82 -27.73 42.18
C MET A 74 32.49 -28.97 41.60
N GLU A 75 32.51 -30.06 42.35
CA GLU A 75 33.10 -31.30 41.86
C GLU A 75 32.30 -31.87 40.69
N HIS A 76 30.98 -31.69 40.69
CA HIS A 76 30.17 -32.18 39.59
C HIS A 76 30.57 -31.54 38.27
N GLU A 77 30.80 -30.22 38.28
CA GLU A 77 31.23 -29.54 37.07
C GLU A 77 32.62 -30.01 36.64
N GLN A 78 33.49 -30.31 37.61
CA GLN A 78 34.85 -30.71 37.26
C GLN A 78 34.85 -32.01 36.46
N SER A 79 33.99 -32.96 36.83
CA SER A 79 33.88 -34.18 36.05
C SER A 79 33.41 -33.88 34.63
N ILE A 80 32.42 -32.99 34.51
CA ILE A 80 31.91 -32.63 33.18
C ILE A 80 33.00 -31.90 32.39
N TYR A 81 33.67 -30.93 33.02
CA TYR A 81 34.65 -30.12 32.31
C TYR A 81 35.82 -30.98 31.83
N SER A 82 36.30 -31.89 32.68
CA SER A 82 37.47 -32.67 32.32
C SER A 82 37.24 -33.47 31.04
N ARG A 83 36.01 -33.91 30.81
CA ARG A 83 35.71 -34.69 29.61
C ARG A 83 35.59 -33.79 28.37
N LEU A 84 35.09 -32.57 28.56
CA LEU A 84 34.80 -31.71 27.42
C LEU A 84 35.95 -30.77 27.10
N GLU A 85 36.88 -30.58 28.04
CA GLU A 85 37.86 -29.50 27.90
C GLU A 85 38.69 -29.63 26.64
N LYS A 86 38.87 -30.84 26.11
CA LYS A 86 39.78 -31.03 24.99
C LYS A 86 39.22 -30.51 23.66
N CYS A 87 37.95 -30.11 23.62
CA CYS A 87 37.41 -29.52 22.41
C CYS A 87 37.77 -28.03 22.34
N GLY A 88 37.28 -27.37 21.29
CA GLY A 88 37.63 -25.99 21.03
C GLY A 88 36.53 -24.99 21.31
N ALA A 89 35.60 -25.33 22.20
CA ALA A 89 34.48 -24.46 22.51
C ALA A 89 34.20 -24.30 23.99
N VAL A 90 35.17 -24.58 24.86
CA VAL A 90 35.00 -24.48 26.31
C VAL A 90 36.02 -23.49 26.86
N ALA A 91 35.56 -22.54 27.66
CA ALA A 91 36.45 -21.56 28.27
C ALA A 91 37.27 -22.23 29.38
N GLU A 92 38.41 -21.61 29.69
CA GLU A 92 39.33 -22.16 30.67
C GLU A 92 38.71 -22.09 32.07
N HIS A 93 38.53 -23.25 32.69
CA HIS A 93 38.00 -23.33 34.05
C HIS A 93 39.10 -23.68 35.04
N ASP A 94 38.93 -23.18 36.26
CA ASP A 94 39.83 -23.51 37.37
C ASP A 94 38.98 -23.81 38.59
N PHE A 95 39.28 -24.93 39.26
CA PHE A 95 38.45 -25.43 40.35
C PHE A 95 39.27 -25.47 41.64
N PHE A 96 38.67 -25.00 42.73
CA PHE A 96 39.32 -25.00 44.03
C PHE A 96 38.26 -24.75 45.10
N THR A 97 38.67 -24.88 46.36
CA THR A 97 37.79 -24.68 47.50
C THR A 97 38.47 -23.74 48.48
N TRP A 98 37.65 -23.01 49.25
CA TRP A 98 38.15 -22.03 50.20
C TRP A 98 37.48 -22.23 51.54
N LYS A 99 38.14 -21.75 52.59
CA LYS A 99 37.69 -21.92 53.96
C LYS A 99 36.98 -20.68 54.47
N ASP A 100 35.97 -20.91 55.30
CA ASP A 100 35.31 -19.85 56.05
C ASP A 100 35.42 -20.17 57.54
N GLY A 101 35.07 -19.19 58.37
CA GLY A 101 35.21 -19.34 59.80
C GLY A 101 34.56 -20.60 60.35
N ARG A 102 33.49 -21.06 59.70
CA ARG A 102 32.74 -22.22 60.17
C ARG A 102 32.32 -23.19 59.08
N ALA A 103 32.74 -23.01 57.83
CA ALA A 103 32.24 -23.84 56.76
C ALA A 103 33.25 -23.90 55.61
N ILE A 104 33.04 -24.87 54.72
CA ILE A 104 33.83 -25.05 53.52
C ILE A 104 32.91 -24.95 52.31
N TYR A 105 33.36 -24.24 51.28
CA TYR A 105 32.58 -24.07 50.06
C TYR A 105 33.51 -24.11 48.86
N GLY A 106 32.96 -24.53 47.73
CA GLY A 106 33.72 -24.68 46.51
C GLY A 106 33.68 -23.42 45.65
N ASN A 107 34.58 -23.38 44.66
CA ASN A 107 34.68 -22.26 43.73
C ASN A 107 35.00 -22.78 42.35
N VAL A 108 34.42 -22.14 41.33
CA VAL A 108 34.74 -22.41 39.94
C VAL A 108 35.10 -21.07 39.29
N CYS A 109 36.31 -20.97 38.75
CA CYS A 109 36.81 -19.73 38.18
C CYS A 109 36.93 -19.87 36.67
N ARG A 110 36.37 -18.90 35.95
CA ARG A 110 36.40 -18.87 34.49
C ARG A 110 37.30 -17.73 34.05
N LYS A 111 38.09 -17.98 33.01
CA LYS A 111 39.05 -16.98 32.55
C LYS A 111 38.58 -16.31 31.25
N ASP A 112 38.71 -14.99 31.21
CA ASP A 112 38.51 -14.21 29.99
C ASP A 112 37.10 -14.38 29.43
N LEU A 113 36.10 -14.33 30.29
CA LEU A 113 34.72 -14.30 29.82
C LEU A 113 34.29 -12.87 29.54
N THR A 114 33.64 -12.67 28.40
CA THR A 114 33.16 -11.34 28.06
C THR A 114 32.01 -10.94 28.96
N GLU A 115 31.71 -9.63 28.96
CA GLU A 115 30.73 -9.10 29.91
C GLU A 115 29.35 -9.69 29.70
N TYR A 116 28.90 -9.78 28.45
CA TYR A 116 27.53 -10.17 28.12
C TYR A 116 27.52 -11.50 27.38
N THR A 117 26.60 -12.38 27.77
CA THR A 117 26.42 -13.64 27.08
C THR A 117 25.69 -13.41 25.76
N MET A 118 25.53 -14.50 24.99
CA MET A 118 24.83 -14.40 23.73
C MET A 118 23.36 -14.08 23.94
N MET A 119 22.77 -14.57 25.03
CA MET A 119 21.35 -14.33 25.27
C MET A 119 21.05 -12.84 25.42
N ASP A 120 21.94 -12.09 26.08
CA ASP A 120 21.73 -10.67 26.24
C ASP A 120 21.65 -9.96 24.89
N LEU A 121 22.49 -10.34 23.94
CA LEU A 121 22.43 -9.75 22.61
C LEU A 121 21.10 -10.06 21.93
N CYS A 122 20.65 -11.31 22.01
CA CYS A 122 19.40 -11.70 21.38
C CYS A 122 18.21 -11.06 22.09
N TYR A 123 18.21 -11.10 23.42
CA TYR A 123 17.12 -10.51 24.19
C TYR A 123 17.06 -9.01 23.97
N ALA A 124 18.22 -8.34 23.96
CA ALA A 124 18.25 -6.89 23.82
C ALA A 124 17.73 -6.43 22.47
N LEU A 125 17.73 -7.30 21.46
CA LEU A 125 17.20 -6.94 20.15
C LEU A 125 15.75 -7.36 19.96
N ARG A 126 15.27 -8.33 20.73
CA ARG A 126 13.88 -8.78 20.63
C ARG A 126 12.99 -8.19 21.71
N ASN A 127 13.54 -7.38 22.62
CA ASN A 127 12.75 -6.57 23.55
C ASN A 127 13.37 -5.18 23.56
N PHE A 128 12.90 -4.33 22.65
CA PHE A 128 13.57 -3.07 22.33
C PHE A 128 12.63 -1.89 22.53
N ASP A 129 13.15 -0.82 23.13
CA ASP A 129 12.47 0.45 23.20
C ASP A 129 13.52 1.53 23.41
N GLU A 130 13.29 2.70 22.78
CA GLU A 130 14.32 3.74 22.75
C GLU A 130 14.64 4.30 24.12
N ASN A 131 14.01 3.82 25.18
CA ASN A 131 14.37 4.18 26.55
C ASN A 131 14.79 2.91 27.28
N ASN A 132 15.80 3.04 28.14
CA ASN A 132 16.40 1.90 28.82
C ASN A 132 17.00 0.91 27.82
N CYS A 133 17.70 1.44 26.82
CA CYS A 133 18.32 0.64 25.77
C CYS A 133 19.83 0.47 25.96
N ASP A 134 20.34 0.71 27.17
CA ASP A 134 21.78 0.78 27.39
C ASP A 134 22.50 -0.53 27.09
N VAL A 135 21.82 -1.68 27.18
CA VAL A 135 22.50 -2.95 26.94
C VAL A 135 22.88 -3.08 25.47
N LEU A 136 21.94 -2.79 24.57
CA LEU A 136 22.25 -2.88 23.14
C LEU A 136 23.30 -1.84 22.75
N LYS A 137 23.18 -0.63 23.27
CA LYS A 137 24.18 0.39 22.97
C LYS A 137 25.55 -0.04 23.48
N SER A 138 25.61 -0.61 24.68
CA SER A 138 26.90 -1.02 25.23
C SER A 138 27.56 -2.09 24.37
N ILE A 139 26.78 -3.09 23.92
CA ILE A 139 27.37 -4.20 23.18
C ILE A 139 27.95 -3.73 21.86
N LEU A 140 27.30 -2.75 21.22
CA LEU A 140 27.82 -2.25 19.94
C LEU A 140 29.19 -1.61 20.13
N ILE A 141 29.38 -0.85 21.21
CA ILE A 141 30.65 -0.15 21.43
C ILE A 141 31.76 -1.15 21.69
N LYS A 142 31.53 -2.10 22.61
CA LYS A 142 32.60 -3.03 22.97
C LYS A 142 32.96 -3.94 21.80
N VAL A 143 31.97 -4.40 21.04
CA VAL A 143 32.25 -5.24 19.89
C VAL A 143 33.02 -4.46 18.82
N GLY A 144 32.80 -3.16 18.74
CA GLY A 144 33.48 -2.33 17.78
C GLY A 144 32.69 -2.03 16.52
N ALA A 145 31.36 -2.12 16.58
CA ALA A 145 30.55 -1.83 15.40
C ALA A 145 30.51 -0.35 15.07
N CYS A 146 30.39 0.51 16.08
CA CYS A 146 30.30 1.95 15.86
C CYS A 146 30.90 2.68 17.05
N GLU A 147 31.42 3.87 16.79
CA GLU A 147 31.98 4.69 17.85
C GLU A 147 30.88 5.36 18.66
N GLU A 148 31.25 5.83 19.85
CA GLU A 148 30.27 6.44 20.74
C GLU A 148 29.65 7.69 20.13
N SER A 149 30.37 8.36 19.21
CA SER A 149 29.83 9.56 18.59
C SER A 149 28.60 9.26 17.74
N TYR A 150 28.44 8.00 17.32
CA TYR A 150 27.28 7.64 16.51
C TYR A 150 25.98 7.84 17.28
N PHE A 151 25.98 7.51 18.57
CA PHE A 151 24.74 7.55 19.35
C PHE A 151 24.28 8.99 19.60
N ASN A 152 25.13 9.98 19.29
CA ASN A 152 24.70 11.36 19.45
C ASN A 152 23.49 11.66 18.57
N ASN A 153 23.43 11.07 17.39
CA ASN A 153 22.24 11.19 16.54
C ASN A 153 21.02 10.69 17.30
N LYS A 154 19.97 11.51 17.34
CA LYS A 154 18.81 11.19 18.15
C LYS A 154 17.91 10.12 17.54
N VAL A 155 18.13 9.76 16.27
CA VAL A 155 17.27 8.82 15.57
C VAL A 155 18.10 7.68 14.99
N TRP A 156 19.22 7.36 15.66
CA TRP A 156 20.13 6.36 15.11
C TRP A 156 19.46 5.01 14.94
N PHE A 157 18.39 4.74 15.69
CA PHE A 157 17.81 3.40 15.75
C PHE A 157 16.70 3.16 14.74
N ASP A 158 16.31 4.17 13.94
CA ASP A 158 15.14 4.06 13.10
C ASP A 158 15.55 3.49 11.74
N PRO A 159 15.15 2.27 11.38
CA PRO A 159 15.55 1.73 10.07
C PRO A 159 15.04 2.53 8.89
N VAL A 160 13.83 3.09 8.95
CA VAL A 160 13.24 3.78 7.80
C VAL A 160 13.66 5.24 7.73
N GLU A 161 14.53 5.70 8.64
CA GLU A 161 15.03 7.06 8.58
C GLU A 161 16.54 7.14 8.73
N ASN A 162 17.22 6.05 9.11
CA ASN A 162 18.68 5.98 9.17
C ASN A 162 19.08 4.67 8.49
N GLU A 163 19.25 4.73 7.16
CA GLU A 163 19.59 3.53 6.40
C GLU A 163 20.93 2.96 6.81
N ASP A 164 21.80 3.79 7.38
CA ASP A 164 23.14 3.32 7.75
C ASP A 164 23.08 2.30 8.89
N ILE A 165 21.95 2.22 9.60
CA ILE A 165 21.85 1.29 10.72
C ILE A 165 22.05 -0.14 10.24
N HIS A 166 21.44 -0.49 9.10
CA HIS A 166 21.61 -1.85 8.57
C HIS A 166 23.08 -2.15 8.26
N ARG A 167 23.89 -1.12 8.04
CA ARG A 167 25.32 -1.33 7.86
C ARG A 167 26.01 -1.61 9.19
N VAL A 168 25.52 -0.99 10.27
CA VAL A 168 26.13 -1.20 11.59
C VAL A 168 25.85 -2.62 12.08
N TYR A 169 24.59 -3.06 11.94
CA TYR A 169 24.24 -4.40 12.40
C TYR A 169 25.01 -5.48 11.65
N ALA A 170 25.23 -5.29 10.34
CA ALA A 170 25.94 -6.29 9.57
C ALA A 170 27.31 -6.58 10.17
N LEU A 171 27.93 -5.60 10.83
CA LEU A 171 29.19 -5.85 11.51
C LEU A 171 29.05 -6.82 12.66
N LEU A 172 27.84 -6.97 13.22
CA LEU A 172 27.58 -8.01 14.20
C LEU A 172 27.41 -9.38 13.55
N GLY A 173 27.31 -9.44 12.22
CA GLY A 173 27.12 -10.72 11.56
C GLY A 173 28.23 -11.70 11.84
N THR A 174 29.47 -11.22 11.94
CA THR A 174 30.58 -12.12 12.23
C THR A 174 30.43 -12.75 13.62
N ILE A 175 29.84 -12.02 14.57
CA ILE A 175 29.67 -12.56 15.91
C ILE A 175 28.66 -13.71 15.90
N VAL A 176 27.51 -13.50 15.24
CA VAL A 176 26.47 -14.52 15.23
C VAL A 176 26.92 -15.75 14.44
N SER A 177 27.51 -15.53 13.26
CA SER A 177 27.96 -16.66 12.44
C SER A 177 29.06 -17.44 13.15
N ARG A 178 29.99 -16.73 13.79
CA ARG A 178 31.07 -17.40 14.51
C ARG A 178 30.54 -18.22 15.67
N ALA A 179 29.46 -17.78 16.30
CA ALA A 179 28.90 -18.51 17.43
C ALA A 179 28.38 -19.88 16.99
N MET A 180 27.70 -19.94 15.86
CA MET A 180 27.07 -21.19 15.44
C MET A 180 28.12 -22.25 15.10
N LEU A 181 29.13 -21.87 14.33
CA LEU A 181 30.18 -22.83 14.00
C LEU A 181 30.87 -23.38 15.23
N LYS A 182 30.81 -22.65 16.36
CA LYS A 182 31.33 -23.17 17.61
C LYS A 182 30.29 -23.97 18.37
N CYS A 183 29.01 -23.81 18.03
CA CYS A 183 27.97 -24.64 18.63
C CYS A 183 28.02 -26.06 18.09
N VAL A 184 28.19 -26.20 16.78
CA VAL A 184 28.28 -27.53 16.18
C VAL A 184 29.53 -28.25 16.67
N LYS A 185 30.63 -27.50 16.87
CA LYS A 185 31.85 -28.09 17.39
C LYS A 185 31.63 -28.61 18.81
N PHE A 186 30.90 -27.86 19.63
CA PHE A 186 30.65 -28.30 21.00
C PHE A 186 29.72 -29.51 21.02
N CYS A 187 28.65 -29.49 20.22
CA CYS A 187 27.73 -30.62 20.21
C CYS A 187 28.44 -31.91 19.79
N ASP A 188 29.41 -31.81 18.88
CA ASP A 188 30.17 -32.99 18.51
C ASP A 188 30.93 -33.54 19.70
N ALA A 189 31.52 -32.66 20.51
CA ALA A 189 32.22 -33.12 21.71
C ALA A 189 31.27 -33.82 22.68
N MET A 190 30.02 -33.35 22.74
CA MET A 190 29.03 -33.99 23.60
C MET A 190 28.76 -35.42 23.16
N VAL A 191 28.54 -35.64 21.86
CA VAL A 191 28.18 -36.96 21.37
C VAL A 191 29.34 -37.93 21.58
N GLU A 192 30.56 -37.51 21.25
CA GLU A 192 31.71 -38.40 21.36
C GLU A 192 31.99 -38.73 22.82
N GLN A 193 32.06 -37.71 23.68
CA GLN A 193 32.44 -37.92 25.06
C GLN A 193 31.31 -38.54 25.88
N GLY A 194 30.07 -38.43 25.39
CA GLY A 194 28.96 -39.09 26.05
C GLY A 194 28.35 -38.26 27.18
N ILE A 195 27.89 -37.06 26.86
CA ILE A 195 27.26 -36.17 27.84
C ILE A 195 25.86 -35.83 27.36
N VAL A 196 24.90 -35.95 28.27
CA VAL A 196 23.49 -35.68 27.98
C VAL A 196 23.13 -34.36 28.65
N GLY A 197 22.59 -33.42 27.87
CA GLY A 197 22.21 -32.14 28.41
C GLY A 197 21.54 -31.28 27.35
N VAL A 198 21.02 -30.15 27.78
CA VAL A 198 20.35 -29.20 26.89
C VAL A 198 21.20 -27.94 26.81
N VAL A 199 21.58 -27.55 25.60
CA VAL A 199 22.41 -26.38 25.36
C VAL A 199 21.51 -25.21 24.99
N THR A 200 21.80 -24.04 25.56
CA THR A 200 21.00 -22.85 25.28
C THR A 200 21.93 -21.65 25.18
N LEU A 201 21.35 -20.52 24.76
CA LEU A 201 22.15 -19.34 24.44
C LEU A 201 22.93 -18.83 25.64
N ASP A 202 22.31 -18.79 26.82
CA ASP A 202 22.94 -18.16 27.98
C ASP A 202 24.18 -18.90 28.47
N ASN A 203 24.58 -19.99 27.80
CA ASN A 203 25.83 -20.66 28.14
C ASN A 203 27.01 -20.12 27.34
N GLN A 204 26.79 -19.24 26.38
CA GLN A 204 27.79 -18.87 25.39
C GLN A 204 28.19 -17.41 25.53
N ASP A 205 29.48 -17.15 25.39
CA ASP A 205 29.98 -15.79 25.33
C ASP A 205 29.73 -15.20 23.94
N LEU A 206 29.94 -13.88 23.83
CA LEU A 206 30.01 -13.27 22.51
C LEU A 206 31.18 -13.80 21.70
N ASN A 207 32.22 -14.30 22.38
CA ASN A 207 33.36 -14.90 21.70
C ASN A 207 33.04 -16.29 21.14
N GLY A 208 32.08 -16.99 21.73
CA GLY A 208 31.67 -18.30 21.28
C GLY A 208 31.94 -19.43 22.25
N ASP A 209 32.73 -19.19 23.30
CA ASP A 209 33.05 -20.22 24.26
C ASP A 209 31.86 -20.51 25.17
N PHE A 210 31.74 -21.78 25.56
CA PHE A 210 30.65 -22.24 26.43
C PHE A 210 31.14 -22.36 27.85
N TYR A 211 30.21 -22.22 28.80
CA TYR A 211 30.52 -22.35 30.22
C TYR A 211 29.22 -22.54 30.99
N ASP A 212 29.34 -22.73 32.31
CA ASP A 212 28.19 -22.87 33.18
C ASP A 212 27.40 -24.13 32.91
N PHE A 213 28.08 -25.23 32.58
CA PHE A 213 27.41 -26.51 32.33
C PHE A 213 27.39 -27.35 33.60
N GLY A 214 26.51 -26.95 34.52
CA GLY A 214 26.37 -27.65 35.78
C GLY A 214 25.20 -28.62 35.80
N ASP A 215 24.25 -28.45 34.89
CA ASP A 215 23.08 -29.31 34.82
C ASP A 215 23.23 -30.47 33.84
N PHE A 216 24.35 -30.55 33.13
CA PHE A 216 24.57 -31.69 32.26
C PHE A 216 24.90 -32.94 33.10
N THR A 217 24.63 -34.10 32.50
CA THR A 217 24.83 -35.37 33.19
C THR A 217 25.66 -36.30 32.32
N CYS A 218 26.35 -37.22 32.97
CA CYS A 218 27.30 -38.10 32.29
C CYS A 218 26.59 -39.33 31.73
N SER A 219 27.28 -40.02 30.82
CA SER A 219 26.78 -41.24 30.21
C SER A 219 27.96 -42.02 29.63
N ILE A 220 27.67 -43.17 29.03
CA ILE A 220 28.73 -43.96 28.41
C ILE A 220 29.29 -43.20 27.22
N LYS A 221 30.58 -43.42 26.95
CA LYS A 221 31.24 -42.72 25.86
C LYS A 221 30.52 -43.01 24.54
N GLY A 222 30.40 -41.97 23.72
CA GLY A 222 29.63 -42.07 22.49
C GLY A 222 28.14 -41.96 22.78
N MET A 223 27.33 -42.00 21.73
CA MET A 223 25.88 -41.98 21.83
C MET A 223 25.35 -40.91 22.78
N GLY A 224 26.06 -39.79 22.90
CA GLY A 224 25.55 -38.66 23.66
C GLY A 224 24.36 -38.02 22.98
N ILE A 225 23.72 -37.11 23.69
CA ILE A 225 22.49 -36.49 23.20
C ILE A 225 22.49 -34.99 23.50
N PRO A 226 22.82 -34.14 22.52
CA PRO A 226 22.59 -32.70 22.67
C PRO A 226 21.23 -32.28 22.13
N ILE A 227 20.64 -31.28 22.78
CA ILE A 227 19.35 -30.73 22.39
C ILE A 227 19.55 -29.25 22.10
N CYS A 228 19.08 -28.80 20.92
CA CYS A 228 19.31 -27.43 20.48
C CYS A 228 18.09 -26.80 19.82
N THR A 229 16.87 -27.23 20.18
CA THR A 229 15.68 -26.62 19.59
C THR A 229 15.53 -25.18 20.02
N SER A 230 15.82 -24.87 21.28
CA SER A 230 15.66 -23.52 21.79
C SER A 230 16.88 -22.64 21.47
N TYR A 231 18.05 -23.25 21.26
CA TYR A 231 19.23 -22.48 20.93
C TYR A 231 19.07 -21.79 19.58
N TYR A 232 18.72 -22.55 18.55
CA TYR A 232 18.60 -21.97 17.21
C TYR A 232 17.32 -21.16 17.05
N SER A 233 16.22 -21.63 17.65
CA SER A 233 14.93 -20.99 17.41
C SER A 233 14.91 -19.56 17.91
N TYR A 234 15.42 -19.32 19.13
CA TYR A 234 15.37 -17.98 19.69
C TYR A 234 16.23 -17.01 18.91
N MET A 235 17.31 -17.49 18.30
CA MET A 235 18.25 -16.65 17.58
C MET A 235 17.88 -16.43 16.13
N MET A 236 16.79 -17.02 15.65
CA MET A 236 16.50 -16.97 14.22
C MET A 236 16.26 -15.55 13.71
N PRO A 237 15.42 -14.73 14.33
CA PRO A 237 15.26 -13.36 13.80
C PRO A 237 16.54 -12.56 13.79
N VAL A 238 17.45 -12.81 14.75
CA VAL A 238 18.68 -12.04 14.81
C VAL A 238 19.60 -12.38 13.65
N MET A 239 19.72 -13.68 13.33
CA MET A 239 20.64 -14.07 12.27
C MET A 239 20.14 -13.67 10.89
N GLY A 240 18.89 -13.25 10.77
CA GLY A 240 18.37 -12.74 9.52
C GLY A 240 18.38 -11.22 9.50
N MET A 241 18.19 -10.63 10.68
CA MET A 241 18.25 -9.17 10.80
C MET A 241 19.69 -8.67 10.69
N THR A 242 20.65 -9.45 11.19
CA THR A 242 22.05 -9.07 11.18
C THR A 242 22.81 -9.57 9.96
N ASN A 243 22.16 -10.33 9.07
CA ASN A 243 22.79 -10.82 7.85
C ASN A 243 24.12 -11.51 8.14
N CYS A 244 24.02 -12.64 8.86
CA CYS A 244 25.21 -13.33 9.33
C CYS A 244 25.84 -14.23 8.28
N LEU A 245 25.14 -14.54 7.19
CA LEU A 245 25.64 -15.44 6.17
C LEU A 245 26.23 -14.71 4.96
N ALA A 246 26.61 -13.44 5.13
CA ALA A 246 27.17 -12.70 4.00
C ALA A 246 28.49 -13.30 3.53
N SER A 247 29.20 -14.01 4.41
CA SER A 247 30.49 -14.57 4.02
C SER A 247 30.35 -15.71 3.03
N GLU A 248 29.14 -16.23 2.85
CA GLU A 248 28.91 -17.40 2.00
C GLU A 248 28.42 -17.05 0.60
N CYS A 249 28.45 -15.78 0.21
CA CYS A 249 27.94 -15.39 -1.10
C CYS A 249 28.61 -16.20 -2.20
N PHE A 250 27.78 -16.74 -3.10
CA PHE A 250 28.30 -17.62 -4.14
C PHE A 250 29.09 -16.86 -5.19
N VAL A 251 28.56 -15.73 -5.65
CA VAL A 251 29.20 -14.89 -6.66
C VAL A 251 29.78 -13.67 -5.94
N LYS A 252 31.08 -13.49 -6.05
CA LYS A 252 31.79 -12.40 -5.39
C LYS A 252 32.41 -11.45 -6.41
N SER A 253 31.69 -11.20 -7.50
CA SER A 253 32.12 -10.28 -8.54
C SER A 253 30.96 -9.37 -8.91
N ASP A 254 31.28 -8.17 -9.37
CA ASP A 254 30.30 -7.15 -9.67
C ASP A 254 29.87 -7.25 -11.14
N ILE A 255 28.57 -7.15 -11.38
CA ILE A 255 28.04 -7.25 -12.73
C ILE A 255 28.59 -6.15 -13.63
N PHE A 256 28.94 -5.00 -13.06
CA PHE A 256 29.47 -3.88 -13.84
C PHE A 256 30.97 -3.93 -14.02
N GLY A 257 31.65 -4.93 -13.44
CA GLY A 257 33.10 -5.02 -13.59
C GLY A 257 33.49 -5.54 -14.96
N GLU A 258 34.66 -5.10 -15.43
CA GLU A 258 35.15 -5.54 -16.73
C GLU A 258 35.71 -6.96 -16.68
N ASP A 259 36.00 -7.48 -15.49
CA ASP A 259 36.52 -8.83 -15.33
C ASP A 259 35.41 -9.88 -15.20
N PHE A 260 34.16 -9.47 -15.30
CA PHE A 260 33.04 -10.40 -15.16
C PHE A 260 32.97 -11.32 -16.38
N LYS A 261 32.27 -12.44 -16.21
CA LYS A 261 32.04 -13.40 -17.27
C LYS A 261 30.55 -13.45 -17.59
N SER A 262 30.24 -13.90 -18.81
CA SER A 262 28.85 -13.86 -19.27
C SER A 262 28.07 -15.10 -18.82
N TYR A 263 28.66 -16.28 -19.01
CA TYR A 263 27.90 -17.51 -18.77
C TYR A 263 27.56 -17.71 -17.31
N ASP A 264 28.17 -16.94 -16.41
CA ASP A 264 27.88 -17.08 -14.99
C ASP A 264 26.42 -16.72 -14.67
N LEU A 265 25.82 -15.84 -15.47
CA LEU A 265 24.46 -15.39 -15.17
C LEU A 265 23.43 -16.49 -15.36
N LEU A 266 23.79 -17.55 -16.09
CA LEU A 266 22.79 -18.52 -16.52
C LEU A 266 22.35 -19.46 -15.40
N GLU A 267 23.23 -19.71 -14.43
CA GLU A 267 22.95 -20.74 -13.43
C GLU A 267 21.73 -20.37 -12.58
N TYR A 268 20.87 -21.36 -12.34
CA TYR A 268 19.64 -21.15 -11.60
C TYR A 268 19.46 -22.19 -10.49
N ASP A 269 20.05 -23.37 -10.66
CA ASP A 269 19.84 -24.49 -9.74
C ASP A 269 20.91 -24.44 -8.65
N PHE A 270 20.50 -23.99 -7.45
CA PHE A 270 21.37 -23.95 -6.29
C PHE A 270 20.96 -24.94 -5.21
N THR A 271 20.32 -26.06 -5.58
CA THR A 271 19.84 -27.00 -4.58
C THR A 271 20.98 -27.57 -3.75
N GLU A 272 22.07 -27.97 -4.40
CA GLU A 272 23.19 -28.54 -3.67
C GLU A 272 23.83 -27.50 -2.75
N HIS A 273 23.91 -26.25 -3.20
CA HIS A 273 24.54 -25.21 -2.39
C HIS A 273 23.79 -25.02 -1.08
N LYS A 274 22.45 -25.00 -1.13
CA LYS A 274 21.68 -24.78 0.08
C LYS A 274 21.80 -25.95 1.03
N THR A 275 21.82 -27.18 0.52
CA THR A 275 21.95 -28.34 1.40
C THR A 275 23.30 -28.35 2.10
N ALA A 276 24.35 -27.90 1.42
CA ALA A 276 25.67 -27.88 2.04
C ALA A 276 25.69 -26.96 3.25
N LEU A 277 25.05 -25.79 3.15
CA LEU A 277 25.01 -24.87 4.28
C LEU A 277 24.28 -25.48 5.47
N PHE A 278 23.15 -26.15 5.23
CA PHE A 278 22.35 -26.67 6.33
C PHE A 278 23.15 -27.66 7.17
N ASN A 279 23.88 -28.57 6.50
CA ASN A 279 24.71 -29.52 7.22
C ASN A 279 25.94 -28.88 7.84
N LYS A 280 26.23 -27.62 7.51
CA LYS A 280 27.39 -26.93 8.04
C LYS A 280 27.08 -26.16 9.31
N TYR A 281 25.90 -25.54 9.37
CA TYR A 281 25.52 -24.73 10.52
C TYR A 281 24.49 -25.41 11.41
N PHE A 282 23.46 -26.02 10.81
CA PHE A 282 22.34 -26.59 11.55
C PHE A 282 22.41 -28.11 11.63
N LYS A 283 23.61 -28.66 11.81
CA LYS A 283 23.77 -30.10 11.76
C LYS A 283 22.89 -30.82 12.78
N TYR A 284 22.78 -30.27 13.98
CA TYR A 284 22.04 -30.91 15.07
C TYR A 284 20.65 -30.30 15.25
N TRP A 285 20.12 -29.64 14.22
CA TRP A 285 18.77 -29.09 14.29
C TRP A 285 17.71 -30.19 14.38
N GLY A 286 18.00 -31.39 13.89
CA GLY A 286 17.11 -32.52 14.08
C GLY A 286 16.12 -32.76 12.96
N LEU A 287 15.20 -31.82 12.75
CA LEU A 287 14.11 -32.04 11.82
C LEU A 287 14.60 -32.06 10.38
N GLN A 288 13.78 -32.60 9.49
CA GLN A 288 14.12 -32.70 8.08
C GLN A 288 14.09 -31.33 7.43
N TYR A 289 14.75 -31.24 6.27
CA TYR A 289 14.80 -30.00 5.50
C TYR A 289 14.82 -30.36 4.02
N HIS A 290 13.77 -29.97 3.29
CA HIS A 290 13.65 -30.23 1.86
C HIS A 290 14.00 -28.97 1.09
N PRO A 291 15.08 -28.93 0.31
CA PRO A 291 15.42 -27.68 -0.38
C PRO A 291 14.30 -27.14 -1.24
N ASN A 292 13.55 -28.01 -1.92
CA ASN A 292 12.41 -27.61 -2.74
C ASN A 292 11.13 -27.95 -1.98
N CYS A 293 10.30 -26.93 -1.75
CA CYS A 293 9.12 -27.12 -0.91
C CYS A 293 8.07 -28.01 -1.57
N VAL A 294 8.21 -28.31 -2.87
CA VAL A 294 7.26 -29.20 -3.52
C VAL A 294 7.33 -30.61 -2.97
N ASP A 295 8.39 -30.94 -2.24
CA ASP A 295 8.53 -32.28 -1.68
C ASP A 295 7.94 -32.38 -0.27
N CYS A 296 7.42 -31.30 0.27
CA CYS A 296 6.94 -31.29 1.65
C CYS A 296 5.65 -32.11 1.78
N SER A 297 5.25 -32.35 3.03
CA SER A 297 4.11 -33.20 3.32
C SER A 297 2.92 -32.45 3.89
N ASP A 298 3.16 -31.50 4.80
CA ASP A 298 2.07 -30.81 5.48
C ASP A 298 2.19 -29.31 5.24
N GLU A 299 1.19 -28.57 5.70
CA GLU A 299 1.26 -27.11 5.67
C GLU A 299 2.30 -26.61 6.66
N GLN A 300 2.46 -27.29 7.79
CA GLN A 300 3.46 -26.87 8.77
C GLN A 300 4.88 -27.13 8.27
N CYS A 301 5.07 -28.12 7.41
CA CYS A 301 6.39 -28.36 6.85
C CYS A 301 6.74 -27.35 5.78
N ILE A 302 5.76 -26.88 5.01
CA ILE A 302 6.02 -25.88 4.00
C ILE A 302 6.44 -24.57 4.64
N VAL A 303 5.83 -24.23 5.78
CA VAL A 303 6.27 -23.06 6.53
C VAL A 303 7.64 -23.29 7.13
N HIS A 304 7.91 -24.52 7.57
CA HIS A 304 9.19 -24.82 8.21
C HIS A 304 10.34 -24.72 7.22
N CYS A 305 10.22 -25.37 6.07
CA CYS A 305 11.31 -25.36 5.10
C CYS A 305 11.44 -24.01 4.43
N ALA A 306 10.32 -23.37 4.10
CA ALA A 306 10.37 -22.07 3.43
C ALA A 306 11.02 -21.02 4.29
N ASN A 307 11.04 -21.23 5.61
CA ASN A 307 11.72 -20.29 6.50
C ASN A 307 13.24 -20.36 6.31
N PHE A 308 13.78 -21.57 6.22
CA PHE A 308 15.21 -21.73 5.96
C PHE A 308 15.59 -21.17 4.60
N ASN A 309 14.76 -21.42 3.58
CA ASN A 309 15.08 -20.94 2.25
C ASN A 309 15.18 -19.42 2.21
N THR A 310 14.40 -18.72 3.03
CA THR A 310 14.51 -17.26 3.10
C THR A 310 15.82 -16.84 3.75
N LEU A 311 16.33 -17.64 4.68
CA LEU A 311 17.61 -17.33 5.30
C LEU A 311 18.76 -17.61 4.34
N PHE A 312 18.65 -18.69 3.57
CA PHE A 312 19.72 -19.05 2.64
C PHE A 312 19.62 -18.31 1.32
N SER A 313 18.55 -17.53 1.09
CA SER A 313 18.43 -16.80 -0.16
C SER A 313 19.33 -15.58 -0.18
N THR A 314 19.87 -15.18 0.97
CA THR A 314 20.77 -14.02 1.00
C THR A 314 22.10 -14.33 0.34
N THR A 315 22.42 -15.61 0.15
CA THR A 315 23.71 -15.97 -0.44
C THR A 315 23.59 -16.24 -1.94
N ILE A 316 22.37 -16.23 -2.48
CA ILE A 316 22.16 -16.54 -3.89
C ILE A 316 22.09 -15.24 -4.69
N PRO A 317 22.59 -15.20 -5.92
CA PRO A 317 22.53 -13.95 -6.69
C PRO A 317 21.10 -13.50 -6.95
N ILE A 318 20.92 -12.19 -7.08
CA ILE A 318 19.59 -11.62 -7.29
C ILE A 318 19.05 -11.93 -8.67
N THR A 319 19.91 -12.29 -9.62
CA THR A 319 19.49 -12.55 -10.98
C THR A 319 19.09 -14.00 -11.22
N ALA A 320 19.28 -14.88 -10.24
CA ALA A 320 18.91 -16.28 -10.40
C ALA A 320 17.42 -16.53 -10.25
N PHE A 321 16.71 -15.65 -9.54
CA PHE A 321 15.28 -15.84 -9.33
C PHE A 321 14.49 -15.34 -10.53
N GLY A 322 13.19 -15.62 -10.52
CA GLY A 322 12.32 -15.24 -11.60
C GLY A 322 11.94 -16.43 -12.47
N PRO A 323 11.09 -16.19 -13.47
CA PRO A 323 10.62 -17.30 -14.31
C PRO A 323 11.77 -17.99 -15.03
N LEU A 324 11.64 -19.30 -15.19
CA LEU A 324 12.57 -20.10 -15.99
C LEU A 324 11.89 -20.44 -17.30
N CYS A 325 12.52 -20.05 -18.42
CA CYS A 325 11.89 -20.16 -19.73
C CYS A 325 12.62 -21.20 -20.56
N ARG A 326 11.97 -21.60 -21.65
CA ARG A 326 12.39 -22.76 -22.45
C ARG A 326 12.03 -22.51 -23.90
N LYS A 327 12.70 -23.25 -24.78
CA LYS A 327 12.42 -23.13 -26.21
C LYS A 327 11.09 -23.79 -26.55
N CYS A 328 10.40 -23.23 -27.54
CA CYS A 328 9.08 -23.71 -27.92
C CYS A 328 8.83 -23.37 -29.39
N TRP A 329 7.83 -24.03 -29.97
CA TRP A 329 7.47 -23.87 -31.37
C TRP A 329 6.01 -23.47 -31.48
N ILE A 330 5.74 -22.45 -32.28
CA ILE A 330 4.38 -21.99 -32.57
C ILE A 330 4.26 -21.82 -34.08
N ASP A 331 3.30 -22.53 -34.67
CA ASP A 331 3.07 -22.43 -36.12
C ASP A 331 4.36 -22.75 -36.86
N GLY A 332 5.31 -23.46 -36.24
CA GLY A 332 6.55 -23.82 -36.88
C GLY A 332 7.70 -22.86 -36.67
N VAL A 333 7.44 -21.67 -36.11
CA VAL A 333 8.50 -20.71 -35.85
C VAL A 333 8.89 -20.79 -34.38
N PRO A 334 10.14 -20.53 -34.03
CA PRO A 334 10.59 -20.76 -32.66
C PRO A 334 10.08 -19.69 -31.69
N LEU A 335 10.27 -19.97 -30.41
CA LEU A 335 9.78 -19.11 -29.33
C LEU A 335 10.60 -19.35 -28.07
N VAL A 336 10.30 -18.55 -27.04
CA VAL A 336 10.75 -18.80 -25.69
C VAL A 336 9.53 -18.66 -24.78
N THR A 337 9.25 -19.72 -24.01
CA THR A 337 8.03 -19.77 -23.20
C THR A 337 8.38 -20.25 -21.81
N THR A 338 7.52 -19.89 -20.86
CA THR A 338 7.74 -20.26 -19.47
C THR A 338 7.75 -21.77 -19.30
N ALA A 339 8.62 -22.26 -18.43
CA ALA A 339 8.70 -23.68 -18.13
C ALA A 339 8.90 -23.97 -16.64
N GLY A 340 8.58 -23.02 -15.77
CA GLY A 340 8.75 -23.24 -14.35
C GLY A 340 8.79 -21.93 -13.61
N TYR A 341 9.38 -21.97 -12.41
CA TYR A 341 9.58 -20.76 -11.63
C TYR A 341 10.57 -21.07 -10.51
N HIS A 342 11.32 -20.04 -10.10
CA HIS A 342 12.32 -20.14 -9.05
C HIS A 342 11.96 -19.13 -7.97
N PHE A 343 11.44 -19.63 -6.84
CA PHE A 343 10.98 -18.77 -5.75
C PHE A 343 12.09 -18.60 -4.72
N LYS A 344 12.08 -17.43 -4.08
CA LYS A 344 12.97 -17.23 -2.93
C LYS A 344 12.60 -18.17 -1.79
N GLN A 345 11.29 -18.35 -1.57
CA GLN A 345 10.84 -19.19 -0.46
C GLN A 345 10.72 -20.65 -0.88
N LEU A 346 9.90 -20.92 -1.89
CA LEU A 346 9.46 -22.28 -2.17
C LEU A 346 10.41 -23.08 -3.05
N GLY A 347 11.42 -22.44 -3.64
CA GLY A 347 12.37 -23.14 -4.46
C GLY A 347 11.96 -23.21 -5.92
N ILE A 348 12.32 -24.32 -6.55
CA ILE A 348 12.10 -24.54 -7.97
C ILE A 348 10.85 -25.38 -8.16
N VAL A 349 9.98 -24.96 -9.07
CA VAL A 349 8.75 -25.67 -9.39
C VAL A 349 8.66 -25.83 -10.90
N TRP A 350 8.40 -27.04 -11.35
CA TRP A 350 8.27 -27.33 -12.77
C TRP A 350 6.81 -27.48 -13.16
N ASN A 351 6.47 -27.04 -14.36
CA ASN A 351 5.12 -27.21 -14.88
C ASN A 351 4.87 -28.67 -15.25
N ASN A 352 3.62 -29.10 -15.15
CA ASN A 352 3.24 -30.47 -15.43
C ASN A 352 2.53 -30.65 -16.77
N ASP A 353 2.39 -29.59 -17.56
CA ASP A 353 1.46 -29.63 -18.69
C ASP A 353 2.07 -29.06 -19.98
N LEU A 354 3.22 -28.41 -19.90
CA LEU A 354 3.73 -27.64 -21.03
C LEU A 354 3.79 -28.49 -22.29
N ASN A 355 3.34 -27.91 -23.42
CA ASN A 355 3.38 -28.54 -24.72
C ASN A 355 4.28 -27.72 -25.64
N LEU A 356 5.17 -28.40 -26.36
CA LEU A 356 6.19 -27.72 -27.15
C LEU A 356 5.76 -27.43 -28.58
N HIS A 357 4.62 -27.95 -29.03
CA HIS A 357 4.13 -27.70 -30.39
C HIS A 357 2.67 -27.30 -30.33
N SER A 358 2.33 -26.19 -30.99
CA SER A 358 0.98 -25.67 -31.00
C SER A 358 0.69 -25.01 -32.35
N SER A 359 -0.57 -25.03 -32.74
CA SER A 359 -1.00 -24.41 -33.99
C SER A 359 -2.49 -24.18 -33.93
N ARG A 360 -2.97 -23.30 -34.81
CA ARG A 360 -4.39 -22.91 -34.86
C ARG A 360 -4.87 -22.54 -33.46
N LEU A 361 -4.26 -21.48 -32.93
CA LEU A 361 -4.48 -21.09 -31.54
C LEU A 361 -5.95 -20.76 -31.30
N SER A 362 -6.48 -21.26 -30.18
CA SER A 362 -7.77 -20.80 -29.69
C SER A 362 -7.58 -19.56 -28.84
N ILE A 363 -8.69 -19.03 -28.31
CA ILE A 363 -8.59 -17.81 -27.50
C ILE A 363 -7.83 -18.09 -26.21
N ASN A 364 -8.00 -19.28 -25.63
CA ASN A 364 -7.29 -19.58 -24.39
C ASN A 364 -5.78 -19.65 -24.60
N GLU A 365 -5.34 -20.40 -25.60
CA GLU A 365 -3.91 -20.46 -25.91
C GLU A 365 -3.39 -19.09 -26.33
N LEU A 366 -4.19 -18.36 -27.11
CA LEU A 366 -3.77 -17.04 -27.57
C LEU A 366 -3.70 -16.04 -26.42
N LEU A 367 -4.61 -16.17 -25.44
CA LEU A 367 -4.68 -15.18 -24.37
C LEU A 367 -3.52 -15.33 -23.39
N GLN A 368 -3.17 -16.57 -23.03
CA GLN A 368 -2.10 -16.76 -22.05
C GLN A 368 -0.71 -16.60 -22.66
N PHE A 369 -0.57 -16.83 -23.96
CA PHE A 369 0.69 -16.53 -24.63
C PHE A 369 0.98 -15.03 -24.61
N CYS A 370 -0.06 -14.22 -24.83
CA CYS A 370 0.14 -12.78 -24.97
C CYS A 370 0.51 -12.13 -23.63
N SER A 371 -0.11 -12.57 -22.54
CA SER A 371 0.12 -11.98 -21.24
C SER A 371 1.34 -12.55 -20.52
N ASP A 372 1.90 -13.65 -20.99
CA ASP A 372 3.06 -14.23 -20.34
C ASP A 372 4.29 -13.38 -20.64
N PRO A 373 5.03 -12.92 -19.63
CA PRO A 373 6.16 -12.02 -19.90
C PRO A 373 7.25 -12.62 -20.77
N ALA A 374 7.34 -13.95 -20.85
CA ALA A 374 8.51 -14.57 -21.46
C ALA A 374 8.80 -14.02 -22.84
N LEU A 375 7.76 -13.85 -23.66
CA LEU A 375 8.00 -13.47 -25.06
C LEU A 375 8.33 -11.99 -25.19
N LEU A 376 7.67 -11.13 -24.40
CA LEU A 376 7.90 -9.69 -24.52
C LEU A 376 9.25 -9.29 -23.94
N ILE A 377 9.63 -9.84 -22.79
CA ILE A 377 10.88 -9.47 -22.16
C ILE A 377 12.07 -9.90 -23.00
N ALA A 378 11.98 -11.05 -23.67
CA ALA A 378 13.11 -11.59 -24.41
C ALA A 378 13.36 -10.84 -25.71
N SER A 379 12.35 -10.17 -26.26
CA SER A 379 12.45 -9.52 -27.56
C SER A 379 12.55 -8.01 -27.47
N SER A 380 13.17 -7.48 -26.42
CA SER A 380 13.35 -6.05 -26.25
C SER A 380 14.74 -5.79 -25.70
N PRO A 381 15.28 -4.58 -25.92
CA PRO A 381 16.63 -4.26 -25.42
C PRO A 381 16.76 -4.39 -23.92
N ALA A 382 17.99 -4.40 -23.41
CA ALA A 382 18.25 -4.43 -21.99
C ALA A 382 18.13 -3.03 -21.40
N LEU A 383 18.26 -2.94 -20.08
CA LEU A 383 18.10 -1.68 -19.38
C LEU A 383 18.94 -1.68 -18.10
N VAL A 384 19.51 -0.52 -17.79
CA VAL A 384 20.20 -0.28 -16.52
C VAL A 384 19.68 1.03 -15.96
N ASP A 385 18.89 0.94 -14.89
CA ASP A 385 18.23 2.10 -14.29
C ASP A 385 18.87 2.35 -12.94
N GLN A 386 19.59 3.46 -12.82
CA GLN A 386 20.29 3.80 -11.59
C GLN A 386 19.43 4.63 -10.63
N ARG A 387 18.20 4.99 -11.03
CA ARG A 387 17.32 5.72 -10.13
C ARG A 387 16.68 4.81 -9.09
N THR A 388 16.67 3.50 -9.32
CA THR A 388 16.04 2.54 -8.42
C THR A 388 17.03 1.45 -8.07
N VAL A 389 16.94 0.96 -6.82
CA VAL A 389 17.81 -0.11 -6.38
C VAL A 389 17.34 -1.45 -6.93
N CYS A 390 16.05 -1.58 -7.23
CA CYS A 390 15.50 -2.85 -7.68
C CYS A 390 16.11 -3.26 -9.02
N PHE A 391 16.33 -4.56 -9.18
CA PHE A 391 16.86 -5.09 -10.43
C PHE A 391 15.85 -4.88 -11.56
N SER A 392 16.38 -4.59 -12.75
CA SER A 392 15.52 -4.30 -13.90
C SER A 392 16.27 -4.44 -15.22
N VAL A 393 15.85 -5.38 -16.07
CA VAL A 393 16.43 -5.50 -17.40
C VAL A 393 15.33 -5.64 -18.45
N ALA A 394 14.88 -4.51 -19.00
CA ALA A 394 14.09 -4.49 -20.22
C ALA A 394 13.70 -3.04 -20.51
N ALA A 395 13.33 -2.77 -21.75
CA ALA A 395 12.85 -1.46 -22.16
C ALA A 395 12.19 -1.57 -23.52
N LEU A 396 11.04 -0.93 -23.67
CA LEU A 396 10.29 -1.04 -24.92
C LEU A 396 11.14 -0.51 -26.08
N GLY A 397 10.88 -1.04 -27.27
CA GLY A 397 11.55 -0.58 -28.46
C GLY A 397 11.24 0.86 -28.82
N THR A 398 10.17 1.42 -28.26
CA THR A 398 9.81 2.82 -28.53
C THR A 398 10.53 3.79 -27.61
N GLY A 399 11.30 3.31 -26.65
CA GLY A 399 11.97 4.17 -25.70
C GLY A 399 11.15 4.41 -24.44
N MET A 400 11.80 5.04 -23.47
CA MET A 400 11.17 5.32 -22.19
C MET A 400 10.53 6.71 -22.19
N THR A 401 9.65 6.92 -21.22
CA THR A 401 8.90 8.17 -21.12
C THR A 401 8.82 8.56 -19.64
N ASN A 402 7.98 9.56 -19.36
CA ASN A 402 7.78 10.04 -18.00
C ASN A 402 6.35 10.55 -17.87
N GLN A 403 5.87 10.61 -16.63
CA GLN A 403 4.49 11.00 -16.34
C GLN A 403 4.48 12.04 -15.24
N THR A 404 3.68 13.08 -15.41
CA THR A 404 3.48 14.11 -14.40
C THR A 404 2.06 14.02 -13.86
N VAL A 405 1.84 14.70 -12.73
CA VAL A 405 0.52 14.75 -12.09
C VAL A 405 0.13 16.23 -11.98
N LYS A 406 -1.06 16.55 -12.48
CA LYS A 406 -1.52 17.93 -12.52
C LYS A 406 -2.26 18.29 -11.24
N PRO A 407 -2.38 19.59 -10.94
CA PRO A 407 -3.09 20.00 -9.72
C PRO A 407 -4.61 19.87 -9.85
N GLY A 408 -5.33 20.32 -8.82
CA GLY A 408 -6.78 20.32 -8.83
C GLY A 408 -7.34 21.64 -9.34
N HIS A 409 -8.68 21.67 -9.40
CA HIS A 409 -9.40 22.83 -9.88
C HIS A 409 -10.12 23.50 -8.72
N PHE A 410 -10.10 24.83 -8.71
CA PHE A 410 -10.61 25.61 -7.59
C PHE A 410 -12.06 25.99 -7.82
N ASN A 411 -12.91 25.72 -6.82
CA ASN A 411 -14.35 25.98 -6.92
C ASN A 411 -14.65 27.34 -6.30
N LYS A 412 -14.65 28.37 -7.15
CA LYS A 412 -14.75 29.74 -6.66
C LYS A 412 -16.10 30.00 -6.00
N GLU A 413 -17.19 29.54 -6.62
CA GLU A 413 -18.52 29.87 -6.11
C GLU A 413 -18.73 29.34 -4.70
N PHE A 414 -18.31 28.10 -4.44
CA PHE A 414 -18.48 27.54 -3.11
C PHE A 414 -17.62 28.26 -2.07
N TYR A 415 -16.37 28.59 -2.44
CA TYR A 415 -15.49 29.25 -1.49
C TYR A 415 -16.04 30.60 -1.05
N ASP A 416 -16.53 31.40 -1.99
CA ASP A 416 -17.11 32.69 -1.63
C ASP A 416 -18.30 32.50 -0.70
N PHE A 417 -19.05 31.40 -0.88
CA PHE A 417 -20.18 31.13 -0.01
C PHE A 417 -19.72 30.91 1.43
N LEU A 418 -18.64 30.15 1.62
CA LEU A 418 -18.16 29.88 2.97
C LEU A 418 -17.74 31.17 3.67
N LEU A 419 -17.03 32.05 2.96
CA LEU A 419 -16.59 33.30 3.57
C LEU A 419 -17.78 34.15 3.99
N GLU A 420 -18.83 34.21 3.16
CA GLU A 420 -20.01 34.99 3.51
C GLU A 420 -20.66 34.44 4.78
N GLN A 421 -20.71 33.12 4.91
CA GLN A 421 -21.30 32.52 6.11
C GLN A 421 -20.44 32.77 7.35
N GLY A 422 -19.17 33.13 7.16
CA GLY A 422 -18.28 33.40 8.27
C GLY A 422 -17.18 32.39 8.48
N PHE A 423 -17.01 31.42 7.58
CA PHE A 423 -15.96 30.44 7.71
C PHE A 423 -14.61 31.04 7.34
N PHE A 424 -13.55 30.32 7.70
CA PHE A 424 -12.18 30.70 7.39
C PHE A 424 -11.84 32.10 7.90
N SER A 425 -12.47 32.54 8.98
CA SER A 425 -12.10 33.80 9.59
C SER A 425 -10.74 33.66 10.26
N GLU A 426 -10.07 34.80 10.45
CA GLU A 426 -8.70 34.78 10.96
C GLU A 426 -8.62 34.32 12.42
N GLY A 427 -9.75 33.97 13.04
CA GLY A 427 -9.71 33.40 14.38
C GLY A 427 -9.00 32.06 14.46
N SER A 428 -8.76 31.40 13.33
CA SER A 428 -7.99 30.16 13.26
C SER A 428 -8.77 28.98 13.83
N GLU A 429 -10.09 29.00 13.72
CA GLU A 429 -10.88 27.86 14.17
C GLU A 429 -10.74 26.69 13.21
N LEU A 430 -11.13 26.88 11.95
CA LEU A 430 -11.04 25.86 10.93
C LEU A 430 -10.36 26.44 9.69
N THR A 431 -9.58 25.61 9.01
CA THR A 431 -8.88 26.04 7.80
C THR A 431 -8.62 24.82 6.93
N LEU A 432 -8.31 25.08 5.67
CA LEU A 432 -8.09 24.01 4.71
C LEU A 432 -6.85 23.21 5.07
N LYS A 433 -6.95 21.89 4.97
CA LYS A 433 -5.82 21.00 5.23
C LYS A 433 -5.63 19.91 4.18
N HIS A 434 -6.61 19.70 3.30
CA HIS A 434 -6.53 18.69 2.25
C HIS A 434 -6.53 19.38 0.90
N PHE A 435 -5.53 19.08 0.07
CA PHE A 435 -5.36 19.72 -1.21
C PHE A 435 -5.04 18.69 -2.28
N PHE A 436 -4.99 19.15 -3.53
CA PHE A 436 -4.52 18.35 -4.65
C PHE A 436 -3.05 18.71 -4.90
N PHE A 437 -2.15 17.77 -4.63
CA PHE A 437 -0.73 18.01 -4.80
C PHE A 437 -0.26 17.58 -6.18
N ALA A 438 0.67 18.33 -6.75
CA ALA A 438 1.29 17.96 -8.01
C ALA A 438 2.51 17.07 -7.75
N GLN A 439 3.01 16.48 -8.82
CA GLN A 439 4.18 15.60 -8.75
C GLN A 439 5.08 15.84 -9.95
N LYS A 440 6.38 15.63 -9.74
CA LYS A 440 7.34 15.83 -10.81
C LYS A 440 7.27 14.68 -11.81
N GLY A 441 8.17 14.72 -12.79
CA GLY A 441 8.14 13.74 -13.87
C GLY A 441 8.46 12.32 -13.45
N ASP A 442 9.19 12.13 -12.35
CA ASP A 442 9.60 10.81 -11.90
C ASP A 442 8.81 10.35 -10.68
N ALA A 443 7.51 10.65 -10.64
CA ALA A 443 6.71 10.28 -9.48
C ALA A 443 6.60 8.76 -9.33
N ALA A 444 6.46 8.05 -10.44
CA ALA A 444 6.20 6.61 -10.38
C ALA A 444 7.42 5.84 -9.93
N VAL A 445 8.54 5.96 -10.66
CA VAL A 445 9.70 5.14 -10.37
C VAL A 445 10.26 5.44 -8.99
N LYS A 446 10.35 6.72 -8.62
CA LYS A 446 10.87 7.07 -7.31
C LYS A 446 9.95 6.65 -6.17
N ASP A 447 8.71 6.26 -6.47
CA ASP A 447 7.84 5.66 -5.48
C ASP A 447 7.95 4.15 -5.47
N PHE A 448 8.23 3.55 -6.64
CA PHE A 448 8.55 2.13 -6.68
C PHE A 448 9.88 1.85 -5.99
N ASP A 449 10.73 2.86 -5.86
CA ASP A 449 12.01 2.67 -5.19
C ASP A 449 11.85 2.40 -3.70
N TYR A 450 10.68 2.71 -3.13
CA TYR A 450 10.48 2.51 -1.69
C TYR A 450 10.38 1.05 -1.31
N TYR A 451 10.49 0.11 -2.25
CA TYR A 451 10.65 -1.28 -1.88
C TYR A 451 12.03 -1.56 -1.29
N ARG A 452 12.87 -0.53 -1.20
CA ARG A 452 14.13 -0.66 -0.48
C ARG A 452 13.91 -1.13 0.95
N TYR A 453 12.80 -0.73 1.56
CA TYR A 453 12.54 -1.08 2.95
C TYR A 453 12.22 -2.55 3.13
N ASN A 454 11.85 -3.26 2.07
CA ASN A 454 11.58 -4.69 2.17
C ASN A 454 12.87 -5.45 2.39
N ARG A 455 12.90 -6.31 3.39
CA ARG A 455 14.10 -7.04 3.77
C ARG A 455 13.75 -8.49 4.10
N PRO A 456 14.73 -9.39 4.02
CA PRO A 456 14.46 -10.84 4.24
C PRO A 456 14.41 -11.22 5.71
N THR A 457 13.24 -11.02 6.32
CA THR A 457 13.04 -11.39 7.71
C THR A 457 12.91 -12.90 7.86
N VAL A 458 13.39 -13.41 8.99
CA VAL A 458 13.33 -14.83 9.31
C VAL A 458 12.57 -14.99 10.63
N LEU A 459 11.57 -15.85 10.64
CA LEU A 459 10.80 -16.11 11.85
C LEU A 459 11.45 -17.20 12.67
N ASP A 460 11.27 -17.13 13.99
CA ASP A 460 11.64 -18.23 14.88
C ASP A 460 10.55 -19.28 14.78
N ILE A 461 10.82 -20.33 14.02
CA ILE A 461 9.75 -21.25 13.60
C ILE A 461 9.11 -21.93 14.80
N CYS A 462 9.88 -22.18 15.86
CA CYS A 462 9.31 -22.85 17.03
C CYS A 462 8.17 -22.06 17.64
N GLN A 463 8.11 -20.75 17.39
CA GLN A 463 7.05 -19.89 17.91
C GLN A 463 6.01 -19.52 16.87
N ALA A 464 6.38 -19.54 15.57
CA ALA A 464 5.42 -19.24 14.52
C ALA A 464 4.49 -20.42 14.24
N ARG A 465 4.78 -21.60 14.82
CA ARG A 465 3.86 -22.71 14.71
C ARG A 465 2.62 -22.48 15.57
N VAL A 466 2.82 -22.06 16.81
CA VAL A 466 1.70 -21.84 17.71
C VAL A 466 0.89 -20.63 17.28
N VAL A 467 1.57 -19.54 16.90
CA VAL A 467 0.87 -18.35 16.45
C VAL A 467 0.05 -18.66 15.19
N TYR A 468 0.56 -19.55 14.34
CA TYR A 468 -0.19 -19.96 13.16
C TYR A 468 -1.45 -20.72 13.55
N GLN A 469 -1.39 -21.46 14.67
CA GLN A 469 -2.57 -22.19 15.14
C GLN A 469 -3.60 -21.24 15.73
N ILE A 470 -3.16 -20.27 16.54
CA ILE A 470 -4.10 -19.38 17.22
C ILE A 470 -4.76 -18.44 16.23
N VAL A 471 -3.96 -17.86 15.32
CA VAL A 471 -4.53 -16.94 14.34
C VAL A 471 -5.54 -17.64 13.44
N GLN A 472 -5.36 -18.94 13.23
CA GLN A 472 -6.31 -19.69 12.40
C GLN A 472 -7.65 -19.86 13.10
N ARG A 473 -7.66 -19.92 14.44
CA ARG A 473 -8.91 -20.11 15.16
C ARG A 473 -9.86 -18.93 14.94
N TYR A 474 -9.33 -17.74 14.71
CA TYR A 474 -10.18 -16.59 14.44
C TYR A 474 -10.99 -16.76 13.16
N PHE A 475 -10.54 -17.60 12.24
CA PHE A 475 -11.17 -17.75 10.93
C PHE A 475 -11.92 -19.07 10.79
N ASP A 476 -12.18 -19.79 11.88
CA ASP A 476 -12.90 -21.04 11.80
C ASP A 476 -14.41 -20.85 11.70
N ILE A 477 -14.91 -19.63 11.92
CA ILE A 477 -16.34 -19.38 11.81
C ILE A 477 -16.79 -19.44 10.35
N TYR A 478 -15.97 -18.92 9.45
CA TYR A 478 -16.38 -18.72 8.07
C TYR A 478 -16.31 -20.02 7.27
N GLU A 479 -16.92 -19.98 6.09
CA GLU A 479 -16.94 -21.10 5.16
C GLU A 479 -16.18 -20.74 3.89
N GLY A 480 -15.82 -21.76 3.12
CA GLY A 480 -15.07 -21.54 1.89
C GLY A 480 -15.08 -22.76 1.00
N GLY A 481 -14.66 -22.55 -0.23
CA GLY A 481 -14.61 -23.61 -1.21
C GLY A 481 -14.52 -23.06 -2.62
N CYS A 482 -14.41 -23.97 -3.57
CA CYS A 482 -14.37 -23.60 -4.97
C CYS A 482 -15.78 -23.45 -5.52
N ILE A 483 -15.94 -22.54 -6.48
CA ILE A 483 -17.22 -22.28 -7.12
C ILE A 483 -17.02 -22.31 -8.63
N THR A 484 -18.04 -22.80 -9.33
CA THR A 484 -17.99 -22.86 -10.78
C THR A 484 -18.08 -21.44 -11.36
N ALA A 485 -17.55 -21.27 -12.57
CA ALA A 485 -17.57 -19.97 -13.21
C ALA A 485 -18.99 -19.45 -13.42
N LYS A 486 -19.98 -20.34 -13.41
CA LYS A 486 -21.36 -19.92 -13.59
C LYS A 486 -21.86 -19.11 -12.39
N GLU A 487 -21.21 -19.26 -11.24
CA GLU A 487 -21.74 -18.73 -9.99
C GLU A 487 -20.92 -17.59 -9.41
N VAL A 488 -19.97 -17.03 -10.17
CA VAL A 488 -19.20 -15.90 -9.65
C VAL A 488 -19.98 -14.60 -9.89
N VAL A 489 -19.63 -13.58 -9.11
CA VAL A 489 -20.26 -12.26 -9.21
C VAL A 489 -19.16 -11.22 -9.31
N VAL A 490 -19.30 -10.31 -10.27
CA VAL A 490 -18.36 -9.22 -10.50
C VAL A 490 -19.14 -7.92 -10.56
N THR A 491 -18.66 -6.91 -9.84
CA THR A 491 -19.41 -5.67 -9.67
C THR A 491 -19.09 -4.63 -10.73
N ASN A 492 -17.84 -4.54 -11.19
CA ASN A 492 -17.42 -3.50 -12.13
C ASN A 492 -16.76 -4.17 -13.33
N LEU A 493 -17.48 -4.21 -14.45
CA LEU A 493 -16.91 -4.69 -15.70
C LEU A 493 -16.18 -3.59 -16.47
N ASN A 494 -16.38 -2.33 -16.09
CA ASN A 494 -15.73 -1.20 -16.77
C ASN A 494 -14.49 -0.76 -15.99
N LYS A 495 -13.47 -1.61 -16.01
CA LYS A 495 -12.21 -1.31 -15.36
C LYS A 495 -11.07 -1.96 -16.12
N SER A 496 -9.87 -1.42 -15.94
CA SER A 496 -8.74 -1.82 -16.76
C SER A 496 -8.40 -3.30 -16.55
N ALA A 497 -7.94 -3.95 -17.62
CA ALA A 497 -7.57 -5.36 -17.58
C ALA A 497 -6.08 -5.58 -17.41
N GLY A 498 -5.30 -4.53 -17.15
CA GLY A 498 -3.87 -4.68 -16.98
C GLY A 498 -3.12 -4.67 -18.30
N TYR A 499 -1.81 -4.91 -18.20
CA TYR A 499 -0.94 -4.94 -19.36
C TYR A 499 -0.73 -6.38 -19.84
N PRO A 500 -0.69 -6.62 -21.15
CA PRO A 500 -0.93 -5.70 -22.29
C PRO A 500 -2.37 -5.72 -22.76
N LEU A 501 -3.26 -6.42 -22.06
CA LEU A 501 -4.63 -6.59 -22.54
C LEU A 501 -5.41 -5.28 -22.57
N ASN A 502 -5.00 -4.27 -21.80
CA ASN A 502 -5.72 -3.01 -21.76
C ASN A 502 -5.62 -2.24 -23.06
N LYS A 503 -4.73 -2.63 -23.96
CA LYS A 503 -4.57 -1.92 -25.23
C LYS A 503 -5.74 -2.16 -26.18
N PHE A 504 -6.59 -3.14 -25.90
CA PHE A 504 -7.69 -3.51 -26.78
C PHE A 504 -9.07 -3.21 -26.21
N GLY A 505 -9.25 -3.34 -24.90
CA GLY A 505 -10.54 -3.08 -24.30
C GLY A 505 -10.53 -3.30 -22.79
N LYS A 506 -11.60 -2.89 -22.12
CA LYS A 506 -11.68 -3.03 -20.68
C LYS A 506 -12.17 -4.42 -20.30
N ALA A 507 -12.23 -4.68 -18.99
CA ALA A 507 -12.47 -6.03 -18.50
C ALA A 507 -13.78 -6.60 -19.03
N GLY A 508 -14.74 -5.75 -19.37
CA GLY A 508 -16.02 -6.24 -19.85
C GLY A 508 -15.90 -7.03 -21.14
N LEU A 509 -14.99 -6.62 -22.02
CA LEU A 509 -14.85 -7.29 -23.32
C LEU A 509 -14.40 -8.74 -23.16
N TYR A 510 -13.47 -9.00 -22.24
CA TYR A 510 -12.93 -10.35 -22.08
C TYR A 510 -13.88 -11.26 -21.31
N TYR A 511 -14.71 -10.68 -20.44
CA TYR A 511 -15.61 -11.50 -19.64
C TYR A 511 -16.80 -12.01 -20.45
N GLU A 512 -17.09 -11.40 -21.58
CA GLU A 512 -18.15 -11.87 -22.45
C GLU A 512 -17.64 -12.61 -23.67
N SER A 513 -16.37 -12.40 -24.04
CA SER A 513 -15.78 -13.16 -25.14
C SER A 513 -15.43 -14.59 -24.73
N LEU A 514 -15.12 -14.80 -23.46
CA LEU A 514 -14.78 -16.13 -22.95
C LEU A 514 -16.04 -16.80 -22.43
N SER A 515 -16.43 -17.90 -23.07
CA SER A 515 -17.57 -18.66 -22.59
C SER A 515 -17.25 -19.32 -21.25
N TYR A 516 -18.29 -19.83 -20.59
CA TYR A 516 -18.09 -20.45 -19.29
C TYR A 516 -17.16 -21.65 -19.37
N GLU A 517 -17.29 -22.48 -20.40
CA GLU A 517 -16.42 -23.65 -20.51
C GLU A 517 -14.96 -23.26 -20.66
N GLU A 518 -14.68 -22.13 -21.33
CA GLU A 518 -13.29 -21.69 -21.48
C GLU A 518 -12.74 -21.08 -20.20
N GLN A 519 -13.60 -20.51 -19.36
CA GLN A 519 -13.12 -19.99 -18.08
C GLN A 519 -12.78 -21.11 -17.12
N ASP A 520 -13.56 -22.19 -17.13
CA ASP A 520 -13.27 -23.32 -16.26
C ASP A 520 -12.11 -24.15 -16.79
N GLU A 521 -11.91 -24.18 -18.11
CA GLU A 521 -10.74 -24.84 -18.66
C GLU A 521 -9.46 -24.13 -18.22
N LEU A 522 -9.46 -22.80 -18.25
CA LEU A 522 -8.29 -22.04 -17.84
C LEU A 522 -8.06 -22.18 -16.33
N TYR A 523 -9.11 -22.12 -15.53
CA TYR A 523 -8.95 -22.23 -14.09
C TYR A 523 -8.39 -23.60 -13.71
N ALA A 524 -8.89 -24.66 -14.33
CA ALA A 524 -8.37 -25.99 -14.04
C ALA A 524 -6.92 -26.13 -14.48
N TYR A 525 -6.53 -25.41 -15.54
CA TYR A 525 -5.14 -25.42 -15.97
C TYR A 525 -4.23 -24.77 -14.94
N THR A 526 -4.70 -23.70 -14.31
CA THR A 526 -3.88 -23.00 -13.33
C THR A 526 -3.59 -23.84 -12.10
N LYS A 527 -4.40 -24.87 -11.83
CA LYS A 527 -4.17 -25.73 -10.66
C LYS A 527 -3.02 -26.70 -10.88
N ARG A 528 -2.44 -26.75 -12.08
CA ARG A 528 -1.28 -27.60 -12.35
C ARG A 528 -0.15 -26.86 -13.04
N ASN A 529 -0.18 -25.53 -13.12
CA ASN A 529 0.85 -24.78 -13.80
C ASN A 529 0.94 -23.38 -13.20
N ILE A 530 2.03 -22.69 -13.51
CA ILE A 530 2.32 -21.36 -12.99
C ILE A 530 2.27 -20.37 -14.14
N LEU A 531 1.51 -19.29 -13.96
CA LEU A 531 1.33 -18.27 -14.99
C LEU A 531 1.82 -16.92 -14.48
N PRO A 532 3.05 -16.51 -14.81
CA PRO A 532 3.49 -15.16 -14.43
C PRO A 532 2.72 -14.10 -15.19
N THR A 533 2.59 -12.93 -14.57
CA THR A 533 1.89 -11.80 -15.17
C THR A 533 2.51 -10.51 -14.64
N MET A 534 2.22 -9.41 -15.33
CA MET A 534 2.79 -8.11 -15.01
C MET A 534 1.74 -7.21 -14.37
N THR A 535 2.14 -6.49 -13.32
CA THR A 535 1.36 -5.37 -12.83
C THR A 535 1.86 -4.08 -13.47
N GLN A 536 1.00 -3.07 -13.49
CA GLN A 536 1.32 -1.77 -14.03
C GLN A 536 1.16 -0.72 -12.95
N LEU A 537 2.20 0.10 -12.75
CA LEU A 537 2.13 1.16 -11.76
C LEU A 537 1.41 2.37 -12.34
N ASN A 538 0.32 2.77 -11.70
CA ASN A 538 -0.41 3.97 -12.06
C ASN A 538 -0.59 4.83 -10.82
N LEU A 539 -0.58 6.14 -11.04
CA LEU A 539 -0.59 7.11 -9.95
C LEU A 539 -2.02 7.48 -9.60
N LYS A 540 -2.32 7.47 -8.29
CA LYS A 540 -3.65 7.85 -7.83
C LYS A 540 -3.80 9.36 -7.86
N TYR A 541 -4.94 9.83 -8.36
CA TYR A 541 -5.21 11.26 -8.50
C TYR A 541 -6.43 11.59 -7.64
N ALA A 542 -6.17 11.98 -6.38
CA ALA A 542 -7.25 12.24 -5.44
C ALA A 542 -6.76 13.21 -4.37
N ILE A 543 -7.72 13.77 -3.63
CA ILE A 543 -7.41 14.74 -2.58
C ILE A 543 -6.66 14.04 -1.46
N SER A 544 -5.62 14.70 -0.94
CA SER A 544 -4.80 14.11 0.10
C SER A 544 -4.26 15.22 1.00
N GLY A 545 -3.87 14.84 2.21
CA GLY A 545 -3.27 15.74 3.17
C GLY A 545 -1.77 15.61 3.31
N LYS A 546 -1.15 14.70 2.57
CA LYS A 546 0.29 14.47 2.65
C LYS A 546 0.91 14.60 1.26
N GLU A 547 2.17 15.03 1.22
CA GLU A 547 2.79 15.40 -0.05
C GLU A 547 3.19 14.19 -0.87
N ARG A 548 3.52 13.07 -0.24
CA ARG A 548 4.07 11.94 -0.97
C ARG A 548 3.06 11.38 -1.97
N ALA A 549 3.55 11.00 -3.14
CA ALA A 549 2.70 10.35 -4.13
C ALA A 549 2.44 8.91 -3.73
N ARG A 550 1.35 8.35 -4.25
CA ARG A 550 0.93 6.99 -3.95
C ARG A 550 0.64 6.25 -5.24
N THR A 551 1.21 5.05 -5.38
CA THR A 551 1.00 4.24 -6.56
C THR A 551 0.22 2.98 -6.21
N VAL A 552 -0.60 2.53 -7.18
CA VAL A 552 -1.38 1.32 -7.04
C VAL A 552 -1.23 0.50 -8.31
N GLY A 553 -0.97 -0.80 -8.15
CA GLY A 553 -0.73 -1.67 -9.27
C GLY A 553 -2.01 -2.36 -9.72
N GLY A 554 -2.18 -2.46 -11.04
CA GLY A 554 -3.31 -3.17 -11.61
C GLY A 554 -2.93 -4.54 -12.11
N VAL A 555 -3.29 -5.58 -11.36
CA VAL A 555 -2.87 -6.94 -11.71
C VAL A 555 -3.52 -7.35 -13.02
N SER A 556 -2.82 -8.16 -13.80
CA SER A 556 -3.34 -8.60 -15.09
C SER A 556 -4.66 -9.33 -14.91
N LEU A 557 -5.48 -9.34 -15.96
CA LEU A 557 -6.81 -9.90 -15.85
C LEU A 557 -6.78 -11.39 -15.51
N LEU A 558 -5.89 -12.14 -16.16
CA LEU A 558 -5.86 -13.59 -15.96
C LEU A 558 -5.55 -13.96 -14.52
N SER A 559 -4.98 -13.05 -13.74
CA SER A 559 -4.70 -13.34 -12.34
C SER A 559 -5.95 -13.16 -11.48
N THR A 560 -6.66 -12.05 -11.67
CA THR A 560 -7.88 -11.81 -10.89
C THR A 560 -9.03 -12.67 -11.39
N MET A 561 -9.11 -12.88 -12.71
CA MET A 561 -10.19 -13.70 -13.25
C MET A 561 -10.17 -15.10 -12.66
N THR A 562 -8.99 -15.59 -12.30
CA THR A 562 -8.84 -16.93 -11.73
C THR A 562 -8.75 -16.88 -10.20
N THR A 563 -8.13 -15.84 -9.64
CA THR A 563 -7.93 -15.80 -8.21
C THR A 563 -9.25 -15.71 -7.45
N ARG A 564 -10.16 -14.83 -7.89
CA ARG A 564 -11.40 -14.65 -7.15
C ARG A 564 -12.32 -15.86 -7.32
N GLN A 565 -12.25 -16.53 -8.47
CA GLN A 565 -13.01 -17.77 -8.62
C GLN A 565 -12.56 -18.82 -7.63
N TYR A 566 -11.37 -18.64 -7.05
CA TYR A 566 -10.85 -19.58 -6.06
C TYR A 566 -11.14 -19.11 -4.64
N HIS A 567 -11.28 -17.80 -4.43
CA HIS A 567 -11.49 -17.24 -3.10
C HIS A 567 -12.87 -16.65 -2.88
N GLN A 568 -13.66 -16.44 -3.94
CA GLN A 568 -14.89 -15.67 -3.79
C GLN A 568 -15.79 -16.21 -2.70
N LYS A 569 -15.89 -17.53 -2.55
CA LYS A 569 -16.82 -18.09 -1.58
C LYS A 569 -16.38 -17.79 -0.16
N HIS A 570 -15.08 -17.79 0.11
CA HIS A 570 -14.60 -17.47 1.46
C HIS A 570 -14.71 -15.98 1.75
N LEU A 571 -14.33 -15.14 0.78
CA LEU A 571 -14.34 -13.70 1.01
C LEU A 571 -15.76 -13.20 1.25
N LYS A 572 -16.73 -13.67 0.46
CA LYS A 572 -18.10 -13.25 0.65
C LYS A 572 -18.68 -13.71 1.99
N SER A 573 -18.07 -14.72 2.61
CA SER A 573 -18.53 -15.15 3.93
C SER A 573 -18.04 -14.20 5.02
N ILE A 574 -16.90 -13.54 4.81
CA ILE A 574 -16.37 -12.63 5.81
C ILE A 574 -17.26 -11.39 5.91
N VAL A 575 -17.81 -10.94 4.79
CA VAL A 575 -18.65 -9.74 4.79
C VAL A 575 -20.09 -10.04 5.18
N ASN A 576 -20.49 -11.31 5.19
CA ASN A 576 -21.85 -11.66 5.62
C ASN A 576 -21.92 -11.98 7.10
N THR A 577 -20.84 -12.52 7.67
CA THR A 577 -20.81 -12.79 9.10
C THR A 577 -20.71 -11.48 9.87
N ARG A 578 -21.53 -11.34 10.92
CA ARG A 578 -21.60 -10.11 11.68
C ARG A 578 -21.44 -10.42 13.17
N GLY A 579 -20.61 -9.62 13.84
CA GLY A 579 -20.29 -9.85 15.23
C GLY A 579 -19.03 -10.69 15.39
N ALA A 580 -17.96 -10.29 14.72
CA ALA A 580 -16.70 -11.03 14.77
C ALA A 580 -15.55 -10.03 14.79
N SER A 581 -14.33 -10.57 14.85
CA SER A 581 -13.14 -9.72 14.90
C SER A 581 -12.96 -8.90 13.62
N VAL A 582 -13.21 -9.49 12.46
CA VAL A 582 -13.06 -8.79 11.19
C VAL A 582 -14.35 -8.03 10.90
N VAL A 583 -14.22 -6.75 10.54
CA VAL A 583 -15.35 -5.83 10.45
C VAL A 583 -15.61 -5.42 9.01
N ILE A 584 -14.90 -6.02 8.04
CA ILE A 584 -14.92 -5.54 6.66
C ILE A 584 -16.32 -5.38 6.10
N GLY A 585 -17.32 -6.08 6.65
CA GLY A 585 -18.65 -6.08 6.09
C GLY A 585 -19.71 -5.30 6.84
N THR A 586 -19.35 -4.57 7.91
CA THR A 586 -20.33 -3.88 8.73
C THR A 586 -20.49 -2.44 8.29
N THR A 587 -21.72 -1.93 8.36
CA THR A 587 -22.01 -0.56 7.98
C THR A 587 -21.88 0.36 9.17
N LYS A 588 -21.56 1.63 8.90
CA LYS A 588 -21.55 2.63 9.97
C LYS A 588 -22.87 3.37 10.11
N PHE A 589 -23.83 3.12 9.21
CA PHE A 589 -25.13 3.75 9.28
C PHE A 589 -26.11 2.87 10.06
N TYR A 590 -27.30 3.40 10.29
CA TYR A 590 -28.38 2.65 10.95
C TYR A 590 -27.92 2.08 12.29
N GLY A 591 -27.13 2.85 13.03
CA GLY A 591 -26.67 2.39 14.33
C GLY A 591 -25.60 1.32 14.28
N GLY A 592 -25.00 1.07 13.12
CA GLY A 592 -23.96 0.05 13.03
C GLY A 592 -22.74 0.39 13.86
N TRP A 593 -22.36 1.67 13.91
CA TRP A 593 -21.19 2.06 14.67
C TRP A 593 -21.35 1.76 16.15
N ASP A 594 -22.53 2.03 16.71
CA ASP A 594 -22.75 1.75 18.12
C ASP A 594 -22.63 0.26 18.43
N ASN A 595 -23.19 -0.58 17.56
CA ASN A 595 -23.12 -2.02 17.78
C ASN A 595 -21.68 -2.51 17.76
N MET A 596 -20.86 -1.99 16.84
CA MET A 596 -19.48 -2.42 16.74
C MET A 596 -18.72 -2.14 18.03
N LEU A 597 -18.85 -0.92 18.56
CA LEU A 597 -18.09 -0.56 19.76
C LEU A 597 -18.66 -1.22 21.01
N LYS A 598 -19.98 -1.30 21.12
CA LYS A 598 -20.58 -1.90 22.31
C LYS A 598 -20.31 -3.39 22.38
N ASN A 599 -20.13 -4.05 21.23
CA ASN A 599 -19.78 -5.46 21.23
C ASN A 599 -18.32 -5.68 21.58
N LEU A 600 -17.44 -4.78 21.12
CA LEU A 600 -16.02 -4.90 21.43
C LEU A 600 -15.77 -4.74 22.93
N ILE A 601 -16.47 -3.80 23.57
CA ILE A 601 -16.18 -3.47 24.95
C ILE A 601 -16.80 -4.49 25.91
N ASP A 602 -17.79 -5.24 25.45
CA ASP A 602 -18.52 -6.13 26.34
C ASP A 602 -17.64 -7.31 26.76
N GLY A 603 -17.64 -7.60 28.06
CA GLY A 603 -16.99 -8.78 28.59
C GLY A 603 -15.58 -8.57 29.12
N VAL A 604 -14.95 -7.44 28.83
CA VAL A 604 -13.58 -7.19 29.24
C VAL A 604 -13.60 -6.48 30.60
N GLU A 605 -12.97 -7.10 31.59
CA GLU A 605 -12.94 -6.53 32.93
C GLU A 605 -11.91 -5.41 33.02
N ASN A 606 -12.29 -4.33 33.71
CA ASN A 606 -11.39 -3.20 33.92
C ASN A 606 -10.83 -2.74 32.59
N PRO A 607 -11.68 -2.25 31.68
CA PRO A 607 -11.26 -2.07 30.29
C PRO A 607 -10.38 -0.87 30.02
N CYS A 608 -9.55 -0.97 28.99
CA CYS A 608 -8.82 0.14 28.41
C CYS A 608 -8.89 0.01 26.90
N LEU A 609 -8.45 1.05 26.20
CA LEU A 609 -8.62 1.12 24.75
C LEU A 609 -7.34 1.65 24.13
N MET A 610 -6.88 1.00 23.04
CA MET A 610 -5.69 1.45 22.34
C MET A 610 -5.82 1.17 20.86
N GLY A 611 -4.97 1.84 20.08
CA GLY A 611 -4.77 1.49 18.69
C GLY A 611 -3.29 1.54 18.36
N TRP A 612 -2.97 1.20 17.11
CA TRP A 612 -1.59 1.21 16.66
C TRP A 612 -1.54 1.47 15.16
N ASP A 613 -0.32 1.66 14.65
CA ASP A 613 -0.10 2.07 13.28
C ASP A 613 1.12 1.32 12.74
N TYR A 614 1.03 0.90 11.47
CA TYR A 614 2.15 0.25 10.79
C TYR A 614 2.82 1.26 9.87
N PRO A 615 4.09 1.62 10.09
CA PRO A 615 4.75 2.55 9.16
C PRO A 615 5.05 1.89 7.83
N LYS A 616 4.50 2.44 6.77
CA LYS A 616 4.73 1.95 5.41
C LYS A 616 4.43 0.45 5.32
N CYS A 617 3.16 0.11 5.55
CA CYS A 617 2.76 -1.31 5.57
C CYS A 617 2.97 -1.96 4.21
N ASP A 618 2.60 -1.27 3.13
CA ASP A 618 2.66 -1.88 1.81
C ASP A 618 4.08 -2.27 1.44
N ARG A 619 5.08 -1.50 1.87
CA ARG A 619 6.45 -1.71 1.43
C ARG A 619 7.21 -2.68 2.34
N ALA A 620 7.01 -2.58 3.65
CA ALA A 620 7.81 -3.31 4.62
C ALA A 620 7.21 -4.66 5.01
N LEU A 621 6.07 -5.04 4.44
CA LEU A 621 5.45 -6.30 4.81
C LEU A 621 6.37 -7.45 4.44
N PRO A 622 6.75 -8.31 5.38
CA PRO A 622 7.71 -9.38 5.06
C PRO A 622 7.09 -10.44 4.17
N ASN A 623 7.97 -11.09 3.39
CA ASN A 623 7.51 -12.13 2.47
C ASN A 623 6.92 -13.32 3.22
N MET A 624 7.54 -13.72 4.33
CA MET A 624 7.10 -14.93 5.02
C MET A 624 5.68 -14.78 5.55
N ILE A 625 5.35 -13.61 6.11
CA ILE A 625 4.02 -13.44 6.70
C ILE A 625 2.96 -13.16 5.65
N ARG A 626 3.36 -12.72 4.45
CA ARG A 626 2.38 -12.59 3.37
C ARG A 626 2.03 -13.95 2.80
N MET A 627 3.01 -14.86 2.74
CA MET A 627 2.72 -16.22 2.28
C MET A 627 1.77 -16.92 3.22
N ILE A 628 1.98 -16.76 4.54
CA ILE A 628 1.11 -17.41 5.51
C ILE A 628 -0.32 -16.90 5.38
N SER A 629 -0.48 -15.61 5.07
CA SER A 629 -1.81 -15.08 4.85
C SER A 629 -2.52 -15.78 3.70
N ALA A 630 -1.76 -16.23 2.69
CA ALA A 630 -2.35 -16.99 1.59
C ALA A 630 -2.62 -18.43 1.97
N MET A 631 -1.88 -18.97 2.95
CA MET A 631 -2.12 -20.35 3.39
C MET A 631 -3.35 -20.44 4.28
N ILE A 632 -3.59 -19.43 5.12
CA ILE A 632 -4.74 -19.49 6.03
C ILE A 632 -6.04 -19.35 5.25
N LEU A 633 -6.08 -18.41 4.31
CA LEU A 633 -7.30 -18.21 3.51
C LEU A 633 -7.60 -19.40 2.62
N GLY A 634 -6.60 -20.22 2.31
CA GLY A 634 -6.83 -21.40 1.48
C GLY A 634 -7.01 -22.68 2.26
N SER A 635 -6.92 -22.63 3.58
CA SER A 635 -7.05 -23.84 4.39
C SER A 635 -8.45 -24.42 4.35
N LYS A 636 -9.43 -23.66 3.86
CA LYS A 636 -10.80 -24.15 3.82
C LYS A 636 -11.01 -25.18 2.72
N HIS A 637 -10.17 -25.19 1.68
CA HIS A 637 -10.30 -26.14 0.59
C HIS A 637 -9.80 -27.51 1.06
N THR A 638 -10.70 -28.24 1.72
CA THR A 638 -10.35 -29.52 2.32
C THR A 638 -10.79 -30.70 1.46
N THR A 639 -11.96 -30.59 0.81
CA THR A 639 -12.52 -31.69 0.02
C THR A 639 -12.41 -31.44 -1.49
N CYS A 640 -12.45 -30.19 -1.93
CA CYS A 640 -12.50 -29.89 -3.34
C CYS A 640 -11.13 -29.94 -4.01
N CYS A 641 -10.04 -29.93 -3.25
CA CYS A 641 -8.70 -29.92 -3.82
C CYS A 641 -7.80 -30.87 -3.05
N SER A 642 -6.93 -31.57 -3.77
CA SER A 642 -5.94 -32.43 -3.15
C SER A 642 -4.74 -31.60 -2.68
N SER A 643 -3.77 -32.28 -2.08
CA SER A 643 -2.62 -31.57 -1.52
C SER A 643 -1.85 -30.82 -2.58
N THR A 644 -1.61 -31.45 -3.73
CA THR A 644 -0.80 -30.83 -4.77
C THR A 644 -1.56 -29.71 -5.47
N ASP A 645 -2.89 -29.80 -5.54
CA ASP A 645 -3.66 -28.74 -6.17
C ASP A 645 -3.59 -27.44 -5.39
N ARG A 646 -3.50 -27.53 -4.06
CA ARG A 646 -3.42 -26.32 -3.26
C ARG A 646 -2.04 -25.67 -3.36
N PHE A 647 -0.99 -26.49 -3.54
CA PHE A 647 0.35 -25.93 -3.68
C PHE A 647 0.46 -25.09 -4.94
N PHE A 648 -0.03 -25.60 -6.07
CA PHE A 648 0.10 -24.86 -7.32
C PHE A 648 -0.84 -23.67 -7.37
N ARG A 649 -1.85 -23.64 -6.50
CA ARG A 649 -2.66 -22.43 -6.36
C ARG A 649 -1.99 -21.43 -5.42
N LEU A 650 -1.13 -21.91 -4.52
CA LEU A 650 -0.34 -21.01 -3.70
C LEU A 650 0.76 -20.36 -4.53
N CYS A 651 1.45 -21.16 -5.36
CA CYS A 651 2.52 -20.62 -6.19
C CYS A 651 1.99 -19.58 -7.17
N ASN A 652 0.81 -19.82 -7.74
CA ASN A 652 0.25 -18.85 -8.68
C ASN A 652 -0.01 -17.50 -8.01
N GLU A 653 -0.29 -17.49 -6.71
CA GLU A 653 -0.47 -16.23 -6.00
C GLU A 653 0.87 -15.54 -5.77
N LEU A 654 1.89 -16.31 -5.42
CA LEU A 654 3.21 -15.72 -5.20
C LEU A 654 3.82 -15.23 -6.50
N ALA A 655 3.63 -15.97 -7.59
CA ALA A 655 4.24 -15.61 -8.87
C ALA A 655 3.55 -14.43 -9.52
N GLN A 656 2.30 -14.15 -9.17
CA GLN A 656 1.54 -13.11 -9.84
C GLN A 656 1.32 -11.86 -8.98
N VAL A 657 1.59 -11.94 -7.68
CA VAL A 657 1.35 -10.84 -6.75
C VAL A 657 2.60 -10.47 -5.97
N LEU A 658 3.24 -11.44 -5.31
CA LEU A 658 4.35 -11.14 -4.43
C LEU A 658 5.57 -10.69 -5.22
N THR A 659 6.08 -11.56 -6.08
CA THR A 659 7.22 -11.25 -6.95
C THR A 659 6.72 -11.17 -8.39
N GLU A 660 6.93 -10.02 -9.02
CA GLU A 660 6.32 -9.72 -10.30
C GLU A 660 7.29 -8.98 -11.21
N VAL A 661 6.93 -8.93 -12.49
CA VAL A 661 7.60 -8.08 -13.46
C VAL A 661 6.75 -6.82 -13.61
N VAL A 662 7.23 -5.71 -13.08
CA VAL A 662 6.45 -4.48 -12.98
C VAL A 662 6.79 -3.58 -14.16
N TYR A 663 5.76 -3.12 -14.86
CA TYR A 663 5.92 -2.22 -16.00
C TYR A 663 5.49 -0.82 -15.58
N SER A 664 6.37 0.16 -15.77
CA SER A 664 6.08 1.54 -15.37
C SER A 664 6.88 2.48 -16.26
N ASN A 665 6.18 3.32 -17.03
CA ASN A 665 6.80 4.35 -17.86
C ASN A 665 7.66 3.78 -18.97
N GLY A 666 7.40 2.54 -19.40
CA GLY A 666 8.10 1.96 -20.52
C GLY A 666 9.29 1.09 -20.17
N GLY A 667 9.47 0.73 -18.90
CA GLY A 667 10.54 -0.16 -18.49
C GLY A 667 10.00 -1.22 -17.54
N PHE A 668 10.51 -2.44 -17.68
CA PHE A 668 10.08 -3.56 -16.86
C PHE A 668 11.07 -3.77 -15.73
N TYR A 669 10.58 -3.73 -14.50
CA TYR A 669 11.39 -3.91 -13.31
C TYR A 669 10.97 -5.19 -12.60
N LEU A 670 11.92 -5.79 -11.88
CA LEU A 670 11.67 -7.01 -11.12
C LEU A 670 11.39 -6.63 -9.67
N LYS A 671 10.16 -6.87 -9.22
CA LYS A 671 9.75 -6.44 -7.89
C LYS A 671 10.33 -7.37 -6.84
N PRO A 672 10.82 -6.86 -5.70
CA PRO A 672 11.44 -7.74 -4.71
C PRO A 672 10.48 -8.38 -3.73
N GLY A 673 9.31 -7.80 -3.49
CA GLY A 673 8.37 -8.37 -2.54
C GLY A 673 7.42 -7.32 -2.02
N GLY A 674 6.85 -7.60 -0.85
CA GLY A 674 5.87 -6.72 -0.25
C GLY A 674 4.46 -7.08 -0.64
N THR A 675 3.66 -6.08 -1.03
CA THR A 675 2.29 -6.29 -1.44
C THR A 675 1.88 -5.20 -2.42
N THR A 676 0.82 -5.46 -3.18
CA THR A 676 0.26 -4.48 -4.10
C THR A 676 -1.23 -4.37 -3.84
N SER A 677 -1.74 -3.13 -3.84
CA SER A 677 -3.13 -2.89 -3.50
C SER A 677 -4.11 -3.49 -4.49
N GLY A 678 -3.67 -3.83 -5.70
CA GLY A 678 -4.56 -4.34 -6.72
C GLY A 678 -4.87 -5.82 -6.62
N ASP A 679 -4.34 -6.51 -5.64
CA ASP A 679 -4.60 -7.94 -5.50
C ASP A 679 -6.08 -8.18 -5.20
N ALA A 680 -6.56 -9.39 -5.54
CA ALA A 680 -7.94 -9.74 -5.25
C ALA A 680 -8.18 -9.98 -3.76
N THR A 681 -7.12 -10.24 -2.99
CA THR A 681 -7.22 -10.47 -1.55
C THR A 681 -6.56 -9.37 -0.74
N THR A 682 -6.53 -8.14 -1.24
CA THR A 682 -5.82 -7.06 -0.55
C THR A 682 -6.41 -6.81 0.84
N ALA A 683 -7.69 -6.42 0.89
CA ALA A 683 -8.30 -6.01 2.15
C ALA A 683 -8.47 -7.17 3.12
N TYR A 684 -8.32 -8.41 2.65
CA TYR A 684 -8.44 -9.57 3.53
C TYR A 684 -7.10 -10.20 3.86
N ALA A 685 -6.12 -10.08 2.95
CA ALA A 685 -4.79 -10.58 3.25
C ALA A 685 -4.07 -9.68 4.24
N ASN A 686 -4.38 -8.38 4.24
CA ASN A 686 -3.85 -7.50 5.28
C ASN A 686 -4.43 -7.84 6.64
N SER A 687 -5.72 -8.19 6.68
CA SER A 687 -6.37 -8.47 7.96
C SER A 687 -5.74 -9.68 8.66
N VAL A 688 -5.43 -10.74 7.91
CA VAL A 688 -4.82 -11.91 8.53
C VAL A 688 -3.43 -11.56 9.06
N PHE A 689 -2.66 -10.75 8.30
CA PHE A 689 -1.37 -10.31 8.78
C PHE A 689 -1.51 -9.45 10.03
N ASN A 690 -2.56 -8.63 10.07
CA ASN A 690 -2.77 -7.76 11.23
C ASN A 690 -2.96 -8.56 12.51
N ILE A 691 -3.72 -9.65 12.43
CA ILE A 691 -3.94 -10.48 13.62
C ILE A 691 -2.69 -11.29 13.93
N PHE A 692 -1.85 -11.56 12.93
CA PHE A 692 -0.62 -12.30 13.19
C PHE A 692 0.32 -11.49 14.06
N GLN A 693 0.42 -10.18 13.81
CA GLN A 693 1.28 -9.33 14.64
C GLN A 693 0.70 -9.15 16.03
N ALA A 694 -0.63 -8.96 16.13
CA ALA A 694 -1.26 -8.75 17.42
C ALA A 694 -1.09 -9.97 18.32
N VAL A 695 -1.29 -11.17 17.79
CA VAL A 695 -1.10 -12.38 18.59
C VAL A 695 0.37 -12.61 18.87
N SER A 696 1.23 -12.36 17.88
CA SER A 696 2.66 -12.60 18.07
C SER A 696 3.24 -11.67 19.13
N ALA A 697 2.60 -10.53 19.38
CA ALA A 697 3.05 -9.65 20.46
C ALA A 697 2.64 -10.20 21.82
N ASN A 698 1.50 -10.89 21.90
CA ASN A 698 1.09 -11.50 23.15
C ASN A 698 2.00 -12.65 23.52
N VAL A 699 2.29 -13.54 22.57
CA VAL A 699 3.11 -14.71 22.85
C VAL A 699 4.51 -14.28 23.26
N ASN A 700 5.04 -13.25 22.62
CA ASN A 700 6.41 -12.84 22.88
C ASN A 700 6.59 -12.35 24.31
N LYS A 701 5.61 -11.59 24.82
CA LYS A 701 5.76 -11.01 26.16
C LYS A 701 5.33 -11.98 27.25
N LEU A 702 4.26 -12.75 27.03
CA LEU A 702 3.80 -13.66 28.06
C LEU A 702 4.91 -14.61 28.50
N LEU A 703 5.79 -14.99 27.57
CA LEU A 703 6.90 -15.86 27.91
C LEU A 703 7.92 -15.18 28.80
N SER A 704 8.00 -13.85 28.76
CA SER A 704 9.09 -13.12 29.40
C SER A 704 8.77 -12.66 30.82
N VAL A 705 7.57 -12.94 31.35
CA VAL A 705 7.24 -12.52 32.70
C VAL A 705 7.80 -13.53 33.69
N ASP A 706 8.44 -13.02 34.74
CA ASP A 706 9.08 -13.88 35.73
C ASP A 706 8.03 -14.78 36.37
N SER A 707 8.12 -16.08 36.09
CA SER A 707 7.13 -17.02 36.60
C SER A 707 7.26 -17.25 38.09
N ASN A 708 8.32 -16.76 38.71
CA ASN A 708 8.55 -16.98 40.14
C ASN A 708 7.75 -16.02 41.01
N VAL A 709 7.13 -14.99 40.44
CA VAL A 709 6.36 -14.01 41.20
C VAL A 709 4.91 -13.93 40.72
N CYS A 710 4.57 -14.63 39.65
CA CYS A 710 3.19 -14.66 39.20
C CYS A 710 2.32 -15.39 40.22
N HIS A 711 1.10 -14.87 40.42
CA HIS A 711 0.15 -15.48 41.34
C HIS A 711 -1.18 -15.83 40.69
N ASN A 712 -1.48 -15.29 39.52
CA ASN A 712 -2.69 -15.67 38.79
C ASN A 712 -2.46 -17.06 38.22
N LEU A 713 -2.91 -18.09 38.94
CA LEU A 713 -2.53 -19.45 38.61
C LEU A 713 -2.94 -19.84 37.20
N GLU A 714 -4.05 -19.29 36.70
CA GLU A 714 -4.44 -19.58 35.32
C GLU A 714 -3.41 -19.06 34.33
N VAL A 715 -2.89 -17.85 34.57
CA VAL A 715 -1.83 -17.31 33.70
C VAL A 715 -0.53 -18.05 33.91
N LYS A 716 -0.20 -18.37 35.17
CA LYS A 716 1.04 -19.08 35.45
C LYS A 716 1.09 -20.42 34.73
N GLN A 717 -0.01 -21.16 34.77
CA GLN A 717 -0.05 -22.45 34.08
C GLN A 717 -0.01 -22.27 32.57
N LEU A 718 -0.67 -21.24 32.05
CA LEU A 718 -0.65 -21.00 30.61
C LEU A 718 0.76 -20.73 30.12
N GLN A 719 1.53 -19.93 30.87
CA GLN A 719 2.89 -19.62 30.46
C GLN A 719 3.72 -20.90 30.34
N ARG A 720 3.65 -21.76 31.35
CA ARG A 720 4.43 -22.99 31.33
C ARG A 720 3.99 -23.90 30.18
N LYS A 721 2.69 -24.02 29.97
CA LYS A 721 2.21 -24.83 28.85
C LYS A 721 2.60 -24.20 27.51
N LEU A 722 2.61 -22.87 27.44
CA LEU A 722 2.97 -22.20 26.19
C LEU A 722 4.42 -22.46 25.83
N TYR A 723 5.33 -22.28 26.78
CA TYR A 723 6.75 -22.51 26.51
C TYR A 723 6.99 -23.98 26.16
N GLU A 724 6.37 -24.89 26.91
CA GLU A 724 6.56 -26.31 26.64
C GLU A 724 6.03 -26.69 25.26
N CYS A 725 4.96 -26.05 24.82
CA CYS A 725 4.37 -26.37 23.52
C CYS A 725 5.20 -25.83 22.38
N CYS A 726 6.10 -24.88 22.64
CA CYS A 726 6.88 -24.26 21.58
C CYS A 726 8.24 -24.93 21.41
N TYR A 727 9.03 -24.97 22.47
CA TYR A 727 10.44 -25.37 22.38
C TYR A 727 10.70 -26.79 22.87
N ARG A 728 9.71 -27.49 23.40
CA ARG A 728 9.93 -28.84 23.93
C ARG A 728 8.80 -29.78 23.53
N SER A 729 8.29 -29.65 22.31
CA SER A 729 7.27 -30.56 21.82
C SER A 729 7.32 -30.59 20.30
N THR A 730 6.92 -31.73 19.73
CA THR A 730 6.94 -31.91 18.29
C THR A 730 5.59 -31.66 17.64
N THR A 731 4.49 -31.78 18.38
CA THR A 731 3.15 -31.56 17.86
C THR A 731 2.38 -30.66 18.81
N VAL A 732 1.67 -29.68 18.25
CA VAL A 732 0.87 -28.77 19.07
C VAL A 732 -0.42 -29.47 19.46
N ASP A 733 -0.68 -29.57 20.76
CA ASP A 733 -1.93 -30.13 21.25
C ASP A 733 -3.01 -29.06 21.12
N ASP A 734 -4.01 -29.31 20.27
CA ASP A 734 -5.03 -28.30 20.02
C ASP A 734 -5.86 -27.99 21.25
N GLN A 735 -5.78 -28.82 22.30
CA GLN A 735 -6.48 -28.52 23.53
C GLN A 735 -5.96 -27.22 24.15
N PHE A 736 -4.64 -27.02 24.15
CA PHE A 736 -4.09 -25.78 24.70
C PHE A 736 -4.51 -24.57 23.86
N VAL A 737 -4.48 -24.70 22.54
CA VAL A 737 -4.76 -23.55 21.68
C VAL A 737 -6.16 -23.03 21.92
N VAL A 738 -7.14 -23.93 22.04
CA VAL A 738 -8.49 -23.50 22.37
C VAL A 738 -8.56 -22.88 23.75
N GLU A 739 -7.70 -23.31 24.68
CA GLU A 739 -7.66 -22.71 26.01
C GLU A 739 -7.01 -21.33 25.97
N TYR A 740 -5.94 -21.18 25.20
CA TYR A 740 -5.28 -19.88 25.10
C TYR A 740 -6.09 -18.91 24.23
N TYR A 741 -6.67 -19.40 23.14
CA TYR A 741 -7.50 -18.53 22.31
C TYR A 741 -8.74 -18.06 23.06
N GLY A 742 -9.26 -18.88 23.98
CA GLY A 742 -10.36 -18.46 24.82
C GLY A 742 -9.94 -17.54 25.94
N TYR A 743 -8.63 -17.34 26.11
CA TYR A 743 -8.13 -16.41 27.11
C TYR A 743 -7.91 -15.03 26.51
N LEU A 744 -7.48 -14.97 25.24
CA LEU A 744 -7.35 -13.68 24.57
C LEU A 744 -8.70 -13.02 24.38
N ARG A 745 -9.72 -13.79 23.99
CA ARG A 745 -11.02 -13.21 23.69
C ARG A 745 -11.68 -12.56 24.89
N LYS A 746 -11.22 -12.87 26.10
CA LYS A 746 -11.79 -12.30 27.32
C LYS A 746 -11.04 -11.06 27.80
N HIS A 747 -9.74 -10.98 27.55
CA HIS A 747 -8.91 -9.89 28.06
C HIS A 747 -8.25 -9.07 26.98
N PHE A 748 -8.29 -9.50 25.72
CA PHE A 748 -7.60 -8.79 24.65
C PHE A 748 -8.48 -8.76 23.39
N SER A 749 -9.75 -8.41 23.55
CA SER A 749 -10.66 -8.37 22.41
C SER A 749 -10.17 -7.38 21.37
N MET A 750 -10.48 -7.66 20.10
CA MET A 750 -9.93 -6.93 18.96
C MET A 750 -11.04 -6.51 18.01
N MET A 751 -10.74 -5.48 17.21
CA MET A 751 -11.59 -5.08 16.10
C MET A 751 -10.67 -4.72 14.94
N ILE A 752 -10.65 -5.56 13.90
CA ILE A 752 -9.67 -5.47 12.83
C ILE A 752 -10.38 -5.17 11.53
N LEU A 753 -9.76 -4.34 10.69
CA LEU A 753 -10.27 -4.03 9.37
C LEU A 753 -9.07 -3.64 8.50
N SER A 754 -8.60 -4.58 7.68
CA SER A 754 -7.41 -4.38 6.85
C SER A 754 -6.25 -4.03 7.79
N ASP A 755 -5.54 -2.92 7.59
CA ASP A 755 -4.42 -2.55 8.44
C ASP A 755 -4.82 -1.57 9.54
N ASP A 756 -6.10 -1.29 9.71
CA ASP A 756 -6.59 -0.38 10.74
C ASP A 756 -7.45 -1.15 11.74
N GLY A 757 -7.15 -0.98 13.02
CA GLY A 757 -7.86 -1.72 14.04
C GLY A 757 -7.78 -1.04 15.39
N VAL A 758 -8.58 -1.57 16.32
CA VAL A 758 -8.65 -1.07 17.69
C VAL A 758 -8.66 -2.28 18.62
N VAL A 759 -8.17 -2.08 19.85
CA VAL A 759 -8.08 -3.14 20.84
C VAL A 759 -8.62 -2.62 22.17
N CYS A 760 -9.43 -3.44 22.82
CA CYS A 760 -9.85 -3.21 24.20
C CYS A 760 -9.29 -4.32 25.06
N TYR A 761 -8.47 -3.95 26.05
CA TYR A 761 -7.67 -4.92 26.78
C TYR A 761 -7.79 -4.66 28.28
N ASN A 762 -7.75 -5.74 29.05
CA ASN A 762 -7.77 -5.62 30.50
C ASN A 762 -6.57 -4.81 30.96
N ASN A 763 -6.82 -3.77 31.76
CA ASN A 763 -5.75 -2.86 32.14
C ASN A 763 -4.85 -3.45 33.22
N ASP A 764 -5.42 -4.17 34.18
CA ASP A 764 -4.62 -4.71 35.28
C ASP A 764 -3.60 -5.73 34.78
N TYR A 765 -4.03 -6.63 33.89
CA TYR A 765 -3.12 -7.65 33.39
C TYR A 765 -2.00 -7.03 32.56
N ALA A 766 -2.34 -6.05 31.71
CA ALA A 766 -1.32 -5.46 30.84
C ALA A 766 -0.21 -4.80 31.65
N SER A 767 -0.58 -4.08 32.72
CA SER A 767 0.43 -3.44 33.55
C SER A 767 1.43 -4.46 34.09
N LEU A 768 0.93 -5.62 34.52
CA LEU A 768 1.83 -6.67 34.99
C LEU A 768 2.53 -7.38 33.84
N GLY A 769 1.91 -7.40 32.67
CA GLY A 769 2.54 -7.96 31.48
C GLY A 769 1.93 -9.24 30.94
N TYR A 770 0.78 -9.67 31.45
CA TYR A 770 0.15 -10.90 30.97
C TYR A 770 -0.46 -10.75 29.58
N VAL A 771 -0.58 -9.53 29.07
CA VAL A 771 -1.14 -9.28 27.75
C VAL A 771 -0.26 -8.27 27.03
N ALA A 772 -0.61 -8.01 25.77
CA ALA A 772 0.20 -7.11 24.95
C ALA A 772 0.05 -5.68 25.42
N ASP A 773 0.97 -4.83 24.96
CA ASP A 773 0.99 -3.42 25.31
C ASP A 773 1.80 -2.69 24.24
N LEU A 774 1.59 -1.37 24.15
CA LEU A 774 2.28 -0.60 23.12
C LEU A 774 3.78 -0.80 23.18
N ASN A 775 4.35 -0.96 24.37
CA ASN A 775 5.77 -1.27 24.48
C ASN A 775 6.07 -2.67 23.94
N ALA A 776 5.05 -3.53 23.80
CA ALA A 776 5.27 -4.84 23.20
C ALA A 776 5.08 -4.81 21.70
N PHE A 777 4.29 -3.87 21.17
CA PHE A 777 4.13 -3.76 19.72
C PHE A 777 5.38 -3.15 19.09
N LYS A 778 6.10 -2.31 19.82
CA LYS A 778 7.38 -1.82 19.33
C LYS A 778 8.36 -2.98 19.12
N ALA A 779 8.35 -3.93 20.06
CA ALA A 779 9.32 -5.03 20.00
C ALA A 779 9.03 -5.95 18.82
N VAL A 780 7.75 -6.32 18.63
CA VAL A 780 7.43 -7.30 17.60
C VAL A 780 7.68 -6.74 16.21
N LEU A 781 7.38 -5.45 16.01
CA LEU A 781 7.60 -4.86 14.69
C LEU A 781 9.08 -4.74 14.38
N TYR A 782 9.91 -4.45 15.38
CA TYR A 782 11.33 -4.21 15.11
C TYR A 782 12.01 -5.45 14.55
N TYR A 783 11.71 -6.63 15.10
CA TYR A 783 12.37 -7.86 14.64
C TYR A 783 11.49 -8.71 13.74
N GLN A 784 10.24 -8.32 13.51
CA GLN A 784 9.38 -9.02 12.56
C GLN A 784 9.06 -8.17 11.35
N ASN A 785 9.18 -6.85 11.46
CA ASN A 785 8.96 -5.93 10.34
C ASN A 785 10.09 -4.94 10.13
N ASN A 786 11.08 -4.93 11.03
CA ASN A 786 12.19 -3.97 11.04
C ASN A 786 11.73 -2.59 10.55
N VAL A 787 10.72 -2.08 11.25
CA VAL A 787 10.29 -0.69 11.15
C VAL A 787 9.95 -0.21 12.55
N PHE A 788 10.33 1.04 12.85
CA PHE A 788 10.16 1.60 14.17
C PHE A 788 8.82 2.29 14.27
N MET A 789 8.05 1.95 15.31
CA MET A 789 6.70 2.49 15.50
C MET A 789 6.77 3.61 16.52
N SER A 790 6.88 4.84 16.03
CA SER A 790 6.98 5.99 16.91
C SER A 790 5.73 6.11 17.78
N ALA A 791 5.94 6.44 19.05
CA ALA A 791 4.83 6.48 20.01
C ALA A 791 3.85 7.61 19.74
N SER A 792 4.22 8.60 18.92
CA SER A 792 3.33 9.71 18.63
C SER A 792 2.28 9.36 17.57
N LYS A 793 2.46 8.25 16.86
CA LYS A 793 1.51 7.84 15.83
C LYS A 793 0.44 6.88 16.35
N CYS A 794 0.52 6.48 17.62
CA CYS A 794 -0.48 5.62 18.23
C CYS A 794 -1.03 6.31 19.48
N TRP A 795 -2.14 5.79 19.98
CA TRP A 795 -2.85 6.46 21.06
C TRP A 795 -3.37 5.43 22.06
N ILE A 796 -3.68 5.92 23.26
CA ILE A 796 -4.30 5.13 24.31
C ILE A 796 -5.39 5.98 24.97
N GLU A 797 -6.54 5.35 25.24
CA GLU A 797 -7.68 6.02 25.87
C GLU A 797 -8.04 5.26 27.12
N PRO A 798 -7.67 5.76 28.31
CA PRO A 798 -7.86 4.97 29.54
C PRO A 798 -9.30 4.81 29.98
N ASP A 799 -10.25 5.53 29.39
CA ASP A 799 -11.66 5.41 29.75
C ASP A 799 -12.48 5.17 28.49
N ILE A 800 -13.49 4.30 28.61
CA ILE A 800 -14.27 3.88 27.44
C ILE A 800 -15.41 4.82 27.09
N ASN A 801 -15.74 5.78 27.96
CA ASN A 801 -16.88 6.65 27.69
C ASN A 801 -16.68 7.51 26.46
N LYS A 802 -15.44 7.75 26.05
CA LYS A 802 -15.16 8.59 24.87
C LYS A 802 -15.03 7.78 23.59
N GLY A 803 -15.09 6.46 23.65
CA GLY A 803 -14.93 5.64 22.48
C GLY A 803 -13.51 5.70 21.95
N PRO A 804 -13.25 5.04 20.82
CA PRO A 804 -11.90 5.08 20.25
C PRO A 804 -11.54 6.48 19.80
N HIS A 805 -10.25 6.81 19.93
CA HIS A 805 -9.77 8.13 19.53
C HIS A 805 -9.96 8.35 18.03
N GLU A 806 -9.65 7.35 17.22
CA GLU A 806 -9.75 7.47 15.77
C GLU A 806 -9.74 6.08 15.17
N PHE A 807 -10.79 5.75 14.41
CA PHE A 807 -10.88 4.48 13.71
C PHE A 807 -11.54 4.73 12.37
N CYS A 808 -10.92 4.22 11.30
CA CYS A 808 -11.37 4.48 9.94
C CYS A 808 -11.45 5.98 9.67
N SER A 809 -10.45 6.72 10.16
CA SER A 809 -10.33 8.15 9.94
C SER A 809 -11.56 8.91 10.38
N GLN A 810 -12.26 8.43 11.41
CA GLN A 810 -13.45 9.09 11.93
C GLN A 810 -13.45 9.03 13.44
N HIS A 811 -13.56 10.20 14.07
CA HIS A 811 -13.64 10.29 15.52
C HIS A 811 -14.99 9.75 16.00
N THR A 812 -15.07 9.49 17.30
CA THR A 812 -16.28 8.94 17.92
C THR A 812 -16.72 9.82 19.07
N MET A 813 -18.03 9.97 19.21
CA MET A 813 -18.63 10.73 20.30
C MET A 813 -19.76 9.93 20.91
N GLN A 814 -19.99 10.15 22.21
CA GLN A 814 -21.07 9.50 22.94
C GLN A 814 -22.07 10.55 23.39
N ILE A 815 -23.35 10.29 23.13
CA ILE A 815 -24.43 11.20 23.52
C ILE A 815 -25.53 10.41 24.19
N VAL A 816 -26.32 11.10 25.01
CA VAL A 816 -27.44 10.50 25.73
C VAL A 816 -28.73 11.07 25.18
N ASP A 817 -29.66 10.19 24.82
CA ASP A 817 -30.93 10.61 24.23
C ASP A 817 -32.02 9.72 24.81
N LYS A 818 -33.07 10.33 25.36
CA LYS A 818 -34.18 9.61 25.99
C LYS A 818 -33.57 8.69 27.05
N ASP A 819 -33.96 7.41 27.10
CA ASP A 819 -33.38 6.47 28.06
C ASP A 819 -32.18 5.72 27.51
N GLY A 820 -31.77 6.00 26.27
CA GLY A 820 -30.67 5.29 25.65
C GLY A 820 -29.47 6.18 25.40
N THR A 821 -28.30 5.54 25.38
CA THR A 821 -27.04 6.22 25.08
C THR A 821 -26.31 5.43 24.02
N TYR A 822 -25.72 6.14 23.05
CA TYR A 822 -25.12 5.50 21.90
C TYR A 822 -23.96 6.34 21.38
N TYR A 823 -23.12 5.70 20.56
CA TYR A 823 -21.98 6.36 19.92
C TYR A 823 -22.38 6.85 18.54
N LEU A 824 -21.65 7.84 18.04
CA LEU A 824 -21.83 8.35 16.68
C LEU A 824 -20.48 8.70 16.09
N PRO A 825 -20.22 8.32 14.83
CA PRO A 825 -18.99 8.74 14.18
C PRO A 825 -19.15 10.03 13.40
N TYR A 826 -18.15 10.90 13.50
CA TYR A 826 -18.13 12.13 12.72
C TYR A 826 -16.74 12.33 12.14
N PRO A 827 -16.63 12.94 10.97
CA PRO A 827 -15.34 13.05 10.30
C PRO A 827 -14.56 14.28 10.75
N ASP A 828 -13.40 14.45 10.14
CA ASP A 828 -12.61 15.66 10.35
C ASP A 828 -13.27 16.80 9.59
N PRO A 829 -13.66 17.90 10.25
CA PRO A 829 -14.43 18.93 9.53
C PRO A 829 -13.72 19.47 8.30
N SER A 830 -12.40 19.64 8.35
CA SER A 830 -11.70 20.20 7.19
C SER A 830 -11.82 19.31 5.97
N ARG A 831 -12.08 18.01 6.16
CA ARG A 831 -12.22 17.11 5.02
C ARG A 831 -13.51 17.40 4.25
N ILE A 832 -14.60 17.68 4.96
CA ILE A 832 -15.87 17.91 4.28
C ILE A 832 -15.85 19.23 3.52
N LEU A 833 -15.34 20.30 4.14
CA LEU A 833 -15.27 21.58 3.46
C LEU A 833 -14.30 21.53 2.29
N SER A 834 -13.11 20.97 2.50
CA SER A 834 -12.11 20.93 1.44
C SER A 834 -12.55 20.02 0.30
N ALA A 835 -13.46 19.09 0.55
CA ALA A 835 -13.94 18.22 -0.52
C ALA A 835 -14.75 18.97 -1.55
N GLY A 836 -15.25 20.17 -1.21
CA GLY A 836 -16.07 20.93 -2.13
C GLY A 836 -15.33 22.07 -2.80
N VAL A 837 -14.36 22.66 -2.08
CA VAL A 837 -13.61 23.77 -2.65
C VAL A 837 -12.73 23.31 -3.80
N PHE A 838 -12.04 22.18 -3.62
CA PHE A 838 -11.14 21.64 -4.62
C PHE A 838 -11.78 20.42 -5.28
N VAL A 839 -11.89 20.45 -6.60
CA VAL A 839 -12.50 19.37 -7.37
C VAL A 839 -11.50 18.88 -8.41
N ASP A 840 -11.66 17.62 -8.81
CA ASP A 840 -10.71 16.97 -9.71
C ASP A 840 -11.11 17.05 -11.17
N ASP A 841 -12.17 17.80 -11.50
CA ASP A 841 -12.59 17.95 -12.89
C ASP A 841 -13.11 19.36 -13.08
N VAL A 842 -12.85 19.92 -14.27
CA VAL A 842 -13.21 21.30 -14.53
C VAL A 842 -14.73 21.49 -14.54
N VAL A 843 -15.47 20.54 -15.12
CA VAL A 843 -16.92 20.69 -15.19
C VAL A 843 -17.56 20.62 -13.82
N LYS A 844 -16.90 20.01 -12.84
CA LYS A 844 -17.40 20.03 -11.47
C LYS A 844 -17.25 21.38 -10.81
N THR A 845 -16.53 22.33 -11.44
CA THR A 845 -16.45 23.67 -10.89
C THR A 845 -17.80 24.36 -10.86
N ASP A 846 -18.70 23.99 -11.77
CA ASP A 846 -20.06 24.51 -11.80
C ASP A 846 -20.95 23.49 -11.08
N ALA A 847 -21.44 23.88 -9.90
CA ALA A 847 -22.14 22.93 -9.04
C ALA A 847 -23.51 22.56 -9.59
N VAL A 848 -24.18 23.50 -10.29
CA VAL A 848 -25.56 23.26 -10.72
C VAL A 848 -25.65 22.00 -11.56
N VAL A 849 -24.57 21.63 -12.25
CA VAL A 849 -24.62 20.43 -13.09
C VAL A 849 -24.77 19.17 -12.25
N LEU A 850 -24.15 19.13 -11.06
CA LEU A 850 -24.17 17.96 -10.19
C LEU A 850 -24.68 18.35 -8.81
N LEU A 851 -26.00 18.29 -8.63
CA LEU A 851 -26.58 18.57 -7.32
C LEU A 851 -26.24 17.49 -6.32
N GLU A 852 -26.23 16.23 -6.76
CA GLU A 852 -26.13 15.09 -5.85
C GLU A 852 -24.74 14.90 -5.28
N ARG A 853 -23.79 15.79 -5.55
CA ARG A 853 -22.47 15.69 -4.96
C ARG A 853 -22.40 16.25 -3.55
N TYR A 854 -23.25 17.21 -3.21
CA TYR A 854 -23.28 17.79 -1.87
C TYR A 854 -24.28 17.06 -0.98
N VAL A 855 -25.39 16.58 -1.56
CA VAL A 855 -26.07 15.45 -0.94
C VAL A 855 -25.16 14.24 -1.06
N SER A 856 -25.25 13.37 -0.06
CA SER A 856 -24.33 12.23 0.07
C SER A 856 -22.96 12.70 0.55
N LEU A 857 -22.79 14.02 0.67
CA LEU A 857 -21.64 14.57 1.37
C LEU A 857 -22.07 15.27 2.65
N ALA A 858 -23.33 15.70 2.71
CA ALA A 858 -23.91 16.17 3.97
C ALA A 858 -24.39 15.02 4.84
N ILE A 859 -24.64 13.86 4.25
CA ILE A 859 -24.99 12.68 5.04
C ILE A 859 -23.83 12.31 5.96
N ASP A 860 -22.60 12.45 5.48
CA ASP A 860 -21.44 12.21 6.33
C ASP A 860 -21.24 13.32 7.34
N ALA A 861 -21.74 14.53 7.05
CA ALA A 861 -21.51 15.68 7.91
C ALA A 861 -22.57 15.85 8.99
N TYR A 862 -23.65 15.06 8.95
CA TYR A 862 -24.70 15.20 9.96
C TYR A 862 -24.21 14.98 11.38
N PRO A 863 -23.43 13.94 11.67
CA PRO A 863 -22.98 13.73 13.06
C PRO A 863 -22.37 14.98 13.70
N LEU A 864 -21.81 15.88 12.89
CA LEU A 864 -21.27 17.11 13.45
C LEU A 864 -22.35 17.97 14.08
N SER A 865 -23.60 17.80 13.65
CA SER A 865 -24.68 18.62 14.20
C SER A 865 -24.84 18.41 15.70
N LYS A 866 -24.42 17.25 16.21
CA LYS A 866 -24.51 16.98 17.64
C LYS A 866 -23.33 17.57 18.40
N HIS A 867 -22.32 18.08 17.68
CA HIS A 867 -21.06 18.43 18.32
C HIS A 867 -21.21 19.71 19.15
N GLU A 868 -20.31 19.84 20.13
CA GLU A 868 -20.38 20.96 21.06
C GLU A 868 -19.97 22.27 20.41
N ASN A 869 -18.86 22.26 19.67
CA ASN A 869 -18.27 23.49 19.17
C ASN A 869 -19.21 24.16 18.16
N PRO A 870 -19.58 25.42 18.36
CA PRO A 870 -20.51 26.05 17.40
C PRO A 870 -19.99 26.09 15.98
N GLU A 871 -18.66 26.23 15.77
CA GLU A 871 -18.13 26.23 14.42
C GLU A 871 -18.34 24.89 13.74
N TYR A 872 -18.15 23.78 14.46
CA TYR A 872 -18.41 22.47 13.87
C TYR A 872 -19.88 22.32 13.53
N LYS A 873 -20.76 22.92 14.33
CA LYS A 873 -22.19 22.85 14.07
C LYS A 873 -22.54 23.49 12.73
N LYS A 874 -21.89 24.62 12.40
CA LYS A 874 -22.17 25.30 11.15
C LYS A 874 -21.85 24.43 9.94
N VAL A 875 -20.91 23.48 10.08
CA VAL A 875 -20.45 22.72 8.93
C VAL A 875 -21.61 21.97 8.29
N PHE A 876 -22.49 21.38 9.10
CA PHE A 876 -23.63 20.67 8.54
C PHE A 876 -24.67 21.63 7.98
N TYR A 877 -25.00 22.69 8.72
CA TYR A 877 -26.10 23.55 8.31
C TYR A 877 -25.75 24.38 7.09
N VAL A 878 -24.46 24.67 6.87
CA VAL A 878 -24.08 25.39 5.66
C VAL A 878 -24.32 24.51 4.44
N LEU A 879 -24.08 23.21 4.55
CA LEU A 879 -24.31 22.31 3.41
C LEU A 879 -25.79 22.23 3.06
N LEU A 880 -26.67 22.39 4.04
CA LEU A 880 -28.11 22.41 3.73
C LEU A 880 -28.50 23.67 2.98
N ASP A 881 -27.99 24.83 3.40
CA ASP A 881 -28.25 26.06 2.66
C ASP A 881 -27.67 26.00 1.26
N TRP A 882 -26.48 25.42 1.11
CA TRP A 882 -25.85 25.33 -0.21
C TRP A 882 -26.69 24.48 -1.15
N VAL A 883 -27.22 23.35 -0.66
CA VAL A 883 -28.07 22.52 -1.50
C VAL A 883 -29.36 23.23 -1.83
N LYS A 884 -29.90 23.99 -0.86
CA LYS A 884 -31.10 24.78 -1.14
C LYS A 884 -30.84 25.81 -2.22
N HIS A 885 -29.67 26.44 -2.18
CA HIS A 885 -29.34 27.45 -3.19
C HIS A 885 -29.26 26.85 -4.58
N LEU A 886 -28.70 25.65 -4.70
CA LEU A 886 -28.55 25.03 -6.02
C LEU A 886 -29.90 24.65 -6.60
N TYR A 887 -30.75 23.99 -5.80
CA TYR A 887 -32.04 23.53 -6.32
C TYR A 887 -32.90 24.71 -6.78
N LYS A 888 -32.92 25.80 -6.01
CA LYS A 888 -33.71 26.95 -6.41
C LYS A 888 -33.10 27.68 -7.60
N THR A 889 -31.80 27.54 -7.82
CA THR A 889 -31.17 28.13 -8.99
C THR A 889 -31.50 27.34 -10.26
N LEU A 890 -31.48 26.01 -10.17
CA LEU A 890 -31.77 25.18 -11.32
C LEU A 890 -33.21 25.34 -11.76
N ASN A 891 -34.14 25.32 -10.80
CA ASN A 891 -35.56 25.40 -11.14
C ASN A 891 -35.87 26.71 -11.86
N ALA A 892 -35.37 27.84 -11.33
CA ALA A 892 -35.60 29.11 -12.00
C ALA A 892 -34.86 29.19 -13.33
N GLY A 893 -33.69 28.55 -13.42
CA GLY A 893 -32.97 28.54 -14.67
C GLY A 893 -33.72 27.81 -15.78
N VAL A 894 -34.28 26.64 -15.46
CA VAL A 894 -35.01 25.88 -16.46
C VAL A 894 -36.27 26.62 -16.88
N LEU A 895 -36.93 27.30 -15.93
CA LEU A 895 -38.12 28.07 -16.26
C LEU A 895 -37.81 29.15 -17.28
N GLU A 896 -36.75 29.93 -17.04
CA GLU A 896 -36.41 31.02 -17.94
C GLU A 896 -35.98 30.47 -19.30
N SER A 897 -35.18 29.41 -19.32
CA SER A 897 -34.58 28.95 -20.56
C SER A 897 -35.58 28.16 -21.42
N PHE A 898 -36.47 27.38 -20.79
CA PHE A 898 -37.38 26.54 -21.55
C PHE A 898 -38.85 26.65 -21.12
N SER A 899 -39.17 27.48 -20.14
CA SER A 899 -40.56 27.81 -19.81
C SER A 899 -41.33 26.63 -19.23
N VAL A 900 -40.64 25.66 -18.64
CA VAL A 900 -41.27 24.55 -17.92
C VAL A 900 -40.78 24.60 -16.48
N THR A 901 -41.73 24.64 -15.53
CA THR A 901 -41.43 24.84 -14.12
C THR A 901 -41.36 23.50 -13.41
N LEU A 902 -40.24 23.25 -12.74
CA LEU A 902 -40.10 22.02 -11.97
C LEU A 902 -40.78 22.16 -10.62
N LEU A 903 -41.44 21.09 -10.19
CA LEU A 903 -42.14 21.10 -8.90
C LEU A 903 -41.15 20.85 -7.78
N GLU A 904 -41.24 21.68 -6.73
CA GLU A 904 -40.27 21.62 -5.64
C GLU A 904 -40.68 20.67 -4.53
N ASP A 905 -41.95 20.24 -4.51
CA ASP A 905 -42.43 19.42 -3.39
C ASP A 905 -41.69 18.09 -3.32
N SER A 906 -41.44 17.46 -4.47
CA SER A 906 -40.80 16.14 -4.46
C SER A 906 -39.38 16.22 -3.93
N THR A 907 -38.65 17.30 -4.24
CA THR A 907 -37.25 17.44 -3.87
C THR A 907 -37.04 18.35 -2.67
N ALA A 908 -38.08 18.65 -1.90
CA ALA A 908 -37.95 19.51 -0.74
C ALA A 908 -37.45 18.77 0.49
N LYS A 909 -37.21 17.46 0.40
CA LYS A 909 -36.75 16.70 1.54
C LYS A 909 -35.23 16.77 1.71
N PHE A 910 -34.51 17.32 0.75
CA PHE A 910 -33.06 17.28 0.76
C PHE A 910 -32.42 18.44 1.53
N TRP A 911 -33.15 19.50 1.83
CA TRP A 911 -32.65 20.58 2.68
C TRP A 911 -33.44 20.68 3.99
N ASP A 912 -33.80 19.54 4.55
CA ASP A 912 -34.33 19.44 5.91
C ASP A 912 -33.64 18.29 6.61
N GLU A 913 -33.21 18.53 7.85
CA GLU A 913 -32.34 17.58 8.54
C GLU A 913 -33.06 16.27 8.88
N SER A 914 -34.39 16.23 8.76
CA SER A 914 -35.11 15.00 9.08
C SER A 914 -34.70 13.86 8.15
N PHE A 915 -34.47 14.17 6.87
CA PHE A 915 -34.05 13.15 5.92
C PHE A 915 -32.70 12.56 6.32
N TYR A 916 -31.76 13.39 6.75
CA TYR A 916 -30.42 12.91 7.08
C TYR A 916 -30.41 12.18 8.42
N ALA A 917 -31.28 12.58 9.35
CA ALA A 917 -31.27 11.97 10.67
C ALA A 917 -31.71 10.52 10.63
N ASN A 918 -32.53 10.14 9.65
CA ASN A 918 -33.02 8.76 9.58
C ASN A 918 -31.90 7.76 9.35
N MET A 919 -30.75 8.20 8.89
CA MET A 919 -29.64 7.30 8.58
C MET A 919 -28.79 6.94 9.79
N TYR A 920 -28.96 7.64 10.91
CA TYR A 920 -28.27 7.33 12.15
C TYR A 920 -29.25 7.01 13.27
N GLU A 921 -30.31 6.26 12.96
CA GLU A 921 -31.33 5.88 13.91
C GLU A 921 -31.37 4.36 14.02
N LYS A 922 -31.38 3.86 15.24
CA LYS A 922 -31.21 2.43 15.48
C LYS A 922 -32.38 1.63 14.93
N SER A 923 -32.06 0.48 14.34
CA SER A 923 -33.05 -0.42 13.80
C SER A 923 -33.95 0.28 12.79
N LEU B 9 -59.59 -14.27 -31.70
CA LEU B 9 -59.18 -13.31 -32.76
C LEU B 9 -60.30 -12.36 -33.14
N PRO B 10 -61.48 -12.88 -33.52
CA PRO B 10 -62.58 -12.02 -33.93
C PRO B 10 -63.33 -11.35 -32.78
N SER B 11 -62.78 -11.36 -31.56
CA SER B 11 -63.51 -10.83 -30.41
C SER B 11 -63.90 -9.37 -30.60
N TYR B 12 -62.98 -8.55 -31.14
CA TYR B 12 -63.29 -7.12 -31.30
C TYR B 12 -64.48 -6.92 -32.22
N VAL B 13 -64.55 -7.68 -33.32
CA VAL B 13 -65.69 -7.61 -34.20
C VAL B 13 -66.96 -8.04 -33.48
N ILE B 14 -66.87 -9.13 -32.71
CA ILE B 14 -68.04 -9.61 -31.97
C ILE B 14 -68.52 -8.55 -31.00
N TYR B 15 -67.59 -7.92 -30.28
CA TYR B 15 -67.98 -6.85 -29.36
C TYR B 15 -68.64 -5.70 -30.10
N GLU B 16 -68.09 -5.31 -31.25
CA GLU B 16 -68.69 -4.22 -32.02
C GLU B 16 -70.10 -4.59 -32.48
N ASN B 17 -70.28 -5.82 -32.96
CA ASN B 17 -71.61 -6.26 -33.37
C ASN B 17 -72.58 -6.24 -32.19
N ALA B 18 -72.13 -6.72 -31.02
CA ALA B 18 -72.99 -6.68 -29.84
C ALA B 18 -73.31 -5.24 -29.46
N ARG B 19 -72.33 -4.33 -29.55
CA ARG B 19 -72.58 -2.93 -29.24
C ARG B 19 -73.62 -2.34 -30.18
N GLN B 20 -73.53 -2.65 -31.47
CA GLN B 20 -74.50 -2.14 -32.43
C GLN B 20 -75.91 -2.62 -32.09
N GLN B 21 -76.04 -3.90 -31.76
CA GLN B 21 -77.34 -4.44 -31.39
C GLN B 21 -77.84 -3.83 -30.09
N TYR B 22 -76.93 -3.60 -29.13
CA TYR B 22 -77.32 -3.03 -27.86
C TYR B 22 -77.93 -1.64 -28.05
N GLU B 23 -77.26 -0.79 -28.83
CA GLU B 23 -77.79 0.55 -29.07
C GLU B 23 -79.00 0.52 -29.99
N ASP B 24 -79.03 -0.46 -30.90
CA ASP B 24 -80.12 -0.64 -31.89
C ASP B 24 -81.39 -1.12 -31.19
N ALA B 25 -81.31 -1.48 -29.91
CA ALA B 25 -82.48 -1.81 -29.11
C ALA B 25 -82.80 -0.69 -28.12
N VAL B 26 -81.78 -0.11 -27.49
CA VAL B 26 -82.00 0.89 -26.45
C VAL B 26 -82.53 2.18 -27.05
N ASN B 27 -81.92 2.63 -28.15
CA ASN B 27 -82.19 3.97 -28.67
C ASN B 27 -83.65 4.18 -29.08
N ASN B 28 -84.36 3.08 -29.37
CA ASN B 28 -85.74 3.14 -29.88
C ASN B 28 -86.73 2.68 -28.80
N GLY B 29 -86.24 2.18 -27.66
CA GLY B 29 -87.13 1.66 -26.63
C GLY B 29 -87.54 0.21 -26.81
N SER B 30 -86.58 -0.68 -27.07
CA SER B 30 -86.91 -2.09 -27.15
C SER B 30 -87.30 -2.62 -25.77
N PRO B 31 -88.09 -3.67 -25.70
CA PRO B 31 -88.51 -4.20 -24.40
C PRO B 31 -87.30 -4.60 -23.56
N PRO B 32 -87.34 -4.38 -22.24
CA PRO B 32 -86.17 -4.70 -21.42
C PRO B 32 -85.80 -6.16 -21.45
N GLN B 33 -86.76 -7.06 -21.71
CA GLN B 33 -86.45 -8.49 -21.72
C GLN B 33 -85.38 -8.83 -22.74
N LEU B 34 -85.30 -8.06 -23.82
CA LEU B 34 -84.26 -8.25 -24.83
C LEU B 34 -83.02 -7.42 -24.51
N VAL B 35 -83.21 -6.21 -23.98
CA VAL B 35 -82.07 -5.36 -23.66
C VAL B 35 -81.21 -6.00 -22.59
N LYS B 36 -81.84 -6.65 -21.61
CA LYS B 36 -81.08 -7.31 -20.55
C LYS B 36 -80.18 -8.40 -21.13
N GLN B 37 -80.71 -9.18 -22.06
CA GLN B 37 -79.89 -10.22 -22.69
C GLN B 37 -78.72 -9.60 -23.45
N LEU B 38 -78.96 -8.51 -24.17
CA LEU B 38 -77.88 -7.85 -24.90
C LEU B 38 -76.84 -7.30 -23.93
N ARG B 39 -77.28 -6.72 -22.81
CA ARG B 39 -76.33 -6.19 -21.84
C ARG B 39 -75.45 -7.29 -21.27
N HIS B 40 -76.04 -8.47 -21.01
CA HIS B 40 -75.23 -9.61 -20.61
C HIS B 40 -74.26 -10.01 -21.70
N ALA B 41 -74.70 -9.97 -22.95
CA ALA B 41 -73.80 -10.28 -24.06
C ALA B 41 -72.65 -9.31 -24.14
N MET B 42 -72.91 -8.02 -23.91
CA MET B 42 -71.85 -7.02 -23.94
C MET B 42 -70.79 -7.33 -22.89
N ASN B 43 -71.23 -7.70 -21.68
CA ASN B 43 -70.27 -8.08 -20.64
C ASN B 43 -69.47 -9.29 -21.07
N VAL B 44 -70.12 -10.28 -21.68
CA VAL B 44 -69.40 -11.45 -22.18
C VAL B 44 -68.47 -11.05 -23.31
N ALA B 45 -68.97 -10.29 -24.27
CA ALA B 45 -68.15 -9.90 -25.41
C ALA B 45 -67.01 -9.00 -24.98
N LYS B 46 -67.31 -7.95 -24.20
CA LYS B 46 -66.26 -7.03 -23.77
C LYS B 46 -65.22 -7.75 -22.92
N SER B 47 -65.68 -8.56 -21.95
CA SER B 47 -64.74 -9.28 -21.10
C SER B 47 -63.91 -10.28 -21.90
N GLU B 48 -64.56 -11.00 -22.82
CA GLU B 48 -63.81 -11.89 -23.71
C GLU B 48 -62.81 -11.10 -24.55
N PHE B 49 -63.23 -9.93 -25.06
CA PHE B 49 -62.32 -9.09 -25.83
C PHE B 49 -61.13 -8.66 -24.97
N ASP B 50 -61.38 -8.27 -23.73
CA ASP B 50 -60.30 -7.82 -22.86
C ASP B 50 -59.32 -8.94 -22.57
N ARG B 51 -59.82 -10.14 -22.25
CA ARG B 51 -58.91 -11.24 -21.94
C ARG B 51 -58.04 -11.59 -23.15
N GLU B 52 -58.64 -11.66 -24.34
CA GLU B 52 -57.85 -11.93 -25.53
C GLU B 52 -56.86 -10.81 -25.80
N ALA B 53 -57.28 -9.55 -25.59
CA ALA B 53 -56.38 -8.43 -25.80
C ALA B 53 -55.18 -8.49 -24.86
N SER B 54 -55.32 -9.14 -23.71
CA SER B 54 -54.20 -9.25 -22.78
C SER B 54 -53.03 -10.01 -23.39
N THR B 55 -53.30 -10.84 -24.40
CA THR B 55 -52.22 -11.58 -25.06
C THR B 55 -51.40 -10.69 -25.97
N GLN B 56 -51.99 -9.61 -26.49
CA GLN B 56 -51.28 -8.75 -27.44
C GLN B 56 -50.04 -8.14 -26.80
N ARG B 57 -50.17 -7.62 -25.59
CA ARG B 57 -49.03 -7.02 -24.91
C ARG B 57 -47.95 -8.06 -24.61
N LYS B 58 -48.37 -9.26 -24.20
CA LYS B 58 -47.40 -10.33 -23.94
C LYS B 58 -46.61 -10.66 -25.20
N LEU B 59 -47.30 -10.80 -26.33
CA LEU B 59 -46.60 -11.07 -27.58
C LEU B 59 -45.70 -9.92 -27.97
N ASP B 60 -46.18 -8.68 -27.82
CA ASP B 60 -45.38 -7.52 -28.20
C ASP B 60 -44.12 -7.42 -27.37
N ARG B 61 -44.24 -7.63 -26.05
CA ARG B 61 -43.08 -7.50 -25.18
C ARG B 61 -42.11 -8.66 -25.35
N MET B 62 -42.60 -9.84 -25.73
CA MET B 62 -41.70 -10.93 -26.08
C MET B 62 -40.97 -10.63 -27.38
N ALA B 63 -41.63 -9.96 -28.32
CA ALA B 63 -40.98 -9.61 -29.58
C ALA B 63 -39.81 -8.67 -29.36
N GLU B 64 -40.00 -7.64 -28.52
CA GLU B 64 -38.90 -6.73 -28.22
C GLU B 64 -37.81 -7.43 -27.42
N GLN B 65 -38.19 -8.37 -26.55
CA GLN B 65 -37.19 -9.15 -25.84
C GLN B 65 -36.34 -9.97 -26.82
N ALA B 66 -36.99 -10.59 -27.81
CA ALA B 66 -36.23 -11.33 -28.82
C ALA B 66 -35.32 -10.40 -29.62
N ALA B 67 -35.82 -9.23 -29.99
CA ALA B 67 -35.01 -8.29 -30.77
C ALA B 67 -33.77 -7.86 -30.00
N ALA B 68 -33.95 -7.54 -28.71
CA ALA B 68 -32.81 -7.12 -27.89
C ALA B 68 -31.78 -8.24 -27.77
N GLN B 69 -32.23 -9.47 -27.53
CA GLN B 69 -31.31 -10.58 -27.39
C GLN B 69 -30.55 -10.86 -28.69
N MET B 70 -31.26 -10.84 -29.82
CA MET B 70 -30.60 -11.11 -31.10
C MET B 70 -29.53 -10.06 -31.40
N TYR B 71 -29.84 -8.79 -31.20
CA TYR B 71 -28.85 -7.75 -31.43
C TYR B 71 -27.68 -7.90 -30.48
N LYS B 72 -27.96 -8.19 -29.20
CA LYS B 72 -26.89 -8.38 -28.23
C LYS B 72 -25.99 -9.55 -28.61
N GLU B 73 -26.60 -10.66 -29.05
CA GLU B 73 -25.80 -11.81 -29.47
C GLU B 73 -24.98 -11.47 -30.70
N ALA B 74 -25.58 -10.77 -31.67
CA ALA B 74 -24.85 -10.42 -32.89
C ALA B 74 -23.68 -9.49 -32.59
N ARG B 75 -23.89 -8.50 -31.71
CA ARG B 75 -22.81 -7.58 -31.38
C ARG B 75 -21.66 -8.30 -30.69
N ALA B 76 -21.97 -9.28 -29.83
CA ALA B 76 -20.91 -9.99 -29.13
C ALA B 76 -20.01 -10.74 -30.08
N VAL B 77 -20.56 -11.28 -31.18
CA VAL B 77 -19.74 -12.01 -32.15
C VAL B 77 -18.75 -11.07 -32.82
N ASN B 78 -19.19 -9.88 -33.21
CA ASN B 78 -18.29 -8.94 -33.87
C ASN B 78 -17.16 -8.53 -32.93
N ARG B 79 -17.47 -8.27 -31.67
CA ARG B 79 -16.44 -7.86 -30.72
C ARG B 79 -15.42 -8.99 -30.51
N LYS B 80 -15.89 -10.23 -30.37
CA LYS B 80 -14.98 -11.34 -30.15
C LYS B 80 -14.07 -11.56 -31.36
N SER B 81 -14.62 -11.51 -32.56
CA SER B 81 -13.81 -11.71 -33.76
C SER B 81 -12.82 -10.58 -33.97
N LYS B 82 -13.13 -9.39 -33.45
CA LYS B 82 -12.24 -8.25 -33.61
C LYS B 82 -11.01 -8.38 -32.73
N VAL B 83 -11.18 -8.78 -31.47
CA VAL B 83 -10.06 -8.79 -30.54
C VAL B 83 -9.08 -9.91 -30.89
N VAL B 84 -9.60 -11.11 -31.19
CA VAL B 84 -8.69 -12.22 -31.47
C VAL B 84 -7.85 -11.93 -32.70
N SER B 85 -8.45 -11.38 -33.76
CA SER B 85 -7.67 -11.02 -34.94
C SER B 85 -6.69 -9.90 -34.62
N ALA B 86 -6.97 -9.10 -33.58
CA ALA B 86 -6.03 -8.07 -33.15
C ALA B 86 -4.87 -8.68 -32.38
N MET B 87 -5.13 -9.77 -31.65
CA MET B 87 -4.06 -10.40 -30.87
C MET B 87 -3.11 -11.19 -31.75
N HIS B 88 -3.59 -11.72 -32.88
CA HIS B 88 -2.70 -12.38 -33.83
C HIS B 88 -1.67 -11.39 -34.35
N SER B 89 -2.09 -10.17 -34.68
CA SER B 89 -1.14 -9.17 -35.15
C SER B 89 -0.12 -8.84 -34.07
N LEU B 90 -0.56 -8.68 -32.83
CA LEU B 90 0.37 -8.40 -31.74
C LEU B 90 1.32 -9.56 -31.50
N LEU B 91 0.78 -10.78 -31.44
CA LEU B 91 1.63 -11.94 -31.15
C LEU B 91 2.64 -12.17 -32.27
N PHE B 92 2.19 -12.06 -33.54
CA PHE B 92 3.11 -12.27 -34.65
C PHE B 92 3.96 -11.04 -34.92
N GLY B 93 3.57 -9.89 -34.39
CA GLY B 93 4.45 -8.74 -34.43
C GLY B 93 5.68 -8.93 -33.56
N MET B 94 5.50 -9.59 -32.42
CA MET B 94 6.63 -9.85 -31.52
C MET B 94 7.52 -10.97 -32.05
N LEU B 95 6.93 -11.95 -32.74
CA LEU B 95 7.72 -13.04 -33.29
C LEU B 95 8.72 -12.55 -34.31
N ARG B 96 8.45 -11.41 -34.95
CA ARG B 96 9.36 -10.90 -35.96
C ARG B 96 10.60 -10.24 -35.35
N ARG B 97 10.53 -9.91 -34.05
CA ARG B 97 11.62 -9.16 -33.43
C ARG B 97 12.66 -10.07 -32.79
N LEU B 98 12.29 -11.30 -32.46
CA LEU B 98 13.20 -12.19 -31.75
C LEU B 98 14.49 -12.39 -32.52
N ASP B 99 15.63 -12.26 -31.83
CA ASP B 99 16.93 -12.59 -32.39
C ASP B 99 17.30 -14.03 -32.01
N MET B 100 16.52 -14.96 -32.54
CA MET B 100 16.60 -16.35 -32.11
C MET B 100 17.98 -16.95 -32.37
N SER B 101 18.75 -16.40 -33.30
CA SER B 101 20.12 -16.88 -33.50
C SER B 101 20.95 -16.65 -32.25
N SER B 102 20.82 -15.48 -31.63
CA SER B 102 21.58 -15.20 -30.42
C SER B 102 21.00 -15.93 -29.21
N VAL B 103 19.68 -15.95 -29.08
CA VAL B 103 19.06 -16.58 -27.91
C VAL B 103 19.35 -18.07 -27.90
N ASP B 104 19.25 -18.73 -29.07
CA ASP B 104 19.49 -20.16 -29.12
C ASP B 104 20.91 -20.52 -28.72
N THR B 105 21.87 -19.62 -28.95
CA THR B 105 23.25 -19.91 -28.62
C THR B 105 23.44 -20.11 -27.12
N ILE B 106 22.83 -19.24 -26.31
CA ILE B 106 22.99 -19.37 -24.86
C ILE B 106 22.21 -20.56 -24.33
N LEU B 107 21.07 -20.89 -24.95
CA LEU B 107 20.31 -22.05 -24.51
C LEU B 107 21.10 -23.35 -24.66
N ASN B 108 22.12 -23.36 -25.53
CA ASN B 108 23.00 -24.51 -25.61
C ASN B 108 23.96 -24.57 -24.45
N LEU B 109 24.43 -23.40 -23.98
CA LEU B 109 25.33 -23.37 -22.83
C LEU B 109 24.63 -23.76 -21.55
N ALA B 110 23.36 -23.41 -21.39
CA ALA B 110 22.61 -23.82 -20.20
C ALA B 110 22.60 -25.34 -20.09
N LYS B 111 22.83 -25.83 -18.87
CA LYS B 111 23.02 -27.26 -18.67
C LYS B 111 21.78 -28.04 -19.10
N ASP B 112 20.61 -27.61 -18.64
CA ASP B 112 19.36 -28.32 -18.92
C ASP B 112 18.52 -27.64 -19.99
N GLY B 113 19.10 -26.69 -20.73
CA GLY B 113 18.34 -25.99 -21.75
C GLY B 113 17.31 -25.03 -21.21
N VAL B 114 17.55 -24.48 -20.01
CA VAL B 114 16.64 -23.54 -19.38
C VAL B 114 17.45 -22.40 -18.78
N VAL B 115 16.96 -21.18 -18.94
CA VAL B 115 17.64 -20.00 -18.38
C VAL B 115 16.63 -19.08 -17.75
N PRO B 116 17.05 -18.31 -16.74
CA PRO B 116 16.13 -17.35 -16.13
C PRO B 116 15.69 -16.30 -17.12
N LEU B 117 14.46 -15.81 -16.95
CA LEU B 117 13.94 -14.80 -17.86
C LEU B 117 14.61 -13.45 -17.64
N SER B 118 15.01 -13.16 -16.40
CA SER B 118 15.64 -11.88 -16.07
C SER B 118 17.09 -11.80 -16.55
N VAL B 119 17.54 -12.75 -17.36
CA VAL B 119 18.92 -12.75 -17.84
C VAL B 119 19.03 -12.80 -19.35
N ILE B 120 17.97 -13.21 -20.07
CA ILE B 120 18.05 -13.27 -21.53
C ILE B 120 18.35 -11.92 -22.16
N PRO B 121 17.59 -10.86 -21.88
CA PRO B 121 17.88 -9.58 -22.56
C PRO B 121 19.27 -9.04 -22.25
N ALA B 122 19.78 -9.28 -21.04
CA ALA B 122 21.08 -8.71 -20.67
C ALA B 122 22.23 -9.48 -21.30
N VAL B 123 21.98 -10.71 -21.77
CA VAL B 123 23.05 -11.54 -22.31
C VAL B 123 22.96 -11.67 -23.83
N SER B 124 21.75 -11.62 -24.38
CA SER B 124 21.56 -11.87 -25.81
C SER B 124 21.11 -10.66 -26.61
N ALA B 125 20.59 -9.62 -25.96
CA ALA B 125 20.09 -8.47 -26.69
C ALA B 125 21.26 -7.69 -27.32
N THR B 126 20.92 -6.88 -28.33
CA THR B 126 21.93 -6.13 -29.08
C THR B 126 21.93 -4.64 -28.75
N LYS B 127 20.98 -4.15 -27.97
CA LYS B 127 20.92 -2.75 -27.60
C LYS B 127 20.69 -2.62 -26.10
N LEU B 128 21.30 -1.60 -25.50
CA LEU B 128 21.22 -1.38 -24.06
C LEU B 128 20.92 0.09 -23.81
N ASN B 129 20.02 0.34 -22.86
CA ASN B 129 19.66 1.69 -22.44
C ASN B 129 20.12 1.91 -21.00
N ILE B 130 20.91 2.95 -20.78
CA ILE B 130 21.46 3.25 -19.47
C ILE B 130 20.95 4.62 -19.05
N VAL B 131 20.37 4.70 -17.86
CA VAL B 131 19.89 5.95 -17.29
C VAL B 131 20.85 6.34 -16.17
N THR B 132 21.50 7.50 -16.32
CA THR B 132 22.49 7.98 -15.37
C THR B 132 21.94 9.17 -14.60
N SER B 133 22.29 9.24 -13.32
CA SER B 133 21.77 10.29 -12.45
C SER B 133 22.70 11.49 -12.36
N ASP B 134 23.98 11.26 -12.07
CA ASP B 134 24.93 12.35 -11.88
C ASP B 134 26.20 12.05 -12.66
N ILE B 135 26.93 13.12 -13.01
CA ILE B 135 28.18 12.95 -13.73
C ILE B 135 29.16 12.13 -12.91
N ASP B 136 29.04 12.16 -11.59
CA ASP B 136 29.87 11.29 -10.75
C ASP B 136 29.66 9.83 -11.11
N SER B 137 28.46 9.46 -11.56
CA SER B 137 28.18 8.11 -12.00
C SER B 137 28.40 7.92 -13.49
N TYR B 138 28.24 8.98 -14.28
CA TYR B 138 28.49 8.88 -15.72
C TYR B 138 29.93 8.48 -15.99
N ASN B 139 30.88 9.21 -15.42
CA ASN B 139 32.29 8.88 -15.62
C ASN B 139 32.68 7.55 -15.01
N ARG B 140 31.89 7.03 -14.07
CA ARG B 140 32.12 5.68 -13.55
C ARG B 140 31.72 4.62 -14.56
N ILE B 141 30.65 4.87 -15.31
CA ILE B 141 30.16 3.89 -16.28
C ILE B 141 30.99 3.96 -17.56
N GLN B 142 31.18 5.16 -18.10
CA GLN B 142 31.85 5.33 -19.38
C GLN B 142 33.36 5.29 -19.21
N ARG B 143 34.03 4.53 -20.07
CA ARG B 143 35.48 4.50 -20.14
C ARG B 143 35.90 4.63 -21.59
N GLU B 144 36.53 5.74 -21.94
CA GLU B 144 37.00 5.99 -23.30
C GLU B 144 35.81 5.90 -24.27
N GLY B 145 34.60 6.06 -23.77
CA GLY B 145 33.43 6.03 -24.61
C GLY B 145 32.84 4.66 -24.87
N CYS B 146 33.19 3.66 -24.06
CA CYS B 146 32.61 2.33 -24.17
C CYS B 146 32.18 1.87 -22.78
N VAL B 147 31.12 1.06 -22.75
CA VAL B 147 30.50 0.60 -21.52
C VAL B 147 30.56 -0.92 -21.47
N HIS B 148 30.95 -1.45 -20.32
CA HIS B 148 31.01 -2.90 -20.09
C HIS B 148 29.93 -3.28 -19.09
N TYR B 149 29.07 -4.22 -19.49
CA TYR B 149 27.94 -4.65 -18.68
C TYR B 149 27.71 -6.12 -18.93
N ALA B 150 27.58 -6.90 -17.86
CA ALA B 150 27.43 -8.35 -17.96
C ALA B 150 28.60 -8.97 -18.72
N GLY B 151 29.80 -8.46 -18.46
CA GLY B 151 31.00 -9.00 -19.04
C GLY B 151 31.05 -8.90 -20.55
N THR B 152 30.28 -7.98 -21.13
CA THR B 152 30.23 -7.77 -22.56
C THR B 152 30.52 -6.30 -22.88
N ILE B 153 31.10 -6.05 -24.04
CA ILE B 153 31.57 -4.71 -24.40
C ILE B 153 30.50 -4.01 -25.22
N TRP B 154 30.10 -2.82 -24.77
CA TRP B 154 29.15 -1.99 -25.47
C TRP B 154 29.76 -0.61 -25.69
N ASN B 155 29.42 0.02 -26.82
CA ASN B 155 29.86 1.37 -27.12
C ASN B 155 28.65 2.29 -27.25
N ILE B 156 28.86 3.54 -26.89
CA ILE B 156 27.77 4.53 -26.87
C ILE B 156 27.51 5.01 -28.28
N ILE B 157 26.24 4.97 -28.69
CA ILE B 157 25.84 5.44 -30.02
C ILE B 157 25.07 6.74 -29.93
N ASP B 158 24.17 6.86 -28.96
CA ASP B 158 23.28 8.01 -28.89
C ASP B 158 23.04 8.38 -27.43
N ILE B 159 22.70 9.65 -27.20
CA ILE B 159 22.39 10.16 -25.87
C ILE B 159 21.17 11.06 -25.97
N LYS B 160 20.29 10.97 -24.98
CA LYS B 160 19.10 11.81 -24.90
C LYS B 160 18.87 12.21 -23.45
N ASP B 161 18.60 13.50 -23.23
CA ASP B 161 18.37 14.00 -21.88
C ASP B 161 16.92 13.76 -21.46
N ASN B 162 16.57 14.23 -20.27
CA ASN B 162 15.25 13.98 -19.72
C ASN B 162 14.13 14.56 -20.57
N ASP B 163 14.32 15.77 -21.10
CA ASP B 163 13.27 16.41 -21.89
C ASP B 163 13.01 15.69 -23.21
N GLY B 164 13.88 14.77 -23.61
CA GLY B 164 13.73 14.06 -24.86
C GLY B 164 14.56 14.62 -25.99
N LYS B 165 15.40 15.62 -25.74
CA LYS B 165 16.21 16.23 -26.78
C LYS B 165 17.56 15.53 -26.87
N VAL B 166 18.20 15.66 -28.03
CA VAL B 166 19.45 14.97 -28.30
C VAL B 166 20.60 15.75 -27.66
N VAL B 167 21.56 15.01 -27.10
CA VAL B 167 22.74 15.59 -26.48
C VAL B 167 23.97 14.98 -27.13
N HIS B 168 24.93 15.82 -27.49
CA HIS B 168 26.17 15.35 -28.09
C HIS B 168 27.08 14.73 -27.04
N VAL B 169 27.97 13.84 -27.50
CA VAL B 169 28.96 13.24 -26.61
C VAL B 169 29.97 14.27 -26.12
N LYS B 170 30.35 15.23 -26.99
CA LYS B 170 31.32 16.24 -26.57
C LYS B 170 30.71 17.27 -25.62
N GLU B 171 29.40 17.22 -25.38
CA GLU B 171 28.72 18.23 -24.58
C GLU B 171 28.52 17.82 -23.13
N VAL B 172 29.06 16.68 -22.70
CA VAL B 172 28.80 16.18 -21.35
C VAL B 172 30.01 16.40 -20.46
N THR B 173 30.89 17.32 -20.83
CA THR B 173 32.04 17.63 -20.00
C THR B 173 31.58 18.27 -18.69
N ALA B 174 32.52 18.37 -17.74
CA ALA B 174 32.16 18.78 -16.39
C ALA B 174 31.49 20.15 -16.37
N GLN B 175 32.11 21.15 -16.99
CA GLN B 175 31.58 22.52 -16.88
C GLN B 175 30.20 22.61 -17.51
N ASN B 176 30.00 21.99 -18.68
CA ASN B 176 28.70 22.03 -19.32
C ASN B 176 27.73 21.03 -18.70
N ALA B 177 28.23 20.10 -17.88
CA ALA B 177 27.36 19.10 -17.27
C ALA B 177 26.32 19.76 -16.36
N GLU B 178 26.69 20.83 -15.67
CA GLU B 178 25.75 21.51 -14.79
C GLU B 178 24.57 22.07 -15.56
N SER B 179 24.80 22.51 -16.80
CA SER B 179 23.73 23.10 -17.59
C SER B 179 22.77 22.04 -18.13
N LEU B 180 23.24 20.81 -18.32
CA LEU B 180 22.41 19.78 -18.91
C LEU B 180 21.24 19.44 -17.99
N SER B 181 20.22 18.79 -18.57
CA SER B 181 19.01 18.43 -17.84
C SER B 181 19.08 16.94 -17.52
N TRP B 182 19.72 16.62 -16.39
CA TRP B 182 19.79 15.25 -15.93
C TRP B 182 18.42 14.81 -15.41
N PRO B 183 18.14 13.50 -15.39
CA PRO B 183 18.98 12.35 -15.76
C PRO B 183 19.29 12.28 -17.26
N LEU B 184 20.33 11.54 -17.62
CA LEU B 184 20.79 11.43 -18.99
C LEU B 184 20.69 9.96 -19.43
N VAL B 185 20.05 9.74 -20.57
CA VAL B 185 19.77 8.39 -21.07
C VAL B 185 20.72 8.11 -22.23
N LEU B 186 21.49 7.03 -22.11
CA LEU B 186 22.44 6.62 -23.12
C LEU B 186 21.90 5.44 -23.91
N GLY B 187 22.11 5.46 -25.22
CA GLY B 187 21.79 4.34 -26.08
C GLY B 187 23.07 3.70 -26.58
N CYS B 188 23.25 2.43 -26.25
CA CYS B 188 24.47 1.70 -26.57
C CYS B 188 24.16 0.57 -27.54
N GLU B 189 25.21 0.02 -28.14
CA GLU B 189 25.10 -1.11 -29.05
C GLU B 189 26.33 -1.99 -28.93
N ARG B 190 26.16 -3.27 -29.22
CA ARG B 190 27.24 -4.23 -29.07
C ARG B 190 28.15 -4.24 -30.30
N ILE B 191 29.37 -4.72 -30.09
CA ILE B 191 30.33 -4.95 -31.17
C ILE B 191 30.75 -6.41 -31.12
N VAL B 192 30.61 -7.10 -32.25
CA VAL B 192 30.94 -8.52 -32.34
C VAL B 192 31.94 -8.75 -33.46
N LYS C 2 -6.06 36.21 5.24
CA LYS C 2 -5.02 36.27 4.18
C LYS C 2 -4.57 34.89 3.74
N LEU C 3 -4.26 34.03 4.71
CA LEU C 3 -3.57 32.79 4.40
C LEU C 3 -4.37 31.90 3.46
N THR C 4 -5.68 31.77 3.70
CA THR C 4 -6.48 30.88 2.86
C THR C 4 -6.67 31.45 1.47
N ASP C 5 -6.57 32.77 1.30
CA ASP C 5 -6.58 33.35 -0.03
C ASP C 5 -5.31 33.02 -0.79
N ILE C 6 -4.17 32.96 -0.09
CA ILE C 6 -2.91 32.64 -0.74
C ILE C 6 -2.90 31.17 -1.16
N LYS C 7 -3.42 30.28 -0.32
CA LYS C 7 -3.44 28.87 -0.65
C LYS C 7 -4.35 28.54 -1.82
N CYS C 8 -5.29 29.43 -2.16
CA CYS C 8 -6.17 29.22 -3.29
C CYS C 8 -5.75 30.03 -4.51
N SER C 9 -5.02 31.14 -4.30
CA SER C 9 -4.53 31.93 -5.41
C SER C 9 -3.34 31.28 -6.11
N ASN C 10 -2.77 30.22 -5.53
CA ASN C 10 -1.68 29.49 -6.17
C ASN C 10 -2.13 28.20 -6.82
N VAL C 11 -3.31 27.69 -6.46
CA VAL C 11 -3.85 26.53 -7.16
C VAL C 11 -4.24 26.91 -8.59
N VAL C 12 -4.72 28.13 -8.78
CA VAL C 12 -5.05 28.60 -10.11
C VAL C 12 -3.80 28.97 -10.91
N LEU C 13 -2.68 29.24 -10.25
CA LEU C 13 -1.47 29.60 -10.97
C LEU C 13 -0.90 28.40 -11.72
N LEU C 14 -0.81 27.24 -11.05
CA LEU C 14 -0.40 26.03 -11.75
C LEU C 14 -1.39 25.67 -12.84
N GLY C 15 -2.67 26.01 -12.66
CA GLY C 15 -3.63 25.82 -13.73
C GLY C 15 -3.29 26.64 -14.95
N CYS C 16 -2.85 27.88 -14.76
CA CYS C 16 -2.40 28.70 -15.88
C CYS C 16 -1.09 28.19 -16.45
N LEU C 17 -0.13 27.89 -15.58
CA LEU C 17 1.17 27.39 -16.05
C LEU C 17 1.05 26.03 -16.73
N SER C 18 0.25 25.12 -16.16
CA SER C 18 0.07 23.82 -16.80
C SER C 18 -0.57 23.96 -18.17
N SER C 19 -1.55 24.85 -18.31
CA SER C 19 -2.16 25.08 -19.62
C SER C 19 -1.14 25.62 -20.60
N MET C 20 -0.24 26.50 -20.15
CA MET C 20 0.83 27.03 -20.98
C MET C 20 1.90 25.99 -21.30
N ASN C 21 1.75 24.75 -20.82
CA ASN C 21 2.62 23.65 -21.19
C ASN C 21 4.04 23.82 -20.66
N VAL C 22 4.15 24.17 -19.38
CA VAL C 22 5.44 24.16 -18.71
C VAL C 22 5.88 22.73 -18.40
N SER C 23 4.97 21.76 -18.49
CA SER C 23 5.29 20.38 -18.18
C SER C 23 6.26 19.75 -19.18
N ALA C 24 6.51 20.41 -20.31
CA ALA C 24 7.37 19.81 -21.33
C ALA C 24 8.77 19.56 -20.81
N ASN C 25 9.40 20.57 -20.21
CA ASN C 25 10.76 20.50 -19.71
C ASN C 25 10.71 20.34 -18.20
N SER C 26 11.38 19.29 -17.69
CA SER C 26 11.26 18.95 -16.28
C SER C 26 11.87 20.01 -15.37
N THR C 27 12.96 20.65 -15.80
CA THR C 27 13.65 21.58 -14.91
C THR C 27 12.73 22.71 -14.45
N GLU C 28 11.91 23.24 -15.36
CA GLU C 28 11.00 24.31 -14.97
C GLU C 28 9.74 23.77 -14.33
N TRP C 29 9.40 22.50 -14.54
CA TRP C 29 8.25 21.92 -13.86
C TRP C 29 8.60 21.43 -12.47
N ALA C 30 9.88 21.09 -12.23
CA ALA C 30 10.30 20.74 -10.88
C ALA C 30 10.45 21.98 -10.02
N TYR C 31 10.64 23.15 -10.65
CA TYR C 31 10.71 24.40 -9.90
C TYR C 31 9.33 24.83 -9.42
N CYS C 32 8.32 24.73 -10.28
CA CYS C 32 6.97 25.16 -9.89
C CYS C 32 6.34 24.20 -8.90
N VAL C 33 6.43 22.90 -9.15
CA VAL C 33 5.81 21.93 -8.26
C VAL C 33 6.44 22.00 -6.87
N ASP C 34 7.71 22.40 -6.79
CA ASP C 34 8.33 22.58 -5.48
C ASP C 34 7.65 23.70 -4.70
N LEU C 35 7.32 24.81 -5.38
CA LEU C 35 6.66 25.92 -4.70
C LEU C 35 5.20 25.60 -4.43
N HIS C 36 4.52 24.96 -5.38
CA HIS C 36 3.10 24.66 -5.20
C HIS C 36 2.86 23.76 -4.00
N ASN C 37 3.72 22.75 -3.82
CA ASN C 37 3.55 21.84 -2.69
C ASN C 37 3.87 22.54 -1.37
N LYS C 38 4.97 23.31 -1.34
CA LYS C 38 5.41 23.91 -0.09
C LYS C 38 4.49 25.07 0.33
N ILE C 39 3.96 25.81 -0.64
CA ILE C 39 3.08 26.93 -0.29
C ILE C 39 1.77 26.43 0.31
N ASN C 40 1.30 25.27 -0.13
CA ASN C 40 0.05 24.73 0.42
C ASN C 40 0.22 24.29 1.86
N LEU C 41 1.38 23.75 2.21
CA LEU C 41 1.63 23.26 3.56
C LEU C 41 2.08 24.34 4.52
N CYS C 42 2.39 25.54 4.02
CA CYS C 42 2.95 26.59 4.87
C CYS C 42 1.90 27.13 5.82
N ASN C 43 2.33 27.44 7.05
CA ASN C 43 1.45 27.99 8.07
C ASN C 43 1.72 29.46 8.36
N ASP C 44 2.93 29.96 8.09
CA ASP C 44 3.27 31.35 8.37
C ASP C 44 2.87 32.21 7.17
N PRO C 45 1.90 33.12 7.30
CA PRO C 45 1.47 33.89 6.12
C PRO C 45 2.59 34.72 5.50
N GLU C 46 3.56 35.17 6.29
CA GLU C 46 4.64 35.98 5.74
C GLU C 46 5.48 35.18 4.75
N LYS C 47 5.80 33.93 5.10
CA LYS C 47 6.62 33.11 4.21
C LYS C 47 5.82 32.65 2.99
N ALA C 48 4.54 32.31 3.19
CA ALA C 48 3.72 31.89 2.07
C ALA C 48 3.63 32.99 1.01
N GLN C 49 3.62 34.25 1.43
CA GLN C 49 3.59 35.36 0.48
C GLN C 49 4.84 35.36 -0.38
N GLU C 50 6.01 35.11 0.23
CA GLU C 50 7.26 35.18 -0.50
C GLU C 50 7.31 34.14 -1.62
N MET C 51 6.87 32.92 -1.34
CA MET C 51 6.86 31.88 -2.37
C MET C 51 5.90 32.25 -3.50
N LEU C 52 4.74 32.80 -3.17
CA LEU C 52 3.79 33.19 -4.20
C LEU C 52 4.41 34.19 -5.16
N LEU C 53 5.14 35.18 -4.63
CA LEU C 53 5.79 36.15 -5.50
C LEU C 53 6.88 35.51 -6.35
N ALA C 54 7.57 34.51 -5.82
CA ALA C 54 8.54 33.78 -6.63
C ALA C 54 7.86 33.00 -7.75
N LEU C 55 6.70 32.41 -7.44
CA LEU C 55 5.95 31.69 -8.48
C LEU C 55 5.32 32.67 -9.46
N LEU C 56 4.81 33.80 -8.97
CA LEU C 56 4.20 34.78 -9.86
C LEU C 56 5.22 35.41 -10.79
N ALA C 57 6.43 35.69 -10.28
CA ALA C 57 7.47 36.25 -11.14
C ALA C 57 7.84 35.30 -12.27
N PHE C 58 7.91 34.00 -11.98
CA PHE C 58 8.19 33.02 -13.03
C PHE C 58 7.07 33.03 -14.08
N PHE C 59 5.82 33.14 -13.63
CA PHE C 59 4.69 33.09 -14.56
C PHE C 59 4.74 34.23 -15.56
N LEU C 60 5.07 35.44 -15.10
CA LEU C 60 5.15 36.58 -16.00
C LEU C 60 6.23 36.39 -17.05
N SER C 61 7.32 35.70 -16.71
CA SER C 61 8.43 35.52 -17.65
C SER C 61 8.00 34.78 -18.91
N LYS C 62 6.92 34.01 -18.85
CA LYS C 62 6.42 33.27 -20.01
C LYS C 62 5.56 34.12 -20.93
N ASN C 63 5.60 35.45 -20.78
CA ASN C 63 4.88 36.37 -21.67
C ASN C 63 3.38 36.06 -21.66
N SER C 64 2.78 36.26 -20.48
CA SER C 64 1.35 36.04 -20.30
C SER C 64 0.69 37.18 -19.54
N ALA C 65 1.10 38.42 -19.82
CA ALA C 65 0.52 39.57 -19.13
C ALA C 65 -0.70 40.10 -19.89
N PHE C 66 -0.52 40.50 -21.14
CA PHE C 66 -1.60 40.95 -22.01
C PHE C 66 -2.26 42.18 -21.36
N GLY C 67 -3.58 42.22 -21.23
CA GLY C 67 -4.26 43.37 -20.67
C GLY C 67 -4.49 43.20 -19.18
N LEU C 68 -4.18 44.25 -18.42
CA LEU C 68 -4.26 44.22 -16.96
C LEU C 68 -5.29 45.24 -16.49
N ASP C 69 -6.19 44.80 -15.61
CA ASP C 69 -7.05 45.71 -14.87
C ASP C 69 -6.52 46.01 -13.48
N ASP C 70 -5.63 45.16 -12.95
CA ASP C 70 -5.02 45.37 -11.64
C ASP C 70 -3.82 46.29 -11.77
N LEU C 71 -4.13 47.57 -11.99
CA LEU C 71 -3.11 48.59 -12.18
C LEU C 71 -2.08 48.55 -11.04
N SER D 11 -62.38 16.10 -23.73
CA SER D 11 -62.87 14.75 -23.36
C SER D 11 -63.28 14.70 -21.89
N TYR D 12 -62.44 15.27 -21.04
CA TYR D 12 -62.71 15.23 -19.60
C TYR D 12 -63.94 16.07 -19.24
N VAL D 13 -64.24 17.09 -20.05
CA VAL D 13 -65.40 17.94 -19.76
C VAL D 13 -66.68 17.12 -19.78
N ILE D 14 -66.74 16.08 -20.63
CA ILE D 14 -67.95 15.27 -20.70
C ILE D 14 -68.22 14.60 -19.37
N TYR D 15 -67.18 14.05 -18.74
CA TYR D 15 -67.37 13.36 -17.46
C TYR D 15 -67.82 14.33 -16.38
N GLU D 16 -67.24 15.52 -16.34
CA GLU D 16 -67.60 16.48 -15.31
C GLU D 16 -69.06 16.90 -15.44
N ASN D 17 -69.53 17.13 -16.66
CA ASN D 17 -70.93 17.50 -16.86
C ASN D 17 -71.85 16.40 -16.37
N ALA D 18 -71.53 15.14 -16.67
CA ALA D 18 -72.31 14.03 -16.15
C ALA D 18 -72.20 13.95 -14.63
N ARG D 19 -70.99 14.19 -14.10
CA ARG D 19 -70.80 14.13 -12.65
C ARG D 19 -71.67 15.15 -11.94
N GLN D 20 -71.67 16.40 -12.43
CA GLN D 20 -72.44 17.45 -11.76
C GLN D 20 -73.92 17.14 -11.77
N GLN D 21 -74.44 16.68 -12.92
CA GLN D 21 -75.87 16.41 -13.04
C GLN D 21 -76.27 15.20 -12.19
N TYR D 22 -75.52 14.10 -12.32
CA TYR D 22 -75.93 12.86 -11.68
C TYR D 22 -75.74 12.90 -10.17
N GLU D 23 -74.66 13.54 -9.69
CA GLU D 23 -74.50 13.70 -8.25
C GLU D 23 -75.60 14.58 -7.67
N ASP D 24 -76.05 15.59 -8.42
CA ASP D 24 -77.17 16.41 -7.96
C ASP D 24 -78.50 15.67 -8.07
N ALA D 25 -78.56 14.62 -8.91
CA ALA D 25 -79.80 13.88 -9.07
C ALA D 25 -80.22 13.18 -7.79
N VAL D 26 -79.28 12.99 -6.86
CA VAL D 26 -79.57 12.34 -5.58
C VAL D 26 -80.58 13.16 -4.79
N ASN D 27 -80.65 14.46 -5.09
CA ASN D 27 -81.52 15.37 -4.36
C ASN D 27 -82.97 15.33 -4.83
N ASN D 28 -83.28 14.55 -5.87
CA ASN D 28 -84.64 14.44 -6.38
C ASN D 28 -85.10 12.99 -6.27
N GLY D 29 -86.39 12.78 -6.53
CA GLY D 29 -87.00 11.48 -6.35
C GLY D 29 -86.86 10.55 -7.53
N SER D 30 -85.66 10.45 -8.10
CA SER D 30 -85.45 9.51 -9.19
C SER D 30 -85.59 8.08 -8.65
N PRO D 31 -86.13 7.16 -9.44
CA PRO D 31 -86.29 5.77 -8.95
C PRO D 31 -84.95 5.18 -8.57
N PRO D 32 -84.89 4.39 -7.48
CA PRO D 32 -83.60 3.80 -7.09
C PRO D 32 -82.96 2.95 -8.17
N GLN D 33 -83.77 2.19 -8.93
CA GLN D 33 -83.20 1.33 -9.97
C GLN D 33 -82.53 2.16 -11.07
N LEU D 34 -83.05 3.35 -11.35
CA LEU D 34 -82.39 4.23 -12.31
C LEU D 34 -81.13 4.83 -11.71
N VAL D 35 -81.16 5.15 -10.41
CA VAL D 35 -79.99 5.73 -9.76
C VAL D 35 -78.84 4.73 -9.78
N LYS D 36 -79.13 3.44 -9.56
CA LYS D 36 -78.09 2.42 -9.61
C LYS D 36 -77.41 2.42 -10.97
N GLN D 37 -78.20 2.44 -12.05
CA GLN D 37 -77.62 2.53 -13.38
C GLN D 37 -76.91 3.86 -13.57
N LEU D 38 -77.49 4.95 -13.07
CA LEU D 38 -76.85 6.26 -13.20
C LEU D 38 -75.51 6.29 -12.49
N ARG D 39 -75.45 5.73 -11.28
CA ARG D 39 -74.18 5.67 -10.54
C ARG D 39 -73.18 4.77 -11.24
N HIS D 40 -73.65 3.67 -11.84
CA HIS D 40 -72.74 2.77 -12.55
C HIS D 40 -72.05 3.49 -13.70
N ALA D 41 -72.80 4.29 -14.47
CA ALA D 41 -72.20 5.05 -15.55
C ALA D 41 -71.19 6.06 -15.01
N MET D 42 -71.53 6.72 -13.90
CA MET D 42 -70.60 7.70 -13.31
C MET D 42 -69.32 7.02 -12.87
N ASN D 43 -69.41 5.83 -12.28
CA ASN D 43 -68.22 5.11 -11.86
C ASN D 43 -67.31 4.81 -13.05
N VAL D 44 -67.91 4.40 -14.17
CA VAL D 44 -67.12 4.12 -15.37
C VAL D 44 -66.42 5.39 -15.85
N ALA D 45 -67.14 6.51 -15.84
CA ALA D 45 -66.56 7.77 -16.29
C ALA D 45 -65.37 8.16 -15.43
N LYS D 46 -65.49 8.00 -14.11
CA LYS D 46 -64.38 8.32 -13.22
C LYS D 46 -63.17 7.44 -13.51
N SER D 47 -63.40 6.16 -13.79
CA SER D 47 -62.31 5.26 -14.11
C SER D 47 -61.58 5.72 -15.37
N GLU D 48 -62.33 6.14 -16.39
CA GLU D 48 -61.70 6.63 -17.61
C GLU D 48 -60.90 7.89 -17.33
N PHE D 49 -61.42 8.78 -16.48
CA PHE D 49 -60.69 10.01 -16.16
C PHE D 49 -59.34 9.69 -15.53
N ASP D 50 -59.30 8.71 -14.62
CA ASP D 50 -58.03 8.34 -14.01
C ASP D 50 -57.01 7.88 -15.04
N ARG D 51 -57.45 7.08 -16.02
CA ARG D 51 -56.54 6.66 -17.08
C ARG D 51 -56.04 7.87 -17.88
N GLU D 52 -56.91 8.83 -18.15
CA GLU D 52 -56.47 10.06 -18.80
C GLU D 52 -55.42 10.78 -17.97
N ALA D 53 -55.65 10.87 -16.66
CA ALA D 53 -54.70 11.55 -15.78
C ALA D 53 -53.35 10.85 -15.79
N SER D 54 -53.36 9.52 -15.70
CA SER D 54 -52.10 8.77 -15.68
C SER D 54 -51.35 8.91 -16.98
N THR D 55 -52.03 8.73 -18.11
CA THR D 55 -51.37 8.83 -19.40
C THR D 55 -50.86 10.24 -19.66
N GLN D 56 -51.67 11.26 -19.35
CA GLN D 56 -51.27 12.63 -19.61
C GLN D 56 -50.07 13.02 -18.75
N ARG D 57 -50.15 12.78 -17.44
CA ARG D 57 -49.09 13.20 -16.53
C ARG D 57 -47.80 12.41 -16.73
N LYS D 58 -47.89 11.15 -17.17
CA LYS D 58 -46.67 10.40 -17.45
C LYS D 58 -45.88 11.03 -18.58
N LEU D 59 -46.57 11.70 -19.52
CA LEU D 59 -45.86 12.48 -20.52
C LEU D 59 -45.37 13.80 -19.94
N ASP D 60 -46.13 14.38 -19.01
CA ASP D 60 -45.74 15.66 -18.43
C ASP D 60 -44.45 15.53 -17.63
N ARG D 61 -44.35 14.50 -16.79
CA ARG D 61 -43.14 14.31 -16.02
C ARG D 61 -41.95 13.98 -16.90
N MET D 62 -42.18 13.27 -18.01
CA MET D 62 -41.11 13.03 -18.97
C MET D 62 -40.62 14.33 -19.59
N ALA D 63 -41.55 15.26 -19.87
CA ALA D 63 -41.15 16.54 -20.44
C ALA D 63 -40.28 17.32 -19.47
N GLU D 64 -40.62 17.33 -18.19
CA GLU D 64 -39.82 18.04 -17.20
C GLU D 64 -38.41 17.48 -17.13
N GLN D 65 -38.29 16.14 -17.14
CA GLN D 65 -36.98 15.52 -17.03
C GLN D 65 -36.11 15.87 -18.24
N ALA D 66 -36.70 15.85 -19.43
CA ALA D 66 -35.93 16.15 -20.64
C ALA D 66 -35.41 17.58 -20.62
N ALA D 67 -36.25 18.53 -20.22
CA ALA D 67 -35.82 19.93 -20.19
C ALA D 67 -34.68 20.14 -19.20
N ALA D 68 -34.83 19.59 -17.98
CA ALA D 68 -33.77 19.73 -16.99
C ALA D 68 -32.49 19.06 -17.44
N GLN D 69 -32.59 17.88 -18.04
CA GLN D 69 -31.40 17.17 -18.49
C GLN D 69 -30.66 17.96 -19.56
N MET D 70 -31.39 18.55 -20.51
CA MET D 70 -30.74 19.26 -21.60
C MET D 70 -30.22 20.61 -21.14
N TYR D 71 -30.85 21.20 -20.13
CA TYR D 71 -30.33 22.44 -19.55
C TYR D 71 -28.95 22.21 -18.93
N LYS D 72 -28.80 21.12 -18.18
CA LYS D 72 -27.50 20.80 -17.59
C LYS D 72 -26.47 20.54 -18.69
N GLU D 73 -26.86 19.80 -19.72
CA GLU D 73 -25.93 19.49 -20.81
C GLU D 73 -25.50 20.76 -21.53
N ALA D 74 -26.45 21.67 -21.78
CA ALA D 74 -26.12 22.92 -22.46
C ALA D 74 -25.14 23.75 -21.63
N ARG D 75 -25.34 23.80 -20.32
CA ARG D 75 -24.44 24.55 -19.46
C ARG D 75 -23.04 23.94 -19.46
N ALA D 76 -22.96 22.61 -19.36
CA ALA D 76 -21.66 21.95 -19.24
C ALA D 76 -20.83 22.16 -20.50
N VAL D 77 -21.42 21.95 -21.67
CA VAL D 77 -20.67 22.08 -22.91
C VAL D 77 -20.26 23.53 -23.15
N ASN D 78 -20.99 24.48 -22.58
CA ASN D 78 -20.67 25.89 -22.76
C ASN D 78 -19.40 26.27 -22.00
N ARG D 79 -19.27 25.77 -20.77
CA ARG D 79 -18.12 26.15 -19.94
C ARG D 79 -16.81 25.65 -20.53
N LYS D 80 -16.79 24.41 -21.02
CA LYS D 80 -15.54 23.80 -21.46
C LYS D 80 -14.96 24.46 -22.70
N SER D 81 -15.73 25.31 -23.39
CA SER D 81 -15.28 25.87 -24.66
C SER D 81 -14.42 27.11 -24.48
N LYS D 82 -14.29 27.63 -23.26
CA LYS D 82 -13.55 28.88 -23.02
C LYS D 82 -12.70 28.81 -21.75
N VAL D 83 -12.17 27.64 -21.40
CA VAL D 83 -11.52 27.47 -20.10
C VAL D 83 -10.26 28.32 -19.99
N VAL D 84 -9.41 28.30 -21.02
CA VAL D 84 -8.09 28.89 -20.89
C VAL D 84 -8.19 30.40 -20.72
N SER D 85 -8.96 31.06 -21.58
CA SER D 85 -9.08 32.51 -21.48
C SER D 85 -9.75 32.92 -20.17
N ALA D 86 -10.78 32.18 -19.75
CA ALA D 86 -11.48 32.51 -18.51
C ALA D 86 -10.56 32.36 -17.31
N MET D 87 -9.72 31.32 -17.29
CA MET D 87 -8.88 31.07 -16.13
C MET D 87 -7.90 32.21 -15.87
N HIS D 88 -7.36 32.81 -16.93
CA HIS D 88 -6.47 33.94 -16.73
C HIS D 88 -7.17 35.09 -16.00
N SER D 89 -8.41 35.37 -16.39
CA SER D 89 -9.18 36.40 -15.70
C SER D 89 -9.46 36.00 -14.26
N LEU D 90 -9.68 34.70 -14.02
CA LEU D 90 -9.93 34.24 -12.66
C LEU D 90 -8.74 34.53 -11.75
N LEU D 91 -7.53 34.28 -12.24
CA LEU D 91 -6.33 34.53 -11.42
C LEU D 91 -6.18 36.01 -11.13
N PHE D 92 -6.21 36.85 -12.17
CA PHE D 92 -6.00 38.28 -11.96
C PHE D 92 -7.14 38.94 -11.21
N GLY D 93 -8.32 38.31 -11.18
CA GLY D 93 -9.37 38.79 -10.30
C GLY D 93 -9.11 38.39 -8.86
N MET D 94 -8.43 37.25 -8.65
CA MET D 94 -8.14 36.80 -7.30
C MET D 94 -7.00 37.61 -6.68
N LEU D 95 -5.98 37.94 -7.47
CA LEU D 95 -4.82 38.65 -6.93
C LEU D 95 -5.20 40.03 -6.40
N ARG D 96 -6.28 40.62 -6.92
CA ARG D 96 -6.80 41.86 -6.35
C ARG D 96 -7.26 41.67 -4.91
N ARG D 97 -7.98 40.58 -4.62
CA ARG D 97 -8.53 40.38 -3.28
C ARG D 97 -7.44 40.39 -2.20
N LEU D 98 -6.21 40.04 -2.54
CA LEU D 98 -5.12 40.10 -1.57
C LEU D 98 -4.81 41.55 -1.22
N ASP D 99 -4.57 41.81 0.06
CA ASP D 99 -4.26 43.15 0.51
C ASP D 99 -2.80 43.51 0.31
N MET D 100 -1.94 42.53 0.05
CA MET D 100 -0.50 42.78 0.00
C MET D 100 -0.17 43.79 -1.09
N SER D 101 0.82 44.63 -0.82
CA SER D 101 1.31 45.59 -1.80
C SER D 101 2.44 45.03 -2.66
N SER D 102 3.00 43.87 -2.31
CA SER D 102 4.06 43.29 -3.12
C SER D 102 3.56 42.93 -4.51
N VAL D 103 2.35 42.34 -4.59
CA VAL D 103 1.81 41.95 -5.88
C VAL D 103 1.57 43.18 -6.75
N ASP D 104 1.16 44.29 -6.14
CA ASP D 104 0.96 45.51 -6.91
C ASP D 104 2.27 46.01 -7.50
N THR D 105 3.36 45.92 -6.74
CA THR D 105 4.65 46.40 -7.23
C THR D 105 5.09 45.61 -8.46
N ILE D 106 4.98 44.29 -8.42
CA ILE D 106 5.41 43.47 -9.55
C ILE D 106 4.55 43.77 -10.77
N LEU D 107 3.22 43.74 -10.60
CA LEU D 107 2.33 43.96 -11.74
C LEU D 107 2.46 45.38 -12.27
N ASN D 108 2.66 46.35 -11.39
CA ASN D 108 2.89 47.72 -11.87
C ASN D 108 4.14 47.81 -12.72
N LEU D 109 5.22 47.12 -12.31
CA LEU D 109 6.42 47.09 -13.13
C LEU D 109 6.16 46.41 -14.46
N ALA D 110 5.47 45.27 -14.44
CA ALA D 110 5.17 44.56 -15.68
C ALA D 110 4.32 45.42 -16.61
N LYS D 111 3.34 46.13 -16.07
CA LYS D 111 2.56 47.06 -16.88
C LYS D 111 3.46 48.15 -17.47
N ASP D 112 4.57 48.46 -16.81
CA ASP D 112 5.53 49.42 -17.33
C ASP D 112 6.46 48.72 -18.32
N GLY D 113 7.53 49.40 -18.70
CA GLY D 113 8.44 48.87 -19.72
C GLY D 113 9.47 47.88 -19.23
N VAL D 114 9.46 47.54 -17.94
CA VAL D 114 10.44 46.61 -17.37
C VAL D 114 9.75 45.28 -17.15
N VAL D 115 10.28 44.22 -17.75
CA VAL D 115 9.71 42.89 -17.64
C VAL D 115 10.84 41.86 -17.58
N PRO D 116 10.56 40.69 -17.02
CA PRO D 116 11.61 39.67 -16.89
C PRO D 116 11.73 38.82 -18.14
N LEU D 117 12.97 38.42 -18.44
CA LEU D 117 13.26 37.41 -19.44
C LEU D 117 13.29 36.04 -18.76
N SER D 118 13.81 35.03 -19.44
CA SER D 118 13.78 33.67 -18.92
C SER D 118 14.42 33.61 -17.54
N VAL D 119 13.75 32.90 -16.63
CA VAL D 119 14.24 32.67 -15.27
C VAL D 119 14.74 31.24 -15.19
N ILE D 120 15.97 31.07 -14.73
CA ILE D 120 16.66 29.78 -14.79
C ILE D 120 16.80 29.20 -13.38
N PRO D 121 16.06 28.13 -13.04
CA PRO D 121 16.35 27.43 -11.79
C PRO D 121 17.72 26.77 -11.85
N ALA D 122 18.35 26.63 -10.68
CA ALA D 122 19.65 26.01 -10.60
C ALA D 122 19.87 25.49 -9.19
N VAL D 123 20.84 24.58 -9.05
CA VAL D 123 21.16 24.02 -7.74
C VAL D 123 21.82 25.06 -6.85
N SER D 124 22.70 25.88 -7.42
CA SER D 124 23.42 26.88 -6.63
C SER D 124 22.52 28.05 -6.28
N ALA D 125 22.02 28.76 -7.29
CA ALA D 125 21.16 29.91 -7.06
C ALA D 125 20.39 30.22 -8.34
N THR D 126 19.15 30.69 -8.16
CA THR D 126 18.33 31.08 -9.30
C THR D 126 18.94 32.27 -10.00
N LYS D 127 18.74 32.37 -11.31
CA LYS D 127 19.28 33.45 -12.12
C LYS D 127 18.16 34.23 -12.77
N LEU D 128 18.24 35.56 -12.71
CA LEU D 128 17.26 36.42 -13.34
C LEU D 128 17.85 37.14 -14.54
N ASN D 129 16.96 37.51 -15.46
CA ASN D 129 17.28 38.40 -16.58
C ASN D 129 16.16 39.41 -16.71
N ILE D 130 16.53 40.69 -16.74
CA ILE D 130 15.56 41.79 -16.72
C ILE D 130 15.88 42.75 -17.85
N VAL D 131 14.85 43.21 -18.54
CA VAL D 131 15.01 44.18 -19.62
C VAL D 131 14.73 45.57 -19.08
N THR D 132 15.70 46.47 -19.20
CA THR D 132 15.56 47.85 -18.77
C THR D 132 15.66 48.74 -20.00
N SER D 133 14.52 49.31 -20.41
CA SER D 133 14.46 50.08 -21.64
C SER D 133 15.06 51.47 -21.52
N ASP D 134 15.04 52.07 -20.33
CA ASP D 134 15.48 53.45 -20.15
C ASP D 134 16.12 53.57 -18.77
N ILE D 135 16.81 54.70 -18.57
CA ILE D 135 17.48 54.94 -17.30
C ILE D 135 16.48 54.93 -16.15
N ASP D 136 15.28 55.48 -16.37
CA ASP D 136 14.26 55.46 -15.33
C ASP D 136 13.92 54.04 -14.92
N SER D 137 13.79 53.15 -15.89
CA SER D 137 13.53 51.74 -15.59
C SER D 137 14.67 51.13 -14.79
N TYR D 138 15.92 51.46 -15.14
CA TYR D 138 17.06 50.93 -14.40
C TYR D 138 17.04 51.43 -12.95
N ASN D 139 16.71 52.70 -12.75
CA ASN D 139 16.69 53.25 -11.40
C ASN D 139 15.53 52.67 -10.58
N ARG D 140 14.50 52.15 -11.25
CA ARG D 140 13.34 51.63 -10.53
C ARG D 140 13.71 50.45 -9.64
N ILE D 141 14.54 49.55 -10.15
CA ILE D 141 14.76 48.26 -9.49
C ILE D 141 16.13 48.22 -8.85
N GLN D 142 17.06 49.04 -9.35
CA GLN D 142 18.43 49.04 -8.84
C GLN D 142 18.53 50.03 -7.68
N ARG D 143 18.91 49.53 -6.51
CA ARG D 143 19.06 50.35 -5.32
C ARG D 143 20.16 49.75 -4.44
N GLU D 144 21.10 50.60 -4.03
CA GLU D 144 22.28 50.17 -3.26
C GLU D 144 23.14 49.18 -4.02
N GLY D 145 23.15 49.26 -5.35
CA GLY D 145 23.93 48.33 -6.15
C GLY D 145 23.35 46.95 -6.29
N CYS D 146 22.08 46.76 -5.92
CA CYS D 146 21.41 45.47 -6.01
C CYS D 146 20.02 45.68 -6.62
N VAL D 147 19.44 44.59 -7.11
CA VAL D 147 18.14 44.61 -7.76
C VAL D 147 17.09 44.19 -6.75
N HIS D 148 16.00 44.96 -6.67
CA HIS D 148 14.89 44.71 -5.75
C HIS D 148 13.68 44.29 -6.58
N TYR D 149 13.54 42.99 -6.81
CA TYR D 149 12.46 42.44 -7.61
C TYR D 149 11.87 41.23 -6.89
N ALA D 150 10.56 41.07 -7.00
CA ALA D 150 9.84 39.96 -6.39
C ALA D 150 10.02 39.97 -4.87
N GLY D 151 10.12 41.17 -4.30
CA GLY D 151 10.25 41.29 -2.86
C GLY D 151 11.48 40.65 -2.27
N THR D 152 12.61 40.70 -2.97
CA THR D 152 13.85 40.11 -2.50
C THR D 152 15.02 40.86 -3.12
N ILE D 153 16.18 40.72 -2.50
CA ILE D 153 17.39 41.40 -2.98
C ILE D 153 18.10 40.50 -3.97
N TRP D 154 18.22 40.95 -5.21
CA TRP D 154 18.91 40.23 -6.27
C TRP D 154 20.25 40.89 -6.55
N ASN D 155 21.29 40.07 -6.66
CA ASN D 155 22.67 40.54 -6.80
C ASN D 155 23.06 40.54 -8.27
N ILE D 156 23.64 41.65 -8.73
CA ILE D 156 24.04 41.77 -10.13
C ILE D 156 25.43 41.16 -10.32
N ILE D 157 25.61 40.47 -11.45
CA ILE D 157 26.90 39.88 -11.79
C ILE D 157 27.49 40.66 -12.97
N ASP D 158 26.78 40.66 -14.10
CA ASP D 158 27.25 41.31 -15.31
C ASP D 158 26.08 42.02 -15.98
N ILE D 159 26.42 42.98 -16.85
CA ILE D 159 25.42 43.75 -17.58
C ILE D 159 25.75 43.69 -19.06
N LYS D 160 24.72 43.68 -19.90
CA LYS D 160 24.84 43.47 -21.33
C LYS D 160 24.27 44.67 -22.08
N ASP D 161 25.01 45.14 -23.07
CA ASP D 161 24.56 46.25 -23.92
C ASP D 161 23.71 45.72 -25.06
N ASN D 162 23.33 46.62 -25.97
CA ASN D 162 22.77 46.22 -27.24
C ASN D 162 23.93 45.77 -28.13
N ASP D 163 24.21 44.47 -28.13
CA ASP D 163 25.40 43.91 -28.77
C ASP D 163 26.65 44.55 -28.16
N GLY D 164 26.85 44.24 -26.89
CA GLY D 164 28.03 44.72 -26.19
C GLY D 164 27.92 44.50 -24.70
N LYS D 165 29.00 44.83 -24.00
CA LYS D 165 29.08 44.71 -22.54
C LYS D 165 29.79 45.93 -21.94
N VAL D 166 29.95 47.00 -22.72
CA VAL D 166 30.76 48.14 -22.28
C VAL D 166 30.25 48.73 -20.97
N VAL D 167 28.96 48.54 -20.67
CA VAL D 167 28.40 49.14 -19.46
C VAL D 167 28.91 48.45 -18.21
N HIS D 168 29.62 47.32 -18.38
CA HIS D 168 30.00 46.51 -17.22
C HIS D 168 30.77 47.31 -16.19
N VAL D 169 31.53 48.32 -16.61
CA VAL D 169 32.31 49.14 -15.68
C VAL D 169 31.39 49.89 -14.73
N LYS D 170 30.10 49.99 -15.05
CA LYS D 170 29.09 50.62 -14.19
C LYS D 170 29.30 52.12 -14.02
N GLU D 171 30.03 52.75 -14.94
CA GLU D 171 30.01 54.20 -15.05
C GLU D 171 28.81 54.56 -15.93
N VAL D 172 27.61 54.32 -15.42
CA VAL D 172 26.42 54.20 -16.27
C VAL D 172 25.36 55.25 -15.90
N THR D 173 25.43 55.78 -14.68
CA THR D 173 24.34 56.61 -14.17
C THR D 173 24.00 57.78 -15.08
N ALA D 174 24.98 58.49 -15.64
CA ALA D 174 24.71 59.63 -16.48
C ALA D 174 25.40 59.52 -17.84
N GLN D 175 26.62 58.97 -17.85
CA GLN D 175 27.39 58.92 -19.09
C GLN D 175 26.72 58.03 -20.13
N ASN D 176 26.25 56.86 -19.71
CA ASN D 176 25.73 55.90 -20.67
C ASN D 176 24.33 56.28 -21.15
N ALA D 177 23.54 56.91 -20.30
CA ALA D 177 22.17 57.25 -20.67
C ALA D 177 22.14 58.19 -21.87
N GLU D 178 23.01 59.20 -21.88
CA GLU D 178 23.03 60.16 -22.97
C GLU D 178 23.70 59.60 -24.22
N SER D 179 24.70 58.74 -24.04
CA SER D 179 25.57 58.38 -25.16
C SER D 179 25.09 57.12 -25.87
N LEU D 180 25.02 56.00 -25.15
CA LEU D 180 24.84 54.70 -25.77
C LEU D 180 23.37 54.39 -26.03
N SER D 181 23.15 53.30 -26.74
CA SER D 181 21.80 52.89 -27.11
C SER D 181 21.17 52.02 -26.02
N TRP D 182 19.89 51.73 -26.21
CA TRP D 182 19.10 50.93 -25.29
C TRP D 182 18.27 49.97 -26.12
N PRO D 183 17.73 48.90 -25.51
CA PRO D 183 17.63 48.57 -24.08
C PRO D 183 18.92 48.10 -23.41
N LEU D 184 18.86 48.00 -22.09
CA LEU D 184 19.97 47.53 -21.27
C LEU D 184 19.50 46.34 -20.43
N VAL D 185 20.26 45.25 -20.47
CA VAL D 185 19.87 43.98 -19.89
C VAL D 185 20.76 43.68 -18.70
N LEU D 186 20.15 43.17 -17.63
CA LEU D 186 20.88 42.81 -16.41
C LEU D 186 20.82 41.30 -16.19
N GLY D 187 21.81 40.78 -15.48
CA GLY D 187 21.83 39.40 -15.04
C GLY D 187 22.13 39.33 -13.55
N CYS D 188 21.29 38.60 -12.83
CA CYS D 188 21.36 38.58 -11.37
C CYS D 188 21.12 37.17 -10.85
N GLU D 189 21.47 36.97 -9.58
CA GLU D 189 21.22 35.73 -8.86
C GLU D 189 20.61 36.02 -7.50
N ARG D 190 19.78 35.10 -7.03
CA ARG D 190 19.09 35.29 -5.76
C ARG D 190 20.05 35.07 -4.59
N ILE D 191 20.07 36.02 -3.66
CA ILE D 191 21.00 35.94 -2.54
C ILE D 191 20.61 34.82 -1.58
N VAL D 192 19.32 34.64 -1.33
CA VAL D 192 18.82 33.65 -0.39
C VAL D 192 18.15 32.52 -1.16
N LYS D 193 18.54 31.29 -0.85
CA LYS D 193 17.97 30.12 -1.50
C LYS D 193 16.70 29.69 -0.77
N LEU D 194 15.61 29.52 -1.52
CA LEU D 194 14.35 29.09 -0.94
C LEU D 194 14.45 27.68 -0.39
ZN ZN G . 9.52 -29.73 4.10
ZN ZN H . -10.81 -25.95 -3.76
#